data_4LO7
#
_entry.id   4LO7
#
_cell.length_a   159.590
_cell.length_b   187.490
_cell.length_c   120.430
_cell.angle_alpha   90.00
_cell.angle_beta   90.00
_cell.angle_gamma   90.00
#
_symmetry.space_group_name_H-M   'P 21 21 2'
#
loop_
_entity.id
_entity.type
_entity.pdbx_description
1 polymer HA-70
2 polymer HA-33
3 polymer HA-17
#
loop_
_entity_poly.entity_id
_entity_poly.type
_entity_poly.pdbx_seq_one_letter_code
_entity_poly.pdbx_strand_id
1 'polypeptide(L)'
;GPLGSPSENIQEINTAISDNYTYNIPGIVNNNPFYILFTVNTTGIYKINAQNNLPSLKIYEAIGSGNRNFQSGNLCDDDI
KAINYITGFDSPNAKSYLVVLLNKDKNYYIRVPQTSSNIENQIQFKREEGDLRNLMNSSVNIIDNLNSTGAHYYTRQSPD
VHDYISYEFTIPGNFNNKDTSNIRLYTSYNQGIGTLFRVTETIDGYNLINIQQNLHLLNNTNSIRLLNGAIYILKVEVTE
LNNYNIRLHIDITN
;
A,E
2 'polypeptide(L)'
;EHYSVIQNSLNDKIVTISCKADTNLFFYQVAGNVSLFQQTRNYLERWRLIYDSNKAAYKIKSMDIHNTNLVLTWNAPTHN
ISTQQDSNADNQYWLLLKDIGNNSFIIASYKNPNLVLYADTVARNLKLSTLNNSNYIKFIIEDYIISDLNNFTCKISPIL
DLNKVVQQVDVTNLNVNLYTWDYGRNQKWTIRYNEEKAAYQFFNTILSNGVLTWIFSNGNTVRVSSSNDQNNDAQYWLIN
PVSDTDETYTITNLRDTTKALDLYGGQTANGTAIQVFNYHGDDNQKWNIRNPPGSA
;
B,D,F,H
3 'polypeptide(L)'
;GPSVERTFLPNGNYNIKSIFSGSLYLNPVSKSLTFSNESSANNQKWNVEYMAENRCFKISNVAEPNKYLSYDNFGFISLD
SLSNRCYWFPIKIAVNTYIMLSLNKVNELDYAWDIYDTNENILSQPLLLLPNFDIYNSNQMFKLEKI
;
C,G
#
# COMPACT_ATOMS: atom_id res chain seq x y z
N GLU A 8 -32.80 6.38 68.40
CA GLU A 8 -32.80 6.57 66.95
C GLU A 8 -33.80 7.64 66.53
N ASN A 9 -33.49 8.89 66.83
CA ASN A 9 -34.38 10.00 66.48
C ASN A 9 -34.34 10.34 65.00
N ILE A 10 -35.45 10.08 64.31
CA ILE A 10 -35.58 10.45 62.91
C ILE A 10 -35.80 11.95 62.76
N GLN A 11 -34.91 12.62 62.03
CA GLN A 11 -35.07 14.03 61.74
C GLN A 11 -35.50 14.21 60.30
N GLU A 12 -35.97 15.39 59.95
CA GLU A 12 -36.50 15.61 58.60
C GLU A 12 -36.15 16.98 58.00
N ILE A 13 -35.63 16.94 56.77
CA ILE A 13 -35.49 18.15 55.98
C ILE A 13 -36.82 18.38 55.26
N ASN A 14 -37.65 19.25 55.83
CA ASN A 14 -39.00 19.46 55.32
C ASN A 14 -39.04 20.03 53.91
N THR A 15 -38.07 20.90 53.61
CA THR A 15 -37.99 21.52 52.29
C THR A 15 -37.25 20.62 51.30
N ALA A 16 -37.85 20.41 50.13
CA ALA A 16 -37.20 19.66 49.07
C ALA A 16 -35.97 20.41 48.58
N ILE A 17 -34.82 19.74 48.64
CA ILE A 17 -33.56 20.39 48.30
C ILE A 17 -33.30 20.42 46.80
N SER A 18 -32.53 21.42 46.36
CA SER A 18 -32.22 21.59 44.94
C SER A 18 -30.79 22.05 44.76
N ASP A 19 -30.07 21.37 43.86
CA ASP A 19 -28.69 21.71 43.53
C ASP A 19 -27.71 21.64 44.70
N ASN A 20 -27.88 22.52 45.69
CA ASN A 20 -27.00 22.54 46.85
C ASN A 20 -27.77 22.55 48.17
N TYR A 21 -27.25 21.83 49.16
CA TYR A 21 -27.84 21.86 50.50
C TYR A 21 -26.89 21.39 51.59
N THR A 22 -26.93 22.06 52.74
CA THR A 22 -26.07 21.70 53.87
C THR A 22 -26.89 21.53 55.15
N TYR A 23 -26.81 20.33 55.73
CA TYR A 23 -27.56 20.02 56.95
C TYR A 23 -26.61 19.79 58.12
N ASN A 24 -26.77 20.59 59.18
CA ASN A 24 -25.90 20.47 60.35
C ASN A 24 -26.39 19.44 61.37
N ILE A 25 -25.53 18.48 61.68
CA ILE A 25 -25.81 17.53 62.75
C ILE A 25 -25.89 18.29 64.07
N PRO A 26 -26.98 18.09 64.83
CA PRO A 26 -27.19 18.81 66.09
C PRO A 26 -26.03 18.64 67.06
N GLY A 27 -25.50 17.42 67.14
CA GLY A 27 -24.42 17.13 68.08
C GLY A 27 -24.96 16.40 69.30
N ILE A 28 -26.24 16.64 69.60
CA ILE A 28 -26.90 16.00 70.72
C ILE A 28 -27.53 14.68 70.28
N VAL A 29 -27.27 14.29 69.03
CA VAL A 29 -27.77 13.03 68.49
C VAL A 29 -26.60 12.18 67.99
N ASN A 30 -25.39 12.62 68.32
CA ASN A 30 -24.17 11.94 67.86
C ASN A 30 -23.90 10.62 68.58
N ASN A 31 -24.45 10.48 69.79
CA ASN A 31 -24.24 9.27 70.58
C ASN A 31 -25.17 8.14 70.17
N ASN A 32 -25.88 8.33 69.07
CA ASN A 32 -26.78 7.31 68.54
C ASN A 32 -26.80 7.30 67.02
N PRO A 33 -26.96 6.12 66.41
CA PRO A 33 -27.23 6.02 64.98
C PRO A 33 -28.52 6.78 64.69
N PHE A 34 -28.51 7.68 63.70
CA PHE A 34 -29.67 8.53 63.47
C PHE A 34 -29.97 8.80 61.99
N TYR A 35 -31.22 9.13 61.70
CA TYR A 35 -31.70 9.18 60.32
C TYR A 35 -32.13 10.57 59.86
N ILE A 36 -31.95 10.80 58.56
CA ILE A 36 -32.37 12.05 57.93
C ILE A 36 -33.35 11.78 56.80
N LEU A 37 -34.56 12.30 56.93
CA LEU A 37 -35.58 12.14 55.90
C LEU A 37 -35.60 13.35 54.97
N PHE A 38 -35.48 13.10 53.66
CA PHE A 38 -35.44 14.20 52.70
C PHE A 38 -35.96 13.81 51.33
N THR A 39 -36.17 14.82 50.49
CA THR A 39 -36.58 14.66 49.11
C THR A 39 -35.91 15.72 48.25
N VAL A 40 -35.80 15.46 46.95
CA VAL A 40 -35.16 16.42 46.06
C VAL A 40 -36.20 17.18 45.22
N ASN A 41 -35.89 18.44 44.95
CA ASN A 41 -36.76 19.31 44.18
C ASN A 41 -36.92 18.83 42.74
N THR A 42 -35.85 18.27 42.20
CA THR A 42 -35.83 17.75 40.83
C THR A 42 -35.01 16.47 40.73
N THR A 43 -35.49 15.52 39.93
CA THR A 43 -34.80 14.25 39.74
C THR A 43 -33.40 14.46 39.18
N GLY A 44 -32.41 13.81 39.78
CA GLY A 44 -31.04 13.95 39.34
C GLY A 44 -30.02 13.23 40.20
N ILE A 45 -28.76 13.25 39.75
CA ILE A 45 -27.70 12.54 40.45
C ILE A 45 -27.01 13.44 41.47
N TYR A 46 -27.00 12.99 42.72
CA TYR A 46 -26.47 13.78 43.83
C TYR A 46 -25.26 13.14 44.49
N LYS A 47 -24.34 13.99 44.91
CA LYS A 47 -23.23 13.63 45.76
C LYS A 47 -23.58 14.02 47.19
N ILE A 48 -23.53 13.04 48.09
CA ILE A 48 -23.89 13.25 49.48
C ILE A 48 -22.74 12.81 50.38
N ASN A 49 -22.32 13.65 51.31
CA ASN A 49 -21.20 13.28 52.17
C ASN A 49 -21.12 14.04 53.49
N ALA A 50 -20.47 13.44 54.48
CA ALA A 50 -20.19 14.16 55.72
C ALA A 50 -19.02 15.11 55.50
N GLN A 51 -18.68 15.90 56.52
CA GLN A 51 -17.77 17.04 56.37
C GLN A 51 -16.44 16.73 55.67
N ASN A 52 -15.70 15.76 56.20
CA ASN A 52 -14.48 15.32 55.56
C ASN A 52 -14.64 13.92 54.98
N ASN A 53 -15.83 13.66 54.42
CA ASN A 53 -16.24 12.32 53.99
C ASN A 53 -16.26 11.35 55.17
N LEU A 54 -16.43 11.88 56.38
CA LEU A 54 -16.37 11.10 57.59
C LEU A 54 -17.46 11.58 58.54
N PRO A 55 -18.33 10.66 58.99
CA PRO A 55 -18.29 9.22 58.73
C PRO A 55 -18.89 8.84 57.39
N SER A 56 -18.84 7.56 57.05
CA SER A 56 -19.51 7.03 55.87
C SER A 56 -21.02 7.02 56.13
N LEU A 57 -21.81 7.20 55.09
CA LEU A 57 -23.26 7.30 55.23
C LEU A 57 -23.96 6.16 54.49
N LYS A 58 -25.17 5.81 54.94
CA LYS A 58 -26.00 4.89 54.19
C LYS A 58 -27.22 5.61 53.62
N ILE A 59 -27.68 5.19 52.45
CA ILE A 59 -28.90 5.79 51.91
C ILE A 59 -29.96 4.75 51.57
N TYR A 60 -31.20 5.09 51.86
CA TYR A 60 -32.33 4.18 51.68
C TYR A 60 -33.44 4.87 50.88
N GLU A 61 -34.15 4.08 50.10
CA GLU A 61 -35.29 4.55 49.33
C GLU A 61 -36.59 4.31 50.08
N ALA A 62 -37.45 5.31 50.13
CA ALA A 62 -38.72 5.21 50.84
C ALA A 62 -39.92 5.44 49.93
N ALA A 82 -42.73 0.69 51.42
CA ALA A 82 -41.48 -0.05 51.33
C ALA A 82 -40.26 0.80 51.61
N ILE A 83 -39.24 0.19 52.21
CA ILE A 83 -37.95 0.83 52.38
C ILE A 83 -36.88 -0.06 51.75
N ASN A 84 -36.08 0.52 50.87
CA ASN A 84 -35.03 -0.25 50.20
C ASN A 84 -33.65 0.38 50.32
N TYR A 85 -32.70 -0.42 50.81
CA TYR A 85 -31.30 -0.03 50.84
C TYR A 85 -30.81 0.23 49.41
N ILE A 86 -30.17 1.36 49.20
CA ILE A 86 -29.62 1.67 47.89
C ILE A 86 -28.11 1.45 47.89
N THR A 87 -27.39 2.25 48.65
CA THR A 87 -25.93 2.14 48.72
C THR A 87 -25.38 2.76 49.99
N GLY A 88 -24.12 2.47 50.27
CA GLY A 88 -23.46 2.94 51.48
C GLY A 88 -23.15 1.78 52.41
N PHE A 89 -22.19 1.99 53.31
CA PHE A 89 -21.80 0.97 54.27
C PHE A 89 -21.54 1.58 55.64
N ASP A 90 -21.12 0.75 56.59
CA ASP A 90 -20.87 1.23 57.94
C ASP A 90 -19.56 0.70 58.52
N SER A 91 -18.44 1.24 58.04
CA SER A 91 -17.14 0.94 58.60
C SER A 91 -16.63 2.16 59.38
N PRO A 92 -16.29 1.96 60.65
CA PRO A 92 -15.78 3.06 61.48
C PRO A 92 -14.48 3.64 60.90
N ASN A 93 -14.35 4.96 60.95
CA ASN A 93 -13.17 5.68 60.45
C ASN A 93 -12.90 5.48 58.97
N ALA A 94 -13.92 5.06 58.21
CA ALA A 94 -13.78 4.87 56.78
C ALA A 94 -14.33 6.06 56.03
N LYS A 95 -13.49 6.72 55.25
CA LYS A 95 -13.92 7.88 54.46
C LYS A 95 -14.62 7.46 53.18
N SER A 96 -15.73 8.13 52.86
CA SER A 96 -16.49 7.82 51.65
C SER A 96 -17.49 8.91 51.32
N TYR A 97 -17.92 8.95 50.06
CA TYR A 97 -19.06 9.79 49.68
C TYR A 97 -20.02 9.03 48.76
N LEU A 98 -21.29 9.38 48.78
CA LEU A 98 -22.28 8.69 47.97
C LEU A 98 -22.61 9.44 46.68
N VAL A 99 -22.71 8.70 45.58
CA VAL A 99 -23.20 9.25 44.32
C VAL A 99 -24.44 8.47 43.90
N VAL A 100 -25.59 9.11 43.98
CA VAL A 100 -26.86 8.41 43.82
C VAL A 100 -27.89 9.13 42.96
N LEU A 101 -28.56 8.37 42.10
CA LEU A 101 -29.69 8.90 41.34
C LEU A 101 -30.89 9.04 42.27
N LEU A 102 -31.40 10.25 42.41
CA LEU A 102 -32.54 10.51 43.27
C LEU A 102 -33.75 10.99 42.47
N ASN A 103 -34.89 10.37 42.73
CA ASN A 103 -36.14 10.72 42.07
C ASN A 103 -36.94 11.68 42.93
N LYS A 104 -37.51 12.72 42.32
CA LYS A 104 -38.26 13.73 43.06
C LYS A 104 -39.59 13.20 43.58
N ASP A 105 -40.02 12.04 43.07
CA ASP A 105 -41.30 11.46 43.45
C ASP A 105 -41.24 10.66 44.76
N LYS A 106 -40.04 10.19 45.09
CA LYS A 106 -39.87 9.26 46.20
C LYS A 106 -39.23 9.93 47.42
N ASN A 107 -39.18 9.22 48.54
CA ASN A 107 -38.53 9.76 49.73
C ASN A 107 -37.19 9.09 49.96
N TYR A 108 -36.32 9.73 50.74
CA TYR A 108 -35.00 9.16 50.99
C TYR A 108 -34.53 9.32 52.42
N TYR A 109 -33.95 8.24 52.94
CA TYR A 109 -33.40 8.24 54.29
C TYR A 109 -31.89 8.20 54.24
N ILE A 110 -31.24 8.95 55.12
CA ILE A 110 -29.80 8.83 55.28
C ILE A 110 -29.49 8.35 56.69
N ARG A 111 -28.92 7.16 56.79
CA ARG A 111 -28.43 6.68 58.08
C ARG A 111 -27.02 7.18 58.35
N VAL A 112 -26.93 8.03 59.35
CA VAL A 112 -25.67 8.52 59.87
C VAL A 112 -25.33 7.67 61.07
N PRO A 113 -24.12 7.07 61.08
CA PRO A 113 -23.70 6.20 62.18
C PRO A 113 -23.25 6.98 63.41
N GLN A 114 -22.63 6.29 64.36
CA GLN A 114 -22.20 6.93 65.60
C GLN A 114 -20.97 7.79 65.41
N THR A 115 -21.12 9.09 65.67
CA THR A 115 -19.97 9.97 65.79
C THR A 115 -19.49 9.89 67.23
N SER A 116 -18.68 8.88 67.51
CA SER A 116 -18.13 8.68 68.85
C SER A 116 -17.05 9.73 69.17
N SER A 117 -17.21 10.90 68.56
CA SER A 117 -16.37 12.06 68.79
C SER A 117 -17.28 13.27 68.62
N ASN A 118 -17.43 14.06 69.67
CA ASN A 118 -18.40 15.14 69.67
C ASN A 118 -17.92 16.42 68.97
N ILE A 119 -17.53 16.27 67.71
CA ILE A 119 -17.35 17.42 66.84
C ILE A 119 -18.58 17.47 65.94
N GLU A 120 -19.09 18.68 65.68
CA GLU A 120 -20.29 18.81 64.87
C GLU A 120 -20.04 18.52 63.40
N ASN A 121 -20.83 17.60 62.85
CA ASN A 121 -20.68 17.20 61.46
C ASN A 121 -21.71 17.87 60.56
N GLN A 122 -21.41 17.90 59.25
CA GLN A 122 -22.33 18.45 58.27
C GLN A 122 -22.55 17.48 57.12
N ILE A 123 -23.80 17.31 56.73
CA ILE A 123 -24.12 16.50 55.57
C ILE A 123 -24.35 17.42 54.37
N GLN A 124 -23.53 17.23 53.34
CA GLN A 124 -23.57 18.04 52.14
C GLN A 124 -24.22 17.28 50.99
N PHE A 125 -25.17 17.94 50.36
CA PHE A 125 -25.87 17.43 49.19
C PHE A 125 -25.55 18.35 48.02
N LYS A 126 -25.10 17.77 46.91
CA LYS A 126 -24.78 18.56 45.73
C LYS A 126 -25.25 17.87 44.46
N ARG A 127 -25.92 18.61 43.58
CA ARG A 127 -26.39 18.05 42.32
C ARG A 127 -25.25 17.99 41.31
N GLU A 128 -25.03 16.83 40.73
CA GLU A 128 -23.92 16.63 39.80
C GLU A 128 -24.36 16.73 38.34
N GLU A 129 -23.74 17.63 37.59
CA GLU A 129 -24.06 17.83 36.18
C GLU A 129 -22.95 17.33 35.27
N GLY A 130 -21.83 16.89 35.86
CA GLY A 130 -20.67 16.51 35.09
C GLY A 130 -20.32 15.03 35.10
N ASP A 131 -19.02 14.75 35.08
CA ASP A 131 -18.52 13.38 34.91
C ASP A 131 -18.75 12.45 36.11
N LEU A 132 -18.97 13.03 37.28
CA LEU A 132 -19.19 12.25 38.49
C LEU A 132 -20.43 11.36 38.37
N ARG A 133 -21.31 11.73 37.44
CA ARG A 133 -22.50 10.95 37.13
C ARG A 133 -22.14 9.51 36.70
N ASN A 134 -20.90 9.31 36.27
CA ASN A 134 -20.42 7.98 35.93
C ASN A 134 -20.36 7.03 37.15
N LEU A 135 -20.59 7.58 38.34
CA LEU A 135 -20.39 6.84 39.58
C LEU A 135 -21.67 6.33 40.27
N MET A 136 -22.83 6.63 39.69
CA MET A 136 -24.10 6.17 40.26
C MET A 136 -24.37 4.70 39.91
N ASN A 137 -24.92 3.94 40.85
CA ASN A 137 -25.05 4.35 42.24
C ASN A 137 -23.98 3.63 43.05
N SER A 138 -23.17 4.37 43.79
CA SER A 138 -22.14 3.74 44.59
C SER A 138 -21.59 4.65 45.66
N SER A 139 -21.00 4.03 46.67
CA SER A 139 -20.17 4.75 47.62
C SER A 139 -18.78 4.81 47.01
N VAL A 140 -18.09 5.92 47.22
CA VAL A 140 -16.73 6.09 46.76
C VAL A 140 -15.85 6.16 47.99
N ASN A 141 -15.06 5.11 48.20
CA ASN A 141 -14.13 5.00 49.32
C ASN A 141 -12.91 5.88 49.11
N ILE A 142 -12.65 6.80 50.02
CA ILE A 142 -11.43 7.59 49.96
C ILE A 142 -10.27 6.79 50.54
N ILE A 143 -9.32 6.40 49.68
CA ILE A 143 -8.13 5.70 50.13
C ILE A 143 -6.98 6.69 50.31
N ASP A 144 -6.41 6.76 51.50
CA ASP A 144 -5.38 7.76 51.81
C ASP A 144 -4.14 7.18 52.50
N ASN A 145 -3.93 5.87 52.35
CA ASN A 145 -2.77 5.23 52.97
C ASN A 145 -1.82 4.60 51.97
N LEU A 146 -1.83 5.09 50.73
CA LEU A 146 -0.93 4.61 49.70
C LEU A 146 0.36 5.43 49.66
N ASN A 147 1.18 5.30 50.69
CA ASN A 147 2.39 6.12 50.81
C ASN A 147 3.62 5.46 50.19
N SER A 148 3.47 4.23 49.70
CA SER A 148 4.63 3.47 49.27
C SER A 148 4.30 2.32 48.32
N THR A 149 5.33 1.61 47.89
CA THR A 149 5.17 0.37 47.16
C THR A 149 4.83 -0.74 48.15
N GLY A 150 4.38 -1.88 47.65
CA GLY A 150 4.03 -3.00 48.50
C GLY A 150 2.54 -3.29 48.49
N ALA A 151 2.13 -4.22 49.36
CA ALA A 151 0.74 -4.69 49.37
C ALA A 151 -0.18 -3.81 50.22
N HIS A 152 -1.36 -3.55 49.68
CA HIS A 152 -2.42 -2.87 50.40
C HIS A 152 -3.74 -3.54 50.08
N TYR A 153 -4.64 -3.63 51.05
CA TYR A 153 -6.00 -4.09 50.78
C TYR A 153 -7.04 -3.41 51.66
N TYR A 154 -8.29 -3.41 51.17
CA TYR A 154 -9.35 -2.65 51.80
C TYR A 154 -10.64 -3.46 51.81
N THR A 155 -11.17 -3.70 53.01
CA THR A 155 -12.32 -4.55 53.20
C THR A 155 -13.58 -3.75 53.51
N ARG A 156 -14.60 -3.94 52.69
CA ARG A 156 -15.88 -3.27 52.92
C ARG A 156 -17.00 -4.27 52.73
N GLN A 157 -18.19 -3.97 53.22
CA GLN A 157 -19.35 -4.80 52.94
C GLN A 157 -19.59 -4.79 51.44
N SER A 158 -19.79 -5.97 50.87
CA SER A 158 -19.92 -6.10 49.42
C SER A 158 -21.32 -5.78 48.92
N PRO A 159 -21.40 -4.98 47.83
CA PRO A 159 -22.68 -4.73 47.15
C PRO A 159 -23.22 -6.03 46.59
N ASP A 160 -24.53 -6.13 46.41
CA ASP A 160 -25.11 -7.30 45.75
C ASP A 160 -24.69 -7.32 44.28
N VAL A 161 -24.98 -8.43 43.61
CA VAL A 161 -24.71 -8.55 42.18
C VAL A 161 -25.37 -7.41 41.41
N HIS A 162 -24.63 -6.86 40.44
CA HIS A 162 -25.06 -5.73 39.62
C HIS A 162 -25.03 -4.37 40.33
N ASP A 163 -24.67 -4.36 41.62
CA ASP A 163 -24.49 -3.10 42.34
C ASP A 163 -23.02 -2.69 42.36
N TYR A 164 -22.76 -1.42 42.67
CA TYR A 164 -21.42 -0.87 42.52
C TYR A 164 -20.75 -0.44 43.82
N ILE A 165 -19.43 -0.55 43.85
CA ILE A 165 -18.62 0.09 44.90
C ILE A 165 -17.36 0.69 44.28
N SER A 166 -17.06 1.94 44.64
CA SER A 166 -15.95 2.65 44.02
C SER A 166 -14.82 2.99 44.98
N TYR A 167 -13.65 3.28 44.42
CA TYR A 167 -12.46 3.57 45.21
C TYR A 167 -11.65 4.71 44.58
N GLU A 168 -11.48 5.78 45.34
CA GLU A 168 -10.69 6.92 44.88
C GLU A 168 -9.33 6.91 45.57
N PHE A 169 -8.26 6.80 44.78
CA PHE A 169 -6.91 6.70 45.35
C PHE A 169 -5.87 7.53 44.60
N THR A 170 -4.73 7.75 45.26
CA THR A 170 -3.64 8.51 44.66
C THR A 170 -2.36 7.69 44.65
N ILE A 171 -1.76 7.56 43.47
CA ILE A 171 -0.50 6.83 43.33
C ILE A 171 0.60 7.57 44.09
N PRO A 172 1.37 6.84 44.90
CA PRO A 172 2.46 7.44 45.69
C PRO A 172 3.57 8.02 44.81
N GLY A 173 4.30 8.99 45.35
CA GLY A 173 5.40 9.62 44.62
C GLY A 173 5.05 11.02 44.17
N ASN A 174 6.03 11.74 43.65
CA ASN A 174 5.80 13.08 43.13
C ASN A 174 5.39 13.03 41.66
N PHE A 175 4.46 13.90 41.27
CA PHE A 175 3.96 13.91 39.91
C PHE A 175 4.87 14.72 38.97
N ASN A 176 5.17 14.13 37.83
CA ASN A 176 5.96 14.81 36.80
C ASN A 176 5.55 14.38 35.40
N ASN A 177 4.35 13.82 35.30
CA ASN A 177 3.79 13.36 34.03
C ASN A 177 4.68 12.32 33.35
N LYS A 178 5.52 11.66 34.15
CA LYS A 178 6.49 10.72 33.63
C LYS A 178 6.75 9.56 34.59
N ASP A 179 7.00 9.89 35.85
CA ASP A 179 7.22 8.86 36.88
C ASP A 179 5.96 8.03 37.07
N THR A 180 6.14 6.71 37.08
CA THR A 180 5.01 5.80 36.94
C THR A 180 5.19 4.54 37.78
N SER A 181 4.09 4.02 38.31
CA SER A 181 4.13 2.81 39.13
C SER A 181 3.26 1.69 38.55
N ASN A 182 3.65 0.45 38.83
CA ASN A 182 2.87 -0.72 38.46
C ASN A 182 1.81 -1.01 39.52
N ILE A 183 0.56 -0.93 39.11
CA ILE A 183 -0.55 -1.12 40.04
C ILE A 183 -1.31 -2.41 39.74
N ARG A 184 -1.28 -3.33 40.70
CA ARG A 184 -2.05 -4.55 40.58
C ARG A 184 -3.33 -4.44 41.41
N LEU A 185 -4.46 -4.36 40.73
CA LEU A 185 -5.76 -4.27 41.37
C LEU A 185 -6.48 -5.60 41.27
N TYR A 186 -6.91 -6.14 42.41
CA TYR A 186 -7.65 -7.41 42.36
C TYR A 186 -8.56 -7.65 43.57
N THR A 187 -9.40 -8.67 43.48
CA THR A 187 -10.28 -9.01 44.59
C THR A 187 -9.93 -10.39 45.15
N SER A 188 -10.35 -10.65 46.38
CA SER A 188 -10.02 -11.90 47.05
C SER A 188 -10.95 -13.04 46.66
N TYR A 189 -12.26 -12.83 46.80
CA TYR A 189 -13.23 -13.90 46.58
C TYR A 189 -14.33 -13.54 45.59
N ASN A 190 -14.89 -12.34 45.73
CA ASN A 190 -15.95 -11.89 44.86
C ASN A 190 -15.44 -11.51 43.47
N GLN A 191 -16.18 -11.91 42.44
CA GLN A 191 -15.86 -11.48 41.09
C GLN A 191 -16.51 -10.13 40.84
N GLY A 192 -15.78 -9.24 40.15
CA GLY A 192 -16.30 -7.93 39.83
C GLY A 192 -15.69 -7.37 38.56
N ILE A 193 -16.43 -6.51 37.88
CA ILE A 193 -15.94 -5.87 36.66
C ILE A 193 -15.58 -4.42 36.95
N GLY A 194 -14.34 -4.07 36.68
CA GLY A 194 -13.83 -2.75 37.02
C GLY A 194 -13.72 -1.79 35.87
N THR A 195 -14.04 -0.53 36.14
CA THR A 195 -13.86 0.57 35.21
C THR A 195 -12.92 1.59 35.86
N LEU A 196 -11.81 1.89 35.18
CA LEU A 196 -10.80 2.78 35.72
C LEU A 196 -10.81 4.16 35.07
N PHE A 197 -10.95 5.18 35.92
CA PHE A 197 -11.01 6.58 35.52
C PHE A 197 -9.80 7.35 36.04
N ARG A 198 -9.35 8.33 35.26
CA ARG A 198 -8.35 9.30 35.70
C ARG A 198 -9.04 10.59 36.14
N VAL A 199 -8.69 11.10 37.33
CA VAL A 199 -9.40 12.24 37.90
C VAL A 199 -8.65 13.56 37.77
N THR A 200 -9.33 14.57 37.22
CA THR A 200 -8.85 15.95 37.29
C THR A 200 -9.94 16.80 37.92
N GLU A 201 -9.59 18.00 38.35
CA GLU A 201 -10.56 18.86 39.04
C GLU A 201 -10.47 20.31 38.60
N THR A 202 -11.63 20.94 38.45
CA THR A 202 -11.71 22.37 38.19
C THR A 202 -12.55 23.01 39.29
N ILE A 203 -12.90 24.28 39.10
CA ILE A 203 -13.75 24.99 40.06
C ILE A 203 -15.17 24.42 40.02
N ASP A 204 -15.46 23.61 39.00
CA ASP A 204 -16.79 23.03 38.82
C ASP A 204 -16.87 21.56 39.23
N GLY A 205 -15.87 21.09 39.97
CA GLY A 205 -15.86 19.71 40.43
C GLY A 205 -14.98 18.81 39.58
N TYR A 206 -15.20 17.50 39.69
CA TYR A 206 -14.34 16.52 39.03
C TYR A 206 -14.56 16.39 37.53
N ASN A 207 -13.48 16.10 36.81
CA ASN A 207 -13.55 15.62 35.43
C ASN A 207 -12.98 14.22 35.39
N LEU A 208 -13.62 13.33 34.64
CA LEU A 208 -13.21 11.92 34.62
C LEU A 208 -12.86 11.43 33.23
N ILE A 209 -11.65 10.92 33.08
CA ILE A 209 -11.23 10.27 31.85
C ILE A 209 -11.28 8.75 31.99
N ASN A 210 -12.23 8.14 31.29
CA ASN A 210 -12.39 6.69 31.32
C ASN A 210 -11.23 6.03 30.58
N ILE A 211 -10.23 5.58 31.33
CA ILE A 211 -9.04 4.99 30.72
C ILE A 211 -9.10 3.48 30.54
N GLN A 212 -9.90 2.79 31.36
CA GLN A 212 -10.01 1.34 31.17
C GLN A 212 -11.38 0.75 31.50
N GLN A 213 -11.79 -0.27 30.78
CA GLN A 213 -13.06 -0.95 31.04
C GLN A 213 -12.91 -2.47 31.09
N ASN A 214 -13.96 -3.13 31.56
CA ASN A 214 -14.05 -4.59 31.54
C ASN A 214 -12.92 -5.31 32.28
N LEU A 215 -12.43 -4.69 33.34
CA LEU A 215 -11.36 -5.27 34.14
C LEU A 215 -11.90 -6.33 35.10
N HIS A 216 -11.65 -7.59 34.81
CA HIS A 216 -12.08 -8.69 35.66
C HIS A 216 -11.13 -8.80 36.86
N LEU A 217 -11.66 -8.49 38.04
CA LEU A 217 -10.83 -8.28 39.23
C LEU A 217 -10.42 -9.56 39.97
N LEU A 218 -11.30 -10.57 39.99
CA LEU A 218 -11.03 -11.78 40.75
C LEU A 218 -9.74 -12.48 40.30
N ASN A 219 -8.72 -12.40 41.15
CA ASN A 219 -7.41 -12.97 40.86
C ASN A 219 -6.81 -12.44 39.55
N ASN A 220 -6.99 -11.15 39.31
CA ASN A 220 -6.39 -10.49 38.15
C ASN A 220 -4.87 -10.44 38.30
N THR A 221 -4.17 -10.89 37.27
CA THR A 221 -2.71 -10.97 37.33
C THR A 221 -2.05 -9.89 36.47
N ASN A 222 -2.88 -9.10 35.79
CA ASN A 222 -2.37 -8.02 34.96
C ASN A 222 -2.14 -6.73 35.74
N SER A 223 -0.99 -6.10 35.50
CA SER A 223 -0.66 -4.85 36.15
C SER A 223 -1.00 -3.68 35.24
N ILE A 224 -1.15 -2.51 35.83
CA ILE A 224 -1.40 -1.29 35.07
C ILE A 224 -0.41 -0.21 35.50
N ARG A 225 0.24 0.42 34.52
CA ARG A 225 1.16 1.50 34.82
C ARG A 225 0.40 2.81 34.94
N LEU A 226 0.44 3.42 36.12
CA LEU A 226 -0.25 4.67 36.36
C LEU A 226 0.71 5.76 36.86
N LEU A 227 0.36 7.01 36.59
CA LEU A 227 1.23 8.13 36.90
C LEU A 227 1.33 8.40 38.39
N ASN A 228 2.57 8.49 38.88
CA ASN A 228 2.83 8.84 40.27
C ASN A 228 2.21 10.18 40.64
N GLY A 229 1.54 10.23 41.78
CA GLY A 229 0.93 11.46 42.26
C GLY A 229 -0.36 11.84 41.55
N ALA A 230 -0.82 10.98 40.66
CA ALA A 230 -2.08 11.21 39.96
C ALA A 230 -3.23 10.54 40.72
N ILE A 231 -4.44 11.07 40.52
CA ILE A 231 -5.62 10.53 41.20
C ILE A 231 -6.45 9.67 40.26
N TYR A 232 -6.90 8.52 40.75
CA TYR A 232 -7.70 7.60 39.96
C TYR A 232 -8.92 7.10 40.72
N ILE A 233 -9.94 6.68 39.97
CA ILE A 233 -11.12 6.08 40.57
C ILE A 233 -11.45 4.74 39.91
N LEU A 234 -11.54 3.69 40.72
CA LEU A 234 -11.95 2.37 40.25
C LEU A 234 -13.41 2.10 40.64
N LYS A 235 -14.28 2.00 39.64
CA LYS A 235 -15.67 1.68 39.88
C LYS A 235 -15.86 0.19 39.65
N VAL A 236 -16.36 -0.52 40.66
CA VAL A 236 -16.49 -1.95 40.59
C VAL A 236 -17.94 -2.42 40.60
N GLU A 237 -18.30 -3.23 39.60
CA GLU A 237 -19.61 -3.86 39.56
C GLU A 237 -19.51 -5.30 40.03
N VAL A 238 -20.12 -5.60 41.18
CA VAL A 238 -20.14 -6.97 41.68
C VAL A 238 -20.91 -7.86 40.72
N THR A 239 -20.27 -8.92 40.25
CA THR A 239 -20.91 -9.86 39.34
C THR A 239 -21.07 -11.24 39.97
N GLU A 240 -20.45 -11.44 41.12
CA GLU A 240 -20.53 -12.71 41.82
C GLU A 240 -20.26 -12.54 43.31
N LEU A 241 -21.28 -12.76 44.13
CA LEU A 241 -21.18 -12.57 45.57
C LEU A 241 -20.83 -13.89 46.26
N ASN A 242 -19.54 -14.11 46.49
CA ASN A 242 -19.06 -15.33 47.13
C ASN A 242 -18.67 -15.11 48.59
N ASN A 243 -18.69 -13.85 49.01
CA ASN A 243 -18.33 -13.49 50.37
C ASN A 243 -19.13 -12.26 50.78
N TYR A 244 -19.50 -12.18 52.06
CA TYR A 244 -20.24 -11.04 52.57
C TYR A 244 -19.47 -9.75 52.36
N ASN A 245 -18.15 -9.85 52.44
CA ASN A 245 -17.28 -8.70 52.23
C ASN A 245 -16.61 -8.70 50.86
N ILE A 246 -16.32 -7.51 50.36
CA ILE A 246 -15.47 -7.34 49.20
C ILE A 246 -14.15 -6.74 49.68
N ARG A 247 -13.05 -7.37 49.27
CA ARG A 247 -11.72 -6.91 49.64
C ARG A 247 -10.91 -6.55 48.41
N LEU A 248 -10.68 -5.25 48.22
CA LEU A 248 -9.91 -4.77 47.08
C LEU A 248 -8.42 -4.61 47.42
N HIS A 249 -7.58 -5.30 46.66
CA HIS A 249 -6.12 -5.20 46.78
C HIS A 249 -5.57 -4.23 45.76
N ILE A 250 -4.71 -3.33 46.24
CA ILE A 250 -3.96 -2.44 45.38
C ILE A 250 -2.49 -2.63 45.70
N ASP A 251 -1.82 -3.54 44.99
CA ASP A 251 -0.40 -3.79 45.23
C ASP A 251 0.45 -2.95 44.29
N ILE A 252 1.39 -2.19 44.86
CA ILE A 252 2.19 -1.25 44.08
C ILE A 252 3.64 -1.67 43.99
N THR A 253 4.17 -1.74 42.77
CA THR A 253 5.58 -1.96 42.56
C THR A 253 6.15 -0.87 41.65
N ASN A 254 7.48 -0.80 41.55
CA ASN A 254 8.12 0.23 40.74
C ASN A 254 9.15 -0.36 39.78
N ASN B 8 4.37 29.06 -5.62
CA ASN B 8 4.13 29.10 -7.07
C ASN B 8 5.17 28.33 -7.90
N SER B 9 6.35 28.09 -7.33
CA SER B 9 7.29 27.12 -7.91
C SER B 9 6.87 25.71 -7.48
N LEU B 10 5.97 25.68 -6.50
CA LEU B 10 5.40 24.45 -5.99
C LEU B 10 3.95 24.30 -6.44
N ASN B 11 3.34 25.36 -6.95
CA ASN B 11 1.94 25.28 -7.37
C ASN B 11 1.69 24.14 -8.38
N ASP B 12 0.63 23.37 -8.12
CA ASP B 12 0.22 22.24 -8.95
C ASP B 12 1.19 21.08 -9.01
N LYS B 13 2.27 21.14 -8.23
CA LYS B 13 3.22 20.03 -8.18
C LYS B 13 2.63 18.84 -7.41
N ILE B 14 2.90 17.64 -7.88
CA ILE B 14 2.47 16.42 -7.22
C ILE B 14 3.67 15.84 -6.47
N VAL B 15 3.52 15.65 -5.16
CA VAL B 15 4.63 15.35 -4.28
C VAL B 15 4.26 14.19 -3.37
N THR B 16 5.28 13.58 -2.79
CA THR B 16 5.06 12.76 -1.62
C THR B 16 5.60 13.61 -0.44
N ILE B 17 5.13 13.31 0.76
CA ILE B 17 5.61 14.01 1.96
C ILE B 17 5.98 12.96 2.97
N SER B 18 7.25 12.94 3.37
CA SER B 18 7.69 11.98 4.37
C SER B 18 8.31 12.69 5.58
N CYS B 19 8.59 11.92 6.61
CA CYS B 19 8.95 12.44 7.91
C CYS B 19 10.47 12.58 8.05
N LYS B 20 10.92 13.78 8.39
CA LYS B 20 12.33 13.93 8.72
C LYS B 20 12.68 13.05 9.91
N ALA B 21 11.70 12.80 10.78
CA ALA B 21 11.95 11.95 11.96
C ALA B 21 12.12 10.48 11.60
N ASP B 22 11.48 10.04 10.52
CA ASP B 22 11.56 8.66 10.06
C ASP B 22 11.29 8.71 8.57
N THR B 23 12.36 8.73 7.80
CA THR B 23 12.25 9.00 6.38
C THR B 23 11.62 7.82 5.66
N ASN B 24 11.37 6.73 6.38
CA ASN B 24 10.63 5.62 5.80
C ASN B 24 9.12 5.78 5.95
N LEU B 25 8.67 6.88 6.55
CA LEU B 25 7.20 7.10 6.74
C LEU B 25 6.67 8.24 5.89
N PHE B 26 5.59 7.95 5.16
CA PHE B 26 5.00 8.89 4.19
C PHE B 26 3.54 9.26 4.57
N PHE B 27 3.09 10.46 4.21
CA PHE B 27 1.69 10.81 4.41
C PHE B 27 0.87 9.92 3.46
N TYR B 28 -0.11 9.23 4.01
CA TYR B 28 -0.89 8.20 3.31
C TYR B 28 -2.36 8.49 3.59
N GLN B 29 -3.17 8.44 2.53
CA GLN B 29 -4.58 8.83 2.62
C GLN B 29 -5.49 7.68 2.20
N VAL B 30 -6.52 7.41 2.98
CA VAL B 30 -7.64 6.57 2.53
C VAL B 30 -8.95 6.91 3.26
N ALA B 31 -9.98 7.20 2.47
CA ALA B 31 -11.33 7.47 2.97
C ALA B 31 -11.43 8.55 4.04
N GLY B 32 -10.55 9.55 4.00
CA GLY B 32 -10.65 10.68 4.92
C GLY B 32 -9.72 10.53 6.11
N ASN B 33 -9.00 9.42 6.14
CA ASN B 33 -8.05 9.19 7.20
C ASN B 33 -6.63 9.42 6.67
N VAL B 34 -5.85 10.24 7.37
CA VAL B 34 -4.44 10.45 7.06
C VAL B 34 -3.59 9.70 8.07
N SER B 35 -2.65 8.91 7.58
CA SER B 35 -1.79 8.16 8.47
C SER B 35 -0.34 8.22 7.95
N LEU B 36 0.58 7.68 8.73
CA LEU B 36 1.98 7.59 8.31
C LEU B 36 2.28 6.13 7.94
N PHE B 37 2.75 5.89 6.73
CA PHE B 37 2.89 4.51 6.24
C PHE B 37 4.15 4.35 5.38
N GLN B 38 4.67 3.12 5.30
CA GLN B 38 5.85 2.83 4.49
C GLN B 38 5.58 3.25 3.04
N GLN B 39 6.65 3.39 2.26
CA GLN B 39 6.54 3.85 0.87
C GLN B 39 5.69 2.90 0.02
N THR B 40 4.72 3.44 -0.71
CA THR B 40 3.89 2.62 -1.60
C THR B 40 4.11 2.92 -3.10
N ARG B 41 4.76 4.04 -3.41
CA ARG B 41 4.97 4.45 -4.80
C ARG B 41 3.67 4.44 -5.58
N ASN B 42 2.61 4.96 -4.99
CA ASN B 42 1.35 5.03 -5.70
C ASN B 42 0.54 6.20 -5.18
N TYR B 43 -0.66 6.38 -5.74
CA TYR B 43 -1.44 7.59 -5.50
C TYR B 43 -1.85 7.78 -4.04
N LEU B 44 -1.84 6.72 -3.25
CA LEU B 44 -2.23 6.82 -1.85
C LEU B 44 -1.28 7.72 -1.05
N GLU B 45 -0.08 7.97 -1.62
CA GLU B 45 0.92 8.80 -0.95
C GLU B 45 1.31 10.01 -1.76
N ARG B 46 0.44 10.39 -2.69
CA ARG B 46 0.71 11.53 -3.56
C ARG B 46 -0.30 12.63 -3.27
N TRP B 47 0.19 13.87 -3.36
CA TRP B 47 -0.59 15.02 -2.94
C TRP B 47 -0.29 16.13 -3.91
N ARG B 48 -1.30 16.91 -4.26
CA ARG B 48 -1.06 18.03 -5.16
C ARG B 48 -1.06 19.29 -4.31
N LEU B 49 0.01 20.08 -4.42
CA LEU B 49 0.11 21.37 -3.74
C LEU B 49 -0.59 22.41 -4.58
N ILE B 50 -1.59 23.06 -3.98
CA ILE B 50 -2.39 24.02 -4.71
C ILE B 50 -2.25 25.40 -4.06
N TYR B 51 -1.64 26.34 -4.80
CA TYR B 51 -1.28 27.67 -4.27
C TYR B 51 -2.40 28.68 -4.44
N ASP B 52 -2.66 29.43 -3.36
CA ASP B 52 -3.51 30.60 -3.43
C ASP B 52 -2.60 31.80 -3.12
N SER B 53 -2.40 32.66 -4.11
CA SER B 53 -1.46 33.79 -4.00
C SER B 53 -1.90 34.85 -3.00
N ASN B 54 -3.21 34.98 -2.80
CA ASN B 54 -3.74 35.95 -1.86
C ASN B 54 -3.42 35.58 -0.42
N LYS B 55 -3.58 34.29 -0.10
CA LYS B 55 -3.31 33.80 1.25
C LYS B 55 -1.83 33.48 1.39
N ALA B 56 -1.16 33.34 0.25
CA ALA B 56 0.22 32.82 0.21
C ALA B 56 0.32 31.54 1.02
N ALA B 57 -0.55 30.60 0.68
CA ALA B 57 -0.63 29.35 1.42
C ALA B 57 -1.14 28.28 0.45
N TYR B 58 -1.04 27.02 0.84
CA TYR B 58 -1.27 25.92 -0.07
C TYR B 58 -2.33 24.99 0.48
N LYS B 59 -3.20 24.49 -0.39
CA LYS B 59 -3.95 23.29 -0.07
C LYS B 59 -3.10 22.08 -0.40
N ILE B 60 -3.25 21.04 0.39
CA ILE B 60 -2.56 19.79 0.16
C ILE B 60 -3.62 18.71 -0.20
N LYS B 61 -3.80 18.49 -1.50
CA LYS B 61 -4.89 17.69 -2.04
C LYS B 61 -4.48 16.24 -2.31
N SER B 62 -5.23 15.30 -1.76
CA SER B 62 -4.93 13.90 -1.98
C SER B 62 -5.19 13.52 -3.45
N MET B 63 -4.30 12.72 -4.01
CA MET B 63 -4.48 12.19 -5.36
C MET B 63 -5.28 10.90 -5.35
N ASP B 64 -6.11 10.72 -4.32
CA ASP B 64 -6.97 9.54 -4.29
C ASP B 64 -7.76 9.40 -5.58
N ILE B 65 -7.81 8.21 -6.15
CA ILE B 65 -8.49 8.06 -7.43
C ILE B 65 -10.00 7.99 -7.34
N HIS B 66 -10.53 7.66 -6.16
CA HIS B 66 -11.98 7.49 -5.98
C HIS B 66 -12.67 8.75 -5.46
N ASN B 67 -12.16 9.28 -4.36
CA ASN B 67 -12.60 10.58 -3.84
C ASN B 67 -11.62 11.63 -4.33
N THR B 68 -12.07 12.45 -5.27
CA THR B 68 -11.16 13.33 -5.97
C THR B 68 -11.08 14.75 -5.42
N ASN B 69 -11.74 15.04 -4.32
CA ASN B 69 -11.68 16.40 -3.79
C ASN B 69 -11.32 16.51 -2.30
N LEU B 70 -10.51 15.58 -1.82
CA LEU B 70 -10.11 15.55 -0.41
C LEU B 70 -8.82 16.36 -0.24
N VAL B 71 -8.78 17.19 0.80
CA VAL B 71 -7.61 18.00 1.14
C VAL B 71 -7.28 17.89 2.64
N LEU B 72 -6.00 18.01 2.96
CA LEU B 72 -5.53 17.87 4.31
C LEU B 72 -6.21 18.95 5.14
N THR B 73 -6.84 18.53 6.23
CA THR B 73 -7.72 19.42 6.99
C THR B 73 -7.41 19.33 8.48
N TRP B 74 -7.30 20.49 9.13
CA TRP B 74 -7.12 20.50 10.57
C TRP B 74 -8.49 20.50 11.24
N ASN B 75 -8.76 19.49 12.06
CA ASN B 75 -10.05 19.38 12.73
C ASN B 75 -10.15 20.28 13.97
N ALA B 76 -10.02 21.60 13.80
CA ALA B 76 -10.19 22.54 14.90
C ALA B 76 -11.56 22.32 15.57
N PRO B 77 -11.64 22.43 16.91
CA PRO B 77 -10.60 22.86 17.86
C PRO B 77 -9.68 21.73 18.37
N THR B 78 -9.81 20.51 17.84
CA THR B 78 -8.93 19.46 18.32
C THR B 78 -7.57 19.64 17.68
N HIS B 79 -6.62 18.81 18.07
CA HIS B 79 -5.34 18.84 17.36
C HIS B 79 -5.25 17.83 16.19
N ASN B 80 -6.39 17.19 15.85
CA ASN B 80 -6.39 16.14 14.81
C ASN B 80 -6.39 16.67 13.39
N ILE B 81 -5.91 15.82 12.49
CA ILE B 81 -5.78 16.11 11.06
C ILE B 81 -6.60 15.02 10.32
N SER B 82 -7.24 15.37 9.20
CA SER B 82 -7.89 14.37 8.37
C SER B 82 -7.91 14.90 6.95
N THR B 83 -8.57 14.16 6.03
CA THR B 83 -8.84 14.70 4.72
C THR B 83 -10.36 14.86 4.64
N GLN B 84 -10.80 16.04 4.20
CA GLN B 84 -12.21 16.39 4.14
C GLN B 84 -12.41 16.99 2.77
N GLN B 85 -13.65 17.09 2.33
CA GLN B 85 -13.97 17.69 1.04
C GLN B 85 -13.45 19.12 1.01
N ASP B 86 -12.93 19.53 -0.15
CA ASP B 86 -12.31 20.83 -0.31
C ASP B 86 -13.39 21.92 -0.37
N SER B 87 -13.41 22.78 0.64
CA SER B 87 -14.35 23.91 0.64
C SER B 87 -13.52 25.21 0.71
N ASN B 88 -12.23 25.09 0.46
CA ASN B 88 -11.33 26.22 0.42
C ASN B 88 -11.29 26.97 1.76
N ALA B 89 -11.43 26.23 2.85
CA ALA B 89 -11.49 26.82 4.19
C ALA B 89 -10.10 27.12 4.77
N ASP B 90 -10.00 28.08 5.68
CA ASP B 90 -8.68 28.45 6.21
C ASP B 90 -8.03 27.27 6.89
N ASN B 91 -8.85 26.35 7.43
CA ASN B 91 -8.25 25.19 8.11
C ASN B 91 -7.84 24.11 7.11
N GLN B 92 -7.98 24.41 5.83
CA GLN B 92 -7.48 23.54 4.76
C GLN B 92 -6.28 24.17 4.02
N TYR B 93 -5.74 25.26 4.58
CA TYR B 93 -4.58 25.91 3.98
C TYR B 93 -3.38 25.82 4.92
N TRP B 94 -2.21 25.82 4.31
CA TRP B 94 -0.96 25.50 4.99
C TRP B 94 0.16 26.37 4.46
N LEU B 95 1.02 26.84 5.36
CA LEU B 95 2.21 27.58 4.97
C LEU B 95 3.31 26.56 4.84
N LEU B 96 4.00 26.55 3.70
CA LEU B 96 5.12 25.63 3.53
C LEU B 96 6.39 26.44 3.76
N LEU B 97 7.02 26.17 4.89
CA LEU B 97 8.15 26.99 5.33
C LEU B 97 9.39 26.13 5.19
N LYS B 98 10.22 26.47 4.24
CA LYS B 98 11.41 25.65 3.97
C LYS B 98 12.57 26.05 4.88
N ASP B 99 12.98 25.10 5.68
CA ASP B 99 14.10 25.25 6.60
C ASP B 99 15.37 25.13 5.79
N ILE B 100 15.96 26.26 5.42
CA ILE B 100 17.08 26.23 4.48
C ILE B 100 18.32 25.60 5.11
N GLY B 101 19.04 24.81 4.32
CA GLY B 101 20.19 24.09 4.84
C GLY B 101 19.87 22.73 5.47
N ASN B 102 18.60 22.51 5.81
CA ASN B 102 18.17 21.24 6.42
C ASN B 102 17.37 20.42 5.41
N ASN B 103 17.11 21.03 4.25
CA ASN B 103 16.28 20.44 3.20
C ASN B 103 14.94 19.83 3.70
N SER B 104 14.25 20.54 4.57
CA SER B 104 13.00 20.02 5.11
C SER B 104 12.04 21.17 5.28
N PHE B 105 10.78 20.85 5.55
CA PHE B 105 9.74 21.87 5.64
C PHE B 105 9.06 21.78 6.98
N ILE B 106 8.71 22.96 7.49
CA ILE B 106 7.76 23.03 8.57
C ILE B 106 6.45 23.41 7.92
N ILE B 107 5.38 22.73 8.32
CA ILE B 107 4.11 22.93 7.62
C ILE B 107 3.13 23.50 8.63
N ALA B 108 2.85 24.78 8.50
CA ALA B 108 2.08 25.50 9.52
C ALA B 108 0.66 25.73 9.07
N SER B 109 -0.28 25.67 10.01
CA SER B 109 -1.66 25.93 9.67
C SER B 109 -1.85 27.39 9.30
N TYR B 110 -2.47 27.64 8.14
CA TYR B 110 -2.77 28.99 7.74
C TYR B 110 -3.82 29.60 8.66
N LYS B 111 -4.72 28.75 9.15
CA LYS B 111 -5.80 29.24 10.01
C LYS B 111 -5.19 29.74 11.32
N ASN B 112 -4.20 29.00 11.82
CA ASN B 112 -3.54 29.39 13.07
C ASN B 112 -2.07 29.01 13.01
N PRO B 113 -1.20 29.93 12.54
CA PRO B 113 0.21 29.56 12.37
C PRO B 113 0.97 29.28 13.66
N ASN B 114 0.36 29.50 14.83
CA ASN B 114 0.95 29.01 16.07
C ASN B 114 1.17 27.49 16.03
N LEU B 115 0.41 26.79 15.17
CA LEU B 115 0.38 25.33 15.16
C LEU B 115 0.93 24.78 13.85
N VAL B 116 1.69 23.69 13.93
CA VAL B 116 2.33 23.09 12.77
C VAL B 116 2.11 21.58 12.84
N LEU B 117 2.22 20.93 11.68
CA LEU B 117 2.13 19.47 11.62
C LEU B 117 3.24 18.83 12.43
N TYR B 118 2.86 17.77 13.14
CA TYR B 118 3.75 17.02 14.01
C TYR B 118 3.53 15.54 13.70
N ALA B 119 4.62 14.79 13.46
CA ALA B 119 4.56 13.35 13.14
C ALA B 119 4.64 12.49 14.39
N ASP B 120 3.54 11.83 14.72
CA ASP B 120 3.55 10.85 15.80
C ASP B 120 3.97 9.51 15.18
N THR B 121 5.26 9.18 15.26
CA THR B 121 5.80 8.04 14.52
C THR B 121 5.47 6.71 15.19
N VAL B 122 4.88 6.77 16.37
CA VAL B 122 4.53 5.54 17.06
C VAL B 122 3.02 5.25 17.01
N ALA B 123 2.21 6.29 16.95
CA ALA B 123 0.80 6.12 16.58
C ALA B 123 0.65 6.10 15.04
N ARG B 124 1.69 6.53 14.33
CA ARG B 124 1.69 6.58 12.87
C ARG B 124 0.58 7.48 12.32
N ASN B 125 0.41 8.66 12.92
CA ASN B 125 -0.51 9.64 12.36
C ASN B 125 0.02 11.06 12.60
N LEU B 126 -0.79 12.06 12.27
CA LEU B 126 -0.34 13.44 12.34
C LEU B 126 -1.21 14.16 13.33
N LYS B 127 -0.64 15.17 13.98
CA LYS B 127 -1.42 16.08 14.80
C LYS B 127 -0.86 17.48 14.64
N LEU B 128 -1.57 18.47 15.19
CA LEU B 128 -1.02 19.82 15.26
C LEU B 128 -0.27 20.02 16.57
N SER B 129 0.79 20.83 16.54
CA SER B 129 1.61 21.03 17.71
C SER B 129 2.18 22.44 17.65
N THR B 130 2.56 22.97 18.81
CA THR B 130 3.36 24.19 18.82
C THR B 130 4.78 23.82 18.39
N LEU B 131 5.62 24.83 18.16
CA LEU B 131 6.91 24.55 17.53
C LEU B 131 7.95 24.07 18.52
N ASN B 132 8.95 23.36 18.00
CA ASN B 132 10.11 22.97 18.80
C ASN B 132 11.24 22.70 17.82
N ASN B 133 12.35 22.18 18.31
CA ASN B 133 13.53 21.97 17.46
C ASN B 133 13.71 20.52 17.05
N SER B 134 12.68 19.70 17.17
CA SER B 134 12.81 18.26 16.89
C SER B 134 12.50 18.03 15.42
N ASN B 135 12.90 16.86 14.91
CA ASN B 135 12.54 16.50 13.55
C ASN B 135 11.08 16.08 13.39
N TYR B 136 10.33 16.00 14.51
CA TYR B 136 8.94 15.55 14.41
C TYR B 136 8.05 16.57 13.74
N ILE B 137 8.53 17.82 13.66
CA ILE B 137 7.78 18.85 12.93
C ILE B 137 8.39 19.20 11.57
N LYS B 138 9.28 18.35 11.08
CA LYS B 138 9.97 18.63 9.84
C LYS B 138 9.64 17.54 8.80
N PHE B 139 9.38 17.96 7.57
CA PHE B 139 8.96 17.03 6.53
C PHE B 139 9.74 17.22 5.23
N ILE B 140 9.88 16.13 4.49
CA ILE B 140 10.55 16.14 3.21
C ILE B 140 9.48 16.11 2.13
N ILE B 141 9.46 17.16 1.32
CA ILE B 141 8.46 17.28 0.26
C ILE B 141 9.25 17.08 -1.00
N GLU B 142 8.82 16.11 -1.81
CA GLU B 142 9.58 15.72 -2.98
C GLU B 142 8.67 15.41 -4.17
N ASP B 143 9.05 15.91 -5.34
CA ASP B 143 8.39 15.52 -6.58
C ASP B 143 8.15 13.99 -6.57
N TYR B 144 6.95 13.55 -6.89
CA TYR B 144 6.64 12.13 -6.65
C TYR B 144 7.45 11.18 -7.50
N ILE B 145 7.88 11.65 -8.68
CA ILE B 145 8.70 10.79 -9.56
C ILE B 145 10.07 10.56 -8.95
N ILE B 146 10.72 11.65 -8.53
CA ILE B 146 12.01 11.53 -7.83
C ILE B 146 11.84 10.63 -6.62
N SER B 147 10.77 10.88 -5.87
CA SER B 147 10.48 10.09 -4.70
C SER B 147 10.36 8.60 -5.04
N ASP B 148 9.58 8.27 -6.08
CA ASP B 148 9.40 6.87 -6.48
C ASP B 148 10.68 6.20 -6.99
N LEU B 149 11.46 6.93 -7.79
CA LEU B 149 12.61 6.32 -8.48
C LEU B 149 13.91 6.36 -7.69
N ASN B 150 14.03 7.31 -6.77
CA ASN B 150 15.29 7.50 -6.05
C ASN B 150 15.53 6.28 -5.18
N ASN B 151 16.67 5.63 -5.40
CA ASN B 151 17.07 4.39 -4.74
C ASN B 151 16.17 3.20 -5.06
N PHE B 152 15.46 3.27 -6.19
CA PHE B 152 14.62 2.18 -6.64
C PHE B 152 15.43 1.18 -7.49
N THR B 153 15.46 -0.08 -7.06
CA THR B 153 16.08 -1.13 -7.87
C THR B 153 15.04 -1.72 -8.84
N CYS B 154 15.32 -1.61 -10.13
CA CYS B 154 14.31 -1.89 -11.13
C CYS B 154 14.84 -2.78 -12.25
N LYS B 155 13.92 -3.21 -13.11
CA LYS B 155 14.30 -3.71 -14.41
C LYS B 155 13.68 -2.77 -15.42
N ILE B 156 14.35 -2.63 -16.55
CA ILE B 156 13.93 -1.67 -17.54
C ILE B 156 13.62 -2.38 -18.86
N SER B 157 12.40 -2.20 -19.35
CA SER B 157 11.94 -2.92 -20.54
C SER B 157 11.48 -1.96 -21.65
N PRO B 158 11.78 -2.30 -22.91
CA PRO B 158 11.17 -1.54 -24.00
C PRO B 158 9.67 -1.84 -24.04
N ILE B 159 8.82 -0.86 -24.35
CA ILE B 159 7.39 -1.15 -24.46
C ILE B 159 7.07 -2.00 -25.68
N LEU B 160 8.05 -2.17 -26.58
CA LEU B 160 7.86 -3.02 -27.76
C LEU B 160 7.87 -4.51 -27.39
N ASP B 161 8.54 -4.83 -26.28
CA ASP B 161 8.38 -6.15 -25.66
C ASP B 161 8.79 -6.20 -24.19
N LEU B 162 7.77 -6.24 -23.36
CA LEU B 162 7.92 -6.22 -21.91
C LEU B 162 8.52 -7.51 -21.33
N ASN B 163 8.70 -8.53 -22.19
CA ASN B 163 9.36 -9.75 -21.76
C ASN B 163 10.89 -9.67 -21.83
N LYS B 164 11.40 -8.56 -22.42
CA LYS B 164 12.84 -8.33 -22.56
C LYS B 164 13.27 -7.14 -21.72
N VAL B 165 14.55 -7.13 -21.33
CA VAL B 165 15.11 -6.07 -20.49
C VAL B 165 16.44 -5.57 -21.03
N VAL B 166 16.69 -4.30 -20.75
CA VAL B 166 18.00 -3.70 -20.92
C VAL B 166 18.96 -4.33 -19.91
N GLN B 167 20.04 -4.92 -20.39
CA GLN B 167 20.99 -5.57 -19.51
C GLN B 167 22.45 -5.25 -19.82
N GLN B 168 23.28 -5.28 -18.79
CA GLN B 168 24.72 -5.39 -18.99
C GLN B 168 25.00 -6.86 -19.32
N VAL B 169 25.93 -7.12 -20.23
CA VAL B 169 26.17 -8.49 -20.72
C VAL B 169 26.62 -9.45 -19.62
N ASP B 170 27.75 -9.15 -18.98
CA ASP B 170 28.12 -9.77 -17.72
C ASP B 170 29.09 -8.87 -16.97
N VAL B 171 29.65 -9.39 -15.88
CA VAL B 171 30.44 -8.55 -14.97
C VAL B 171 31.67 -7.91 -15.66
N THR B 172 32.32 -8.67 -16.54
CA THR B 172 33.46 -8.16 -17.31
C THR B 172 33.06 -7.48 -18.63
N ASN B 173 32.01 -7.97 -19.27
CA ASN B 173 31.54 -7.40 -20.54
C ASN B 173 30.56 -6.25 -20.28
N LEU B 174 31.04 -5.02 -20.43
CA LEU B 174 30.26 -3.85 -20.02
C LEU B 174 29.22 -3.36 -21.05
N ASN B 175 29.14 -4.05 -22.19
CA ASN B 175 28.15 -3.68 -23.20
C ASN B 175 26.72 -3.82 -22.71
N VAL B 176 25.83 -3.02 -23.31
CA VAL B 176 24.43 -3.01 -22.91
C VAL B 176 23.55 -3.44 -24.07
N ASN B 177 22.77 -4.49 -23.87
CA ASN B 177 21.88 -4.97 -24.92
C ASN B 177 20.54 -5.46 -24.40
N LEU B 178 19.65 -5.83 -25.32
CA LEU B 178 18.32 -6.31 -24.93
C LEU B 178 18.36 -7.82 -24.79
N TYR B 179 17.84 -8.33 -23.68
CA TYR B 179 17.73 -9.77 -23.50
C TYR B 179 16.48 -10.16 -22.74
N THR B 180 16.04 -11.40 -22.96
CA THR B 180 14.94 -11.98 -22.20
C THR B 180 15.24 -11.88 -20.68
N TRP B 181 14.23 -11.51 -19.91
CA TRP B 181 14.39 -11.40 -18.45
C TRP B 181 14.68 -12.77 -17.86
N ASP B 182 15.80 -12.90 -17.16
CA ASP B 182 16.16 -14.15 -16.49
C ASP B 182 16.46 -14.00 -14.99
N TYR B 183 16.18 -12.81 -14.46
CA TYR B 183 16.29 -12.50 -13.02
C TYR B 183 17.73 -12.25 -12.54
N GLY B 184 18.70 -12.20 -13.48
CA GLY B 184 20.09 -11.96 -13.12
C GLY B 184 20.35 -10.52 -12.65
N ARG B 185 21.39 -10.32 -11.85
CA ARG B 185 21.68 -8.99 -11.32
C ARG B 185 22.19 -8.03 -12.40
N ASN B 186 22.74 -8.58 -13.48
CA ASN B 186 23.15 -7.78 -14.64
C ASN B 186 21.92 -7.24 -15.38
N GLN B 187 20.74 -7.71 -14.99
CA GLN B 187 19.51 -7.23 -15.58
C GLN B 187 18.76 -6.26 -14.65
N LYS B 188 19.35 -5.96 -13.50
CA LYS B 188 18.72 -5.02 -12.57
C LYS B 188 19.56 -3.75 -12.36
N TRP B 189 18.89 -2.62 -12.13
CA TRP B 189 19.56 -1.34 -12.02
C TRP B 189 18.98 -0.57 -10.85
N THR B 190 19.87 0.06 -10.09
CA THR B 190 19.43 0.90 -8.99
C THR B 190 19.57 2.36 -9.42
N ILE B 191 18.44 3.03 -9.46
CA ILE B 191 18.39 4.44 -9.82
C ILE B 191 18.73 5.30 -8.59
N ARG B 192 19.55 6.33 -8.79
CA ARG B 192 19.90 7.28 -7.73
C ARG B 192 19.82 8.69 -8.27
N TYR B 193 19.07 9.55 -7.59
CA TYR B 193 18.95 10.94 -8.00
C TYR B 193 20.12 11.76 -7.47
N ASN B 194 20.77 12.51 -8.36
CA ASN B 194 21.82 13.42 -7.93
C ASN B 194 21.26 14.83 -7.74
N GLU B 195 21.15 15.23 -6.48
CA GLU B 195 20.59 16.52 -6.07
C GLU B 195 21.23 17.69 -6.84
N GLU B 196 22.56 17.72 -6.86
CA GLU B 196 23.30 18.83 -7.48
C GLU B 196 23.01 18.93 -8.97
N LYS B 197 23.07 17.78 -9.65
CA LYS B 197 22.94 17.73 -11.09
C LYS B 197 21.50 17.75 -11.56
N ALA B 198 20.57 17.55 -10.62
CA ALA B 198 19.16 17.35 -10.96
C ALA B 198 19.05 16.30 -12.08
N ALA B 199 19.73 15.19 -11.89
CA ALA B 199 19.76 14.12 -12.87
C ALA B 199 20.00 12.76 -12.19
N TYR B 200 19.75 11.68 -12.92
CA TYR B 200 19.89 10.35 -12.32
C TYR B 200 21.01 9.52 -12.92
N GLN B 201 21.50 8.58 -12.12
CA GLN B 201 22.30 7.50 -12.65
C GLN B 201 21.59 6.18 -12.46
N PHE B 202 21.94 5.23 -13.31
CA PHE B 202 21.43 3.88 -13.22
C PHE B 202 22.62 2.99 -12.88
N PHE B 203 22.70 2.51 -11.64
CA PHE B 203 23.77 1.59 -11.27
C PHE B 203 23.36 0.14 -11.55
N ASN B 204 24.06 -0.55 -12.45
CA ASN B 204 23.85 -1.98 -12.62
C ASN B 204 24.17 -2.75 -11.35
N THR B 205 23.30 -3.67 -10.94
CA THR B 205 23.54 -4.32 -9.65
C THR B 205 24.56 -5.47 -9.68
N ILE B 206 25.09 -5.80 -10.85
CA ILE B 206 26.15 -6.83 -10.89
C ILE B 206 27.49 -6.23 -10.49
N LEU B 207 27.59 -4.90 -10.55
CA LEU B 207 28.77 -4.14 -10.16
C LEU B 207 28.42 -3.20 -8.99
N SER B 208 29.44 -2.54 -8.44
CA SER B 208 29.24 -1.61 -7.32
C SER B 208 29.16 -0.16 -7.82
N ASN B 209 30.12 0.22 -8.67
CA ASN B 209 30.25 1.59 -9.16
C ASN B 209 30.09 1.74 -10.68
N GLY B 210 29.33 0.85 -11.31
CA GLY B 210 29.11 0.92 -12.75
C GLY B 210 27.77 1.54 -13.13
N VAL B 211 27.81 2.57 -13.98
CA VAL B 211 26.61 3.30 -14.35
C VAL B 211 26.37 3.28 -15.86
N LEU B 212 25.09 3.27 -16.25
CA LEU B 212 24.68 3.40 -17.65
C LEU B 212 25.25 4.71 -18.19
N THR B 213 26.03 4.62 -19.27
CA THR B 213 26.77 5.76 -19.81
C THR B 213 26.69 5.86 -21.34
N TRP B 214 26.44 7.07 -21.84
CA TRP B 214 26.58 7.34 -23.28
C TRP B 214 28.06 7.52 -23.65
N ILE B 215 28.60 6.58 -24.43
CA ILE B 215 29.98 6.67 -24.90
C ILE B 215 30.07 7.59 -26.12
N PHE B 216 29.96 8.90 -25.86
CA PHE B 216 29.85 9.89 -26.91
C PHE B 216 31.08 10.00 -27.82
N SER B 217 32.22 9.44 -27.38
CA SER B 217 33.41 9.43 -28.23
C SER B 217 33.34 8.27 -29.23
N ASN B 218 32.31 7.44 -29.05
CA ASN B 218 32.01 6.38 -29.99
C ASN B 218 30.56 6.55 -30.46
N GLY B 219 30.29 7.68 -31.10
CA GLY B 219 28.96 7.97 -31.64
C GLY B 219 27.79 7.77 -30.68
N ASN B 220 26.93 6.81 -30.99
CA ASN B 220 25.69 6.59 -30.24
C ASN B 220 25.71 5.41 -29.25
N THR B 221 26.88 4.83 -29.03
CA THR B 221 27.02 3.67 -28.16
C THR B 221 26.71 4.02 -26.70
N VAL B 222 26.00 3.14 -26.00
CA VAL B 222 25.95 3.26 -24.54
C VAL B 222 26.46 1.98 -23.89
N ARG B 223 27.27 2.18 -22.86
CA ARG B 223 27.85 1.09 -22.11
C ARG B 223 27.78 1.41 -20.62
N VAL B 224 28.01 0.42 -19.77
CA VAL B 224 28.28 0.70 -18.38
C VAL B 224 29.77 1.11 -18.25
N SER B 225 30.04 2.13 -17.44
CA SER B 225 31.42 2.42 -17.01
C SER B 225 31.40 2.90 -15.56
N SER B 226 32.58 3.11 -14.97
CA SER B 226 32.67 3.45 -13.54
C SER B 226 32.16 4.87 -13.20
N SER B 227 31.53 4.99 -12.02
CA SER B 227 31.02 6.26 -11.50
C SER B 227 32.06 7.02 -10.67
N ASN B 228 33.32 6.57 -10.70
CA ASN B 228 34.40 7.37 -10.13
C ASN B 228 35.14 8.12 -11.23
N ASP B 229 34.55 8.08 -12.42
CA ASP B 229 34.66 9.16 -13.41
C ASP B 229 33.57 10.14 -12.95
N GLN B 230 33.97 11.35 -12.59
CA GLN B 230 33.14 12.18 -11.70
C GLN B 230 32.32 13.30 -12.35
N ASN B 231 32.95 14.03 -13.27
CA ASN B 231 32.26 15.07 -14.03
C ASN B 231 32.08 14.66 -15.47
N ASN B 232 31.29 13.59 -15.66
CA ASN B 232 30.83 13.24 -16.97
C ASN B 232 29.31 13.29 -16.95
N ASP B 233 28.75 14.31 -17.60
CA ASP B 233 27.31 14.46 -17.71
C ASP B 233 26.69 13.30 -18.49
N ALA B 234 27.49 12.69 -19.36
CA ALA B 234 27.07 11.53 -20.12
C ALA B 234 26.70 10.31 -19.23
N GLN B 235 27.04 10.37 -17.95
CA GLN B 235 26.71 9.31 -17.00
C GLN B 235 25.33 9.53 -16.38
N TYR B 236 24.76 10.71 -16.61
CA TYR B 236 23.55 11.12 -15.92
C TYR B 236 22.37 11.24 -16.89
N TRP B 237 21.17 11.01 -16.38
CA TRP B 237 19.97 10.98 -17.23
C TRP B 237 18.78 11.72 -16.64
N LEU B 238 17.96 12.29 -17.53
CA LEU B 238 16.64 12.79 -17.17
C LEU B 238 15.62 11.66 -17.40
N ILE B 239 14.73 11.46 -16.44
CA ILE B 239 13.70 10.44 -16.56
C ILE B 239 12.32 11.08 -16.51
N ASN B 240 11.64 11.13 -17.65
CA ASN B 240 10.40 11.87 -17.80
C ASN B 240 9.25 10.92 -18.05
N PRO B 241 8.19 11.02 -17.23
CA PRO B 241 7.02 10.13 -17.39
C PRO B 241 6.31 10.39 -18.72
N VAL B 242 5.74 9.33 -19.28
CA VAL B 242 4.87 9.43 -20.44
C VAL B 242 3.43 9.56 -19.95
N SER B 243 2.67 10.52 -20.47
CA SER B 243 1.29 10.72 -20.03
C SER B 243 0.41 9.46 -20.08
N ASP B 244 -0.55 9.38 -19.16
CA ASP B 244 -1.52 8.28 -19.06
C ASP B 244 -0.95 6.98 -18.53
N THR B 245 0.36 6.93 -18.33
CA THR B 245 0.99 5.70 -17.91
C THR B 245 1.58 5.82 -16.50
N ASP B 246 1.61 4.69 -15.81
CA ASP B 246 2.19 4.58 -14.47
C ASP B 246 3.66 4.16 -14.47
N GLU B 247 4.10 3.49 -15.53
CA GLU B 247 5.46 2.92 -15.52
C GLU B 247 6.33 3.31 -16.72
N THR B 248 5.81 4.13 -17.62
CA THR B 248 6.51 4.34 -18.89
C THR B 248 7.25 5.67 -18.88
N TYR B 249 8.52 5.65 -19.31
CA TYR B 249 9.36 6.84 -19.26
C TYR B 249 10.15 6.99 -20.54
N THR B 250 10.48 8.25 -20.85
CA THR B 250 11.56 8.54 -21.79
C THR B 250 12.78 8.90 -20.95
N ILE B 251 13.95 8.49 -21.42
CA ILE B 251 15.19 8.62 -20.67
C ILE B 251 16.22 9.36 -21.53
N THR B 252 16.54 10.60 -21.14
CA THR B 252 17.41 11.45 -21.96
C THR B 252 18.74 11.79 -21.29
N ASN B 253 19.80 11.91 -22.10
CA ASN B 253 21.13 12.08 -21.55
C ASN B 253 21.42 13.52 -21.13
N LEU B 254 22.06 13.69 -19.97
CA LEU B 254 22.33 15.01 -19.41
C LEU B 254 23.32 15.84 -20.26
N ARG B 255 24.25 15.16 -20.93
CA ARG B 255 25.24 15.85 -21.78
C ARG B 255 24.54 16.57 -22.92
N ASP B 256 23.56 15.91 -23.52
CA ASP B 256 22.79 16.46 -24.62
C ASP B 256 21.41 15.86 -24.50
N THR B 257 20.47 16.66 -24.00
CA THR B 257 19.12 16.18 -23.68
C THR B 257 18.28 15.79 -24.91
N THR B 258 18.82 16.08 -26.10
CA THR B 258 18.18 15.68 -27.35
C THR B 258 18.47 14.21 -27.64
N LYS B 259 19.35 13.62 -26.85
CA LYS B 259 19.73 12.23 -27.01
C LYS B 259 18.93 11.37 -26.03
N ALA B 260 18.12 10.46 -26.58
CA ALA B 260 17.25 9.63 -25.76
C ALA B 260 17.73 8.18 -25.82
N LEU B 261 17.57 7.48 -24.70
CA LEU B 261 17.82 6.03 -24.70
C LEU B 261 16.92 5.42 -25.77
N ASP B 262 17.51 4.56 -26.60
CA ASP B 262 16.90 4.17 -27.87
C ASP B 262 17.14 2.70 -28.12
N LEU B 263 16.09 1.97 -28.47
CA LEU B 263 16.22 0.56 -28.84
C LEU B 263 16.54 0.51 -30.34
N TYR B 264 17.71 -0.02 -30.67
CA TYR B 264 18.22 0.01 -32.04
C TYR B 264 17.24 -0.59 -33.03
N GLY B 265 16.78 0.23 -33.97
CA GLY B 265 15.89 -0.19 -35.03
C GLY B 265 14.44 -0.40 -34.59
N GLY B 266 14.23 -0.50 -33.28
CA GLY B 266 12.97 -1.00 -32.76
C GLY B 266 12.95 -2.52 -32.84
N GLN B 267 14.15 -3.10 -33.03
CA GLN B 267 14.29 -4.55 -33.11
C GLN B 267 14.23 -5.15 -31.71
N THR B 268 13.61 -6.33 -31.61
CA THR B 268 13.27 -6.88 -30.29
C THR B 268 14.01 -8.21 -30.00
N ALA B 269 14.77 -8.66 -31.00
CA ALA B 269 15.61 -9.85 -30.90
C ALA B 269 16.59 -9.77 -29.73
N ASN B 270 16.95 -10.94 -29.17
CA ASN B 270 18.00 -11.04 -28.16
C ASN B 270 19.35 -10.53 -28.68
N GLY B 271 19.99 -9.64 -27.92
CA GLY B 271 21.29 -9.12 -28.29
C GLY B 271 21.19 -7.70 -28.83
N THR B 272 20.06 -7.35 -29.41
CA THR B 272 19.80 -6.00 -29.92
C THR B 272 20.47 -4.87 -29.13
N ALA B 273 21.09 -3.93 -29.84
CA ALA B 273 21.80 -2.82 -29.20
C ALA B 273 20.88 -1.85 -28.46
N ILE B 274 21.34 -1.39 -27.30
CA ILE B 274 20.74 -0.25 -26.66
C ILE B 274 21.72 0.89 -26.93
N GLN B 275 21.20 2.03 -27.36
CA GLN B 275 22.06 3.12 -27.78
C GLN B 275 21.38 4.41 -27.39
N VAL B 276 21.95 5.53 -27.80
CA VAL B 276 21.21 6.79 -27.77
C VAL B 276 20.90 7.20 -29.20
N PHE B 277 19.82 7.95 -29.36
CA PHE B 277 19.46 8.49 -30.67
C PHE B 277 18.75 9.81 -30.45
N ASN B 278 18.75 10.66 -31.47
CA ASN B 278 17.98 11.90 -31.41
C ASN B 278 16.53 11.60 -31.02
N TYR B 279 15.99 12.41 -30.12
CA TYR B 279 14.68 12.12 -29.56
C TYR B 279 13.56 12.44 -30.56
N HIS B 280 12.66 11.47 -30.78
CA HIS B 280 11.45 11.72 -31.55
C HIS B 280 10.19 11.21 -30.83
N GLY B 281 10.39 10.44 -29.76
CA GLY B 281 9.29 9.94 -28.96
C GLY B 281 8.57 8.75 -29.56
N ASP B 282 9.24 8.05 -30.47
CA ASP B 282 8.68 6.82 -31.03
C ASP B 282 8.68 5.75 -29.96
N ASP B 283 7.99 4.65 -30.22
CA ASP B 283 7.84 3.58 -29.22
C ASP B 283 9.16 2.94 -28.80
N ASN B 284 10.16 2.98 -29.68
CA ASN B 284 11.49 2.44 -29.36
C ASN B 284 12.33 3.39 -28.49
N GLN B 285 11.75 4.52 -28.11
CA GLN B 285 12.42 5.42 -27.15
C GLN B 285 11.62 5.51 -25.84
N LYS B 286 10.67 4.59 -25.64
CA LYS B 286 9.89 4.54 -24.40
C LYS B 286 10.20 3.29 -23.58
N TRP B 287 10.31 3.46 -22.27
CA TRP B 287 10.81 2.43 -21.38
C TRP B 287 9.93 2.24 -20.16
N ASN B 288 9.61 0.98 -19.87
CA ASN B 288 8.96 0.66 -18.60
C ASN B 288 9.97 0.35 -17.50
N ILE B 289 9.89 1.12 -16.44
CA ILE B 289 10.75 0.95 -15.29
C ILE B 289 9.88 0.30 -14.23
N ARG B 290 10.27 -0.90 -13.82
CA ARG B 290 9.37 -1.75 -13.07
C ARG B 290 10.06 -2.46 -11.94
N ASN B 291 9.28 -2.78 -10.91
CA ASN B 291 9.70 -3.72 -9.90
C ASN B 291 10.15 -5.03 -10.53
N PRO B 292 11.33 -5.51 -10.13
CA PRO B 292 11.68 -6.90 -10.40
C PRO B 292 10.75 -7.81 -9.57
N PRO B 293 10.04 -8.72 -10.24
CA PRO B 293 9.13 -9.64 -9.55
C PRO B 293 9.83 -10.55 -8.54
N LEU C 9 -10.40 25.02 44.42
CA LEU C 9 -9.17 25.76 44.67
C LEU C 9 -9.45 26.95 45.61
N PRO C 10 -9.07 26.83 46.89
CA PRO C 10 -9.41 27.91 47.82
C PRO C 10 -8.75 29.28 47.54
N ASN C 11 -9.41 30.35 47.94
CA ASN C 11 -8.87 31.69 47.78
C ASN C 11 -7.61 31.89 48.60
N GLY C 12 -6.64 32.61 48.08
CA GLY C 12 -5.47 32.91 48.89
C GLY C 12 -4.18 33.09 48.09
N ASN C 13 -3.08 33.10 48.84
CA ASN C 13 -1.75 33.30 48.29
C ASN C 13 -1.07 31.97 47.95
N TYR C 14 -0.51 31.89 46.74
CA TYR C 14 0.12 30.68 46.23
C TYR C 14 1.49 31.00 45.63
N ASN C 15 2.41 30.05 45.64
CA ASN C 15 3.54 30.09 44.70
C ASN C 15 3.07 29.37 43.44
N ILE C 16 3.61 29.73 42.28
CA ILE C 16 3.28 29.00 41.05
C ILE C 16 4.52 28.44 40.37
N LYS C 17 4.46 27.14 40.09
CA LYS C 17 5.59 26.38 39.61
C LYS C 17 5.19 25.56 38.39
N SER C 18 6.17 25.32 37.53
CA SER C 18 6.06 24.38 36.42
C SER C 18 6.41 22.98 36.92
N ILE C 19 5.73 21.97 36.41
CA ILE C 19 6.09 20.60 36.80
C ILE C 19 7.53 20.22 36.39
N PHE C 20 8.16 21.02 35.53
CA PHE C 20 9.54 20.75 35.14
C PHE C 20 10.55 21.04 36.25
N SER C 21 10.13 21.82 37.23
CA SER C 21 11.05 22.25 38.29
C SER C 21 10.38 22.63 39.61
N GLY C 22 10.86 22.03 40.70
CA GLY C 22 10.34 22.33 42.02
C GLY C 22 11.08 23.47 42.69
N SER C 23 12.05 24.08 41.99
CA SER C 23 12.87 25.12 42.59
C SER C 23 12.80 26.42 41.79
N LEU C 24 11.85 26.52 40.87
CA LEU C 24 11.70 27.76 40.10
C LEU C 24 10.29 28.32 40.26
N TYR C 25 10.21 29.64 40.44
CA TYR C 25 8.97 30.27 40.87
C TYR C 25 8.56 31.39 39.93
N LEU C 26 7.27 31.41 39.59
CA LEU C 26 6.70 32.42 38.69
C LEU C 26 6.86 33.81 39.26
N ASN C 27 7.47 34.69 38.48
CA ASN C 27 7.49 36.12 38.80
C ASN C 27 7.59 36.99 37.54
N PRO C 28 7.16 38.27 37.64
CA PRO C 28 7.35 39.16 36.49
C PRO C 28 8.83 39.53 36.34
N VAL C 29 9.28 39.62 35.09
CA VAL C 29 10.62 40.13 34.77
C VAL C 29 10.45 41.04 33.56
N SER C 30 10.66 42.34 33.78
CA SER C 30 10.22 43.37 32.83
C SER C 30 8.73 43.17 32.57
N LYS C 31 8.31 43.07 31.31
CA LYS C 31 6.87 42.84 31.05
C LYS C 31 6.54 41.37 30.83
N SER C 32 7.49 40.48 31.04
CA SER C 32 7.22 39.05 30.86
C SER C 32 7.00 38.33 32.19
N LEU C 33 6.52 37.09 32.10
CA LEU C 33 6.41 36.22 33.26
C LEU C 33 7.40 35.07 33.05
N THR C 34 8.14 34.74 34.09
CA THR C 34 9.14 33.68 33.99
C THR C 34 9.28 32.96 35.34
N PHE C 35 9.93 31.80 35.33
CA PHE C 35 10.13 31.04 36.56
C PHE C 35 11.58 31.20 36.98
N SER C 36 11.79 31.69 38.20
CA SER C 36 13.13 32.06 38.67
C SER C 36 13.49 31.42 40.01
N ASN C 37 14.74 31.60 40.43
CA ASN C 37 15.17 31.12 41.73
C ASN C 37 14.30 31.71 42.83
N GLU C 38 14.12 30.93 43.91
CA GLU C 38 13.34 31.35 45.06
C GLU C 38 13.89 32.67 45.60
N SER C 39 13.00 33.64 45.80
CA SER C 39 13.41 34.97 46.28
C SER C 39 12.87 35.24 47.68
N SER C 40 11.80 34.52 48.05
CA SER C 40 11.07 34.76 49.30
C SER C 40 10.41 36.15 49.32
N ALA C 41 10.35 36.79 48.16
CA ALA C 41 9.77 38.13 48.03
C ALA C 41 8.30 38.04 47.62
N ASN C 42 7.59 39.16 47.77
CA ASN C 42 6.19 39.27 47.37
C ASN C 42 5.93 39.02 45.88
N ASN C 43 6.92 39.31 45.03
CA ASN C 43 6.73 39.14 43.60
C ASN C 43 6.64 37.68 43.16
N GLN C 44 6.91 36.75 44.06
CA GLN C 44 6.66 35.33 43.75
C GLN C 44 5.38 34.83 44.42
N LYS C 45 4.61 35.74 45.00
CA LYS C 45 3.37 35.36 45.66
C LYS C 45 2.16 35.82 44.84
N TRP C 46 1.18 34.93 44.67
CA TRP C 46 0.04 35.18 43.78
C TRP C 46 -1.28 34.99 44.52
N ASN C 47 -2.13 36.01 44.47
CA ASN C 47 -3.41 35.97 45.20
C ASN C 47 -4.51 35.43 44.30
N VAL C 48 -4.97 34.23 44.59
CA VAL C 48 -5.98 33.60 43.73
C VAL C 48 -7.38 33.89 44.27
N GLU C 49 -8.25 34.47 43.45
CA GLU C 49 -9.60 34.80 43.90
C GLU C 49 -10.65 34.22 42.98
N TYR C 50 -11.56 33.43 43.53
CA TYR C 50 -12.63 32.86 42.73
C TYR C 50 -13.68 33.91 42.39
N MET C 51 -14.14 33.90 41.15
CA MET C 51 -15.20 34.81 40.74
C MET C 51 -16.49 34.05 40.49
N ALA C 52 -17.46 34.20 41.40
CA ALA C 52 -18.69 33.42 41.35
C ALA C 52 -19.50 33.57 40.05
N GLU C 53 -19.57 34.79 39.51
CA GLU C 53 -20.47 35.04 38.39
C GLU C 53 -20.08 34.23 37.14
N ASN C 54 -18.78 34.09 36.89
CA ASN C 54 -18.29 33.39 35.69
C ASN C 54 -17.55 32.09 36.00
N ARG C 55 -17.46 31.75 37.28
CA ARG C 55 -16.82 30.51 37.73
C ARG C 55 -15.35 30.40 37.35
N CYS C 56 -14.69 31.55 37.29
CA CYS C 56 -13.28 31.60 36.99
C CYS C 56 -12.47 32.23 38.11
N PHE C 57 -11.16 32.34 37.88
CA PHE C 57 -10.25 32.83 38.90
C PHE C 57 -9.49 34.00 38.34
N LYS C 58 -9.36 35.04 39.16
CA LYS C 58 -8.39 36.08 38.85
C LYS C 58 -7.21 35.95 39.82
N ILE C 59 -6.02 36.25 39.31
CA ILE C 59 -4.77 35.95 40.01
C ILE C 59 -3.86 37.17 39.95
N SER C 60 -3.71 37.86 41.08
CA SER C 60 -2.97 39.09 41.15
C SER C 60 -1.62 38.88 41.83
N ASN C 61 -0.65 39.70 41.49
CA ASN C 61 0.68 39.61 42.12
C ASN C 61 0.64 40.36 43.45
N VAL C 62 1.01 39.69 44.53
CA VAL C 62 1.01 40.31 45.86
C VAL C 62 1.85 41.61 45.90
N ALA C 63 2.93 41.66 45.13
CA ALA C 63 3.79 42.85 45.17
C ALA C 63 3.14 44.02 44.44
N GLU C 64 2.26 43.69 43.49
CA GLU C 64 1.54 44.70 42.71
C GLU C 64 0.10 44.23 42.65
N PRO C 65 -0.67 44.48 43.73
CA PRO C 65 -1.97 43.83 43.90
C PRO C 65 -3.05 44.35 42.96
N ASN C 66 -2.80 45.44 42.24
CA ASN C 66 -3.77 45.88 41.25
C ASN C 66 -3.43 45.40 39.82
N LYS C 67 -2.45 44.50 39.73
CA LYS C 67 -2.07 43.90 38.46
C LYS C 67 -2.38 42.39 38.45
N TYR C 68 -3.00 41.92 37.37
CA TYR C 68 -3.42 40.52 37.29
C TYR C 68 -2.74 39.78 36.13
N LEU C 69 -2.64 38.46 36.24
CA LEU C 69 -2.20 37.66 35.10
C LEU C 69 -3.22 37.78 33.98
N SER C 70 -2.71 38.13 32.82
CA SER C 70 -3.53 38.44 31.65
C SER C 70 -2.75 37.91 30.44
N TYR C 71 -3.12 38.33 29.23
CA TYR C 71 -2.29 37.99 28.07
C TYR C 71 -2.30 39.11 27.03
N ASP C 72 -1.23 39.22 26.23
CA ASP C 72 -1.14 40.34 25.31
C ASP C 72 -1.51 39.89 23.89
N ASN C 73 -1.37 40.80 22.91
CA ASN C 73 -1.69 40.45 21.52
C ASN C 73 -0.56 39.75 20.78
N PHE C 74 0.41 39.23 21.53
CA PHE C 74 1.66 38.70 20.94
C PHE C 74 1.92 37.28 21.39
N GLY C 75 0.98 36.75 22.18
CA GLY C 75 1.07 35.38 22.66
C GLY C 75 1.73 35.20 24.01
N PHE C 76 2.09 36.32 24.69
CA PHE C 76 2.70 36.24 26.01
C PHE C 76 1.66 36.40 27.13
N ILE C 77 1.85 35.69 28.24
CA ILE C 77 1.17 36.06 29.47
C ILE C 77 1.74 37.42 29.93
N SER C 78 0.88 38.24 30.54
CA SER C 78 1.30 39.55 31.02
C SER C 78 0.71 39.84 32.39
N LEU C 79 1.13 40.97 32.95
CA LEU C 79 0.62 41.42 34.23
C LEU C 79 -0.08 42.74 33.94
N ASP C 80 -1.42 42.76 33.89
CA ASP C 80 -2.10 43.99 33.52
C ASP C 80 -3.23 44.35 34.46
N SER C 81 -3.86 45.51 34.23
CA SER C 81 -5.04 45.83 35.02
C SER C 81 -6.21 44.93 34.60
N LEU C 82 -7.26 44.93 35.41
CA LEU C 82 -8.36 44.01 35.23
C LEU C 82 -9.09 44.17 33.89
N SER C 83 -9.41 43.03 33.28
CA SER C 83 -10.13 42.96 32.02
C SER C 83 -10.59 41.51 31.88
N ASN C 84 -11.40 41.20 30.87
CA ASN C 84 -11.83 39.79 30.68
C ASN C 84 -10.69 38.84 30.33
N ARG C 85 -9.54 39.40 29.97
CA ARG C 85 -8.36 38.60 29.75
C ARG C 85 -7.72 38.06 31.03
N CYS C 86 -8.20 38.52 32.20
CA CYS C 86 -7.65 38.13 33.50
C CYS C 86 -8.35 36.94 34.17
N TYR C 87 -9.32 36.34 33.46
CA TYR C 87 -10.14 35.26 34.02
C TYR C 87 -9.58 33.91 33.58
N TRP C 88 -9.21 33.07 34.54
CA TRP C 88 -8.60 31.80 34.20
C TRP C 88 -9.49 30.64 34.62
N PHE C 89 -9.51 29.60 33.80
CA PHE C 89 -10.36 28.44 34.03
C PHE C 89 -9.45 27.23 34.21
N PRO C 90 -9.24 26.81 35.46
CA PRO C 90 -8.24 25.76 35.72
C PRO C 90 -8.85 24.40 35.57
N ILE C 91 -8.01 23.45 35.20
CA ILE C 91 -8.39 22.06 35.19
C ILE C 91 -7.41 21.34 36.07
N LYS C 92 -7.91 20.86 37.20
CA LYS C 92 -7.09 20.16 38.17
C LYS C 92 -6.87 18.72 37.70
N ILE C 93 -5.61 18.34 37.56
CA ILE C 93 -5.29 17.02 37.00
C ILE C 93 -4.49 16.14 37.95
N ALA C 94 -4.13 16.70 39.08
CA ALA C 94 -3.44 16.00 40.14
C ALA C 94 -3.45 16.85 41.39
N VAL C 95 -2.76 16.44 42.43
CA VAL C 95 -2.92 17.05 43.76
C VAL C 95 -3.05 18.57 43.77
N ASN C 96 -2.02 19.23 43.31
CA ASN C 96 -2.15 20.64 43.09
C ASN C 96 -1.46 20.99 41.81
N THR C 97 -1.79 20.19 40.84
CA THR C 97 -1.37 20.38 39.45
C THR C 97 -2.56 20.80 38.59
N TYR C 98 -2.36 21.82 37.77
CA TYR C 98 -3.42 22.42 36.99
C TYR C 98 -2.99 22.76 35.58
N ILE C 99 -3.98 22.70 34.68
CA ILE C 99 -3.86 23.35 33.40
C ILE C 99 -4.70 24.61 33.51
N MET C 100 -4.15 25.73 33.02
CA MET C 100 -4.83 27.01 33.18
C MET C 100 -5.33 27.52 31.84
N LEU C 101 -6.63 27.37 31.59
CA LEU C 101 -7.17 27.84 30.33
C LEU C 101 -7.54 29.30 30.50
N SER C 102 -7.41 30.08 29.44
CA SER C 102 -8.12 31.34 29.35
C SER C 102 -9.64 31.08 29.42
N LEU C 103 -10.38 31.92 30.14
CA LEU C 103 -11.86 31.81 30.13
C LEU C 103 -12.41 31.92 28.69
N ASN C 104 -12.00 32.96 27.97
CA ASN C 104 -12.40 33.18 26.57
C ASN C 104 -11.78 32.12 25.64
N LYS C 105 -12.57 31.59 24.70
CA LYS C 105 -11.96 30.89 23.56
C LYS C 105 -11.06 31.92 22.84
N VAL C 106 -9.90 31.48 22.37
CA VAL C 106 -9.03 32.38 21.62
C VAL C 106 -8.82 31.75 20.27
N ASN C 107 -9.09 32.49 19.20
CA ASN C 107 -9.00 31.95 17.84
C ASN C 107 -9.85 30.69 17.78
N GLU C 108 -11.02 30.78 18.43
CA GLU C 108 -12.00 29.70 18.64
C GLU C 108 -11.46 28.34 19.12
N LEU C 109 -10.43 28.40 19.96
CA LEU C 109 -9.87 27.22 20.62
C LEU C 109 -9.73 27.50 22.11
N ASP C 110 -9.54 26.45 22.89
CA ASP C 110 -9.02 26.64 24.22
C ASP C 110 -7.54 27.04 24.11
N TYR C 111 -7.14 28.05 24.89
CA TYR C 111 -5.73 28.46 24.99
C TYR C 111 -5.31 28.37 26.46
N ALA C 112 -4.05 28.03 26.70
CA ALA C 112 -3.61 27.73 28.04
C ALA C 112 -2.20 28.30 28.31
N TRP C 113 -1.89 28.53 29.57
CA TRP C 113 -0.50 28.85 29.93
C TRP C 113 0.41 27.73 29.37
N ASP C 114 1.54 28.11 28.81
CA ASP C 114 2.44 27.13 28.21
C ASP C 114 3.86 27.62 28.41
N ILE C 115 4.72 26.77 28.95
CA ILE C 115 6.11 27.13 29.16
C ILE C 115 6.97 26.15 28.36
N TYR C 116 7.80 26.69 27.47
CA TYR C 116 8.65 25.87 26.61
C TYR C 116 9.80 25.30 27.43
N ASP C 117 10.19 24.06 27.14
CA ASP C 117 11.31 23.44 27.83
C ASP C 117 12.32 22.91 26.82
N THR C 118 13.59 22.97 27.19
CA THR C 118 14.64 22.30 26.42
C THR C 118 15.20 21.20 27.30
N ASN C 119 14.81 19.96 27.04
CA ASN C 119 15.12 18.83 27.91
C ASN C 119 14.77 19.15 29.37
N GLU C 120 13.56 19.67 29.57
CA GLU C 120 12.99 19.96 30.89
C GLU C 120 13.58 21.19 31.58
N ASN C 121 14.42 21.93 30.86
CA ASN C 121 14.99 23.17 31.36
C ASN C 121 14.13 24.33 30.89
N ILE C 122 13.58 25.10 31.84
CA ILE C 122 12.75 26.26 31.49
C ILE C 122 13.40 27.62 31.83
N LEU C 123 14.66 27.63 32.27
CA LEU C 123 15.33 28.90 32.66
C LEU C 123 15.19 29.97 31.56
N SER C 124 14.75 31.17 31.96
CA SER C 124 14.66 32.34 31.08
C SER C 124 13.57 32.25 30.00
N GLN C 125 12.74 31.20 30.03
CA GLN C 125 11.63 31.14 29.10
C GLN C 125 10.47 32.03 29.59
N PRO C 126 9.82 32.72 28.67
CA PRO C 126 8.62 33.48 29.09
C PRO C 126 7.41 32.56 29.06
N LEU C 127 6.46 32.80 29.95
CA LEU C 127 5.23 32.03 29.94
C LEU C 127 4.35 32.55 28.80
N LEU C 128 3.89 31.64 27.95
CA LEU C 128 3.09 32.02 26.78
C LEU C 128 1.63 31.54 26.92
N LEU C 129 0.78 31.96 26.01
CA LEU C 129 -0.60 31.44 25.96
C LEU C 129 -0.74 30.69 24.64
N LEU C 130 -0.91 29.37 24.69
CA LEU C 130 -0.89 28.59 23.44
C LEU C 130 -2.06 27.61 23.39
N PRO C 131 -2.38 27.09 22.17
CA PRO C 131 -3.57 26.22 22.12
C PRO C 131 -3.51 25.02 23.08
N ASN C 132 -4.68 24.65 23.61
CA ASN C 132 -4.77 23.45 24.43
C ASN C 132 -5.69 22.44 23.79
N PHE C 133 -5.30 21.16 23.80
CA PHE C 133 -6.11 20.12 23.19
C PHE C 133 -6.54 19.02 24.17
N ASP C 134 -5.82 18.88 25.29
CA ASP C 134 -6.11 17.76 26.18
C ASP C 134 -5.37 17.99 27.48
N ILE C 135 -5.39 17.02 28.37
CA ILE C 135 -4.75 17.22 29.67
C ILE C 135 -3.35 16.60 29.81
N TYR C 136 -2.68 16.31 28.70
CA TYR C 136 -1.44 15.55 28.80
C TYR C 136 -0.19 16.34 28.41
N ASN C 137 -0.37 17.60 28.03
CA ASN C 137 0.75 18.44 27.62
C ASN C 137 1.50 18.95 28.86
N SER C 138 2.67 18.37 29.12
CA SER C 138 3.56 18.75 30.23
C SER C 138 3.94 20.23 30.29
N ASN C 139 4.05 20.85 29.13
CA ASN C 139 4.33 22.28 29.05
C ASN C 139 3.17 23.15 29.49
N GLN C 140 2.04 22.51 29.79
CA GLN C 140 0.84 23.25 30.18
C GLN C 140 0.42 22.94 31.62
N MET C 141 1.28 22.22 32.32
CA MET C 141 0.95 21.77 33.66
C MET C 141 1.68 22.62 34.71
N PHE C 142 0.92 23.10 35.69
CA PHE C 142 1.49 24.01 36.66
C PHE C 142 1.06 23.65 38.07
N LYS C 143 1.98 23.88 39.01
CA LYS C 143 1.68 23.62 40.41
C LYS C 143 1.31 24.91 41.11
N LEU C 144 0.20 24.85 41.84
CA LEU C 144 -0.19 25.95 42.69
C LEU C 144 0.02 25.51 44.14
N GLU C 145 1.00 26.12 44.80
CA GLU C 145 1.34 25.72 46.15
C GLU C 145 0.97 26.83 47.12
N LYS C 146 0.02 26.53 47.99
CA LYS C 146 -0.51 27.47 48.96
C LYS C 146 0.58 27.91 49.94
N ILE C 147 0.84 29.21 49.99
CA ILE C 147 1.86 29.82 50.85
C ILE C 147 1.90 31.34 50.63
N ASN D 8 24.92 25.90 3.70
CA ASN D 8 25.92 26.00 2.64
C ASN D 8 25.38 26.74 1.42
N SER D 9 24.63 27.81 1.69
CA SER D 9 24.12 28.68 0.63
C SER D 9 24.00 30.11 1.16
N LEU D 10 23.54 30.22 2.41
CA LEU D 10 23.50 31.52 3.07
C LEU D 10 24.68 31.66 4.02
N ASN D 11 25.31 30.54 4.36
CA ASN D 11 26.39 30.57 5.35
C ASN D 11 27.47 31.54 4.91
N ASP D 12 27.88 32.37 5.86
CA ASP D 12 28.94 33.35 5.67
C ASP D 12 28.55 34.53 4.78
N LYS D 13 27.32 34.52 4.27
CA LYS D 13 26.85 35.62 3.42
C LYS D 13 26.60 36.86 4.26
N ILE D 14 27.00 38.01 3.72
CA ILE D 14 26.72 39.29 4.37
C ILE D 14 25.49 39.89 3.71
N VAL D 15 24.48 40.19 4.51
CA VAL D 15 23.17 40.54 3.97
C VAL D 15 22.64 41.79 4.65
N THR D 16 21.64 42.42 4.04
CA THR D 16 20.75 43.33 4.77
C THR D 16 19.45 42.57 5.02
N ILE D 17 18.74 42.99 6.06
CA ILE D 17 17.45 42.41 6.41
C ILE D 17 16.46 43.55 6.52
N SER D 18 15.43 43.54 5.67
CA SER D 18 14.40 44.56 5.75
C SER D 18 13.01 43.97 5.97
N CYS D 19 12.03 44.84 6.23
CA CYS D 19 10.69 44.41 6.64
C CYS D 19 9.77 44.31 5.44
N LYS D 20 9.09 43.16 5.33
CA LYS D 20 8.04 43.03 4.34
C LYS D 20 6.90 44.00 4.67
N ALA D 21 6.68 44.28 5.95
CA ALA D 21 5.60 45.23 6.31
C ALA D 21 5.97 46.68 5.95
N ASP D 22 7.27 46.94 5.76
CA ASP D 22 7.79 48.25 5.33
C ASP D 22 9.20 48.09 4.75
N THR D 23 9.28 47.97 3.43
CA THR D 23 10.55 47.63 2.76
C THR D 23 11.58 48.75 2.83
N ASN D 24 11.19 49.89 3.37
CA ASN D 24 12.17 50.95 3.60
C ASN D 24 12.83 50.88 4.97
N LEU D 25 12.42 49.91 5.79
CA LEU D 25 13.05 49.75 7.10
C LEU D 25 13.95 48.52 7.18
N PHE D 26 15.18 48.74 7.65
CA PHE D 26 16.23 47.72 7.70
C PHE D 26 16.68 47.47 9.16
N PHE D 27 17.15 46.25 9.48
CA PHE D 27 17.75 45.98 10.79
C PHE D 27 19.02 46.84 10.91
N TYR D 28 19.09 47.63 11.98
CA TYR D 28 20.16 48.62 12.16
C TYR D 28 20.74 48.44 13.56
N GLN D 29 22.06 48.51 13.67
CA GLN D 29 22.77 48.17 14.90
C GLN D 29 23.70 49.32 15.26
N VAL D 30 23.65 49.78 16.50
CA VAL D 30 24.66 50.70 17.05
C VAL D 30 24.80 50.38 18.53
N ALA D 31 26.01 50.06 18.97
CA ALA D 31 26.31 49.88 20.39
C ALA D 31 25.39 48.96 21.17
N GLY D 32 25.01 47.82 20.57
CA GLY D 32 24.26 46.81 21.29
C GLY D 32 22.77 46.99 21.13
N ASN D 33 22.41 48.09 20.48
CA ASN D 33 21.00 48.40 20.28
C ASN D 33 20.55 48.11 18.84
N VAL D 34 19.46 47.37 18.70
CA VAL D 34 18.94 47.02 17.40
C VAL D 34 17.65 47.77 17.15
N SER D 35 17.57 48.44 16.01
CA SER D 35 16.35 49.16 15.64
C SER D 35 16.06 48.98 14.16
N LEU D 36 14.97 49.59 13.71
CA LEU D 36 14.59 49.54 12.32
C LEU D 36 14.77 50.95 11.74
N PHE D 37 15.53 51.08 10.66
CA PHE D 37 15.96 52.40 10.19
C PHE D 37 15.99 52.42 8.65
N GLN D 38 15.87 53.61 8.06
CA GLN D 38 15.95 53.73 6.62
C GLN D 38 17.29 53.22 6.05
N GLN D 39 17.38 53.10 4.73
CA GLN D 39 18.54 52.44 4.11
C GLN D 39 19.78 53.31 4.28
N THR D 40 20.87 52.72 4.77
CA THR D 40 22.15 53.45 4.96
C THR D 40 23.25 53.07 3.98
N ARG D 41 23.11 51.89 3.37
CA ARG D 41 24.14 51.36 2.47
C ARG D 41 25.52 51.37 3.12
N ASN D 42 25.57 50.95 4.38
CA ASN D 42 26.85 50.84 5.08
C ASN D 42 26.77 49.70 6.09
N TYR D 43 27.83 49.51 6.86
CA TYR D 43 27.96 48.34 7.72
C TYR D 43 26.96 48.31 8.88
N LEU D 44 26.32 49.45 9.17
CA LEU D 44 25.38 49.51 10.29
C LEU D 44 24.17 48.63 10.02
N GLU D 45 23.92 48.36 8.74
CA GLU D 45 22.77 47.53 8.33
C GLU D 45 23.21 46.23 7.66
N ARG D 46 24.48 45.86 7.87
CA ARG D 46 24.98 44.60 7.31
C ARG D 46 25.18 43.53 8.38
N TRP D 47 24.85 42.30 8.03
CA TRP D 47 24.90 41.20 8.97
C TRP D 47 25.48 40.00 8.28
N ARG D 48 26.36 39.29 8.97
CA ARG D 48 26.85 38.01 8.45
C ARG D 48 26.02 36.87 9.05
N LEU D 49 25.52 36.00 8.17
CA LEU D 49 24.76 34.83 8.57
C LEU D 49 25.73 33.71 8.83
N ILE D 50 25.77 33.23 10.06
CA ILE D 50 26.76 32.22 10.41
C ILE D 50 26.05 30.92 10.77
N TYR D 51 26.20 29.91 9.90
CA TYR D 51 25.44 28.67 10.02
C TYR D 51 26.12 27.69 10.98
N ASP D 52 25.31 27.07 11.83
CA ASP D 52 25.73 25.94 12.65
C ASP D 52 24.97 24.73 12.11
N SER D 53 25.66 23.78 11.50
CA SER D 53 25.00 22.68 10.80
C SER D 53 24.31 21.68 11.74
N ASN D 54 24.79 21.56 12.97
CA ASN D 54 24.17 20.63 13.92
C ASN D 54 22.89 21.17 14.52
N LYS D 55 22.82 22.50 14.67
CA LYS D 55 21.59 23.15 15.11
C LYS D 55 20.63 23.44 13.96
N ALA D 56 21.12 23.37 12.73
CA ALA D 56 20.34 23.86 11.58
C ALA D 56 19.79 25.26 11.82
N ALA D 57 20.62 26.14 12.36
CA ALA D 57 20.22 27.48 12.71
C ALA D 57 21.40 28.44 12.52
N TYR D 58 21.14 29.75 12.58
CA TYR D 58 22.13 30.77 12.22
C TYR D 58 22.32 31.79 13.34
N LYS D 59 23.58 32.23 13.47
CA LYS D 59 23.86 33.47 14.18
C LYS D 59 23.78 34.60 13.19
N ILE D 60 23.29 35.74 13.66
CA ILE D 60 23.14 36.89 12.80
C ILE D 60 24.03 37.97 13.38
N LYS D 61 25.18 38.15 12.73
CA LYS D 61 26.29 38.92 13.32
C LYS D 61 26.50 40.28 12.67
N SER D 62 26.47 41.34 13.48
CA SER D 62 26.68 42.68 12.97
C SER D 62 28.06 42.87 12.34
N MET D 63 28.09 43.52 11.16
CA MET D 63 29.35 43.87 10.51
C MET D 63 29.93 45.18 11.04
N ASP D 64 29.49 45.60 12.22
CA ASP D 64 30.01 46.82 12.85
C ASP D 64 31.52 46.73 12.96
N ILE D 65 32.21 47.73 12.41
CA ILE D 65 33.67 47.75 12.33
C ILE D 65 34.39 48.09 13.65
N HIS D 66 33.63 48.52 14.65
CA HIS D 66 34.19 48.88 15.96
C HIS D 66 34.03 47.75 16.97
N ASN D 67 32.80 47.25 17.11
CA ASN D 67 32.58 46.05 17.89
C ASN D 67 32.22 44.90 16.97
N THR D 68 33.18 44.01 16.77
CA THR D 68 33.12 43.02 15.71
C THR D 68 32.49 41.70 16.13
N ASN D 69 32.13 41.58 17.41
CA ASN D 69 31.59 40.31 17.91
C ASN D 69 30.12 40.36 18.42
N LEU D 70 29.31 41.26 17.86
CA LEU D 70 27.93 41.42 18.32
C LEU D 70 26.97 40.60 17.45
N VAL D 71 26.10 39.82 18.09
CA VAL D 71 25.11 39.03 17.37
C VAL D 71 23.69 39.31 17.85
N LEU D 72 22.74 39.23 16.92
CA LEU D 72 21.34 39.39 17.24
C LEU D 72 20.93 38.39 18.34
N THR D 73 20.44 38.94 19.45
CA THR D 73 20.16 38.18 20.65
C THR D 73 18.74 38.45 21.14
N TRP D 74 18.04 37.37 21.48
CA TRP D 74 16.76 37.45 22.17
C TRP D 74 17.04 37.49 23.66
N ASN D 75 16.62 38.57 24.31
CA ASN D 75 16.81 38.69 25.74
C ASN D 75 15.71 37.95 26.52
N ALA D 76 15.63 36.64 26.33
CA ALA D 76 14.64 35.78 27.01
C ALA D 76 14.74 35.99 28.54
N PRO D 77 13.59 36.05 29.23
CA PRO D 77 12.23 35.79 28.73
C PRO D 77 11.51 37.03 28.23
N THR D 78 12.21 38.17 28.14
CA THR D 78 11.51 39.42 27.80
C THR D 78 11.12 39.49 26.32
N HIS D 79 10.37 40.51 25.95
CA HIS D 79 10.04 40.72 24.53
C HIS D 79 11.16 41.42 23.75
N ASN D 80 12.32 41.64 24.37
CA ASN D 80 13.32 42.47 23.72
C ASN D 80 14.42 41.75 22.95
N ILE D 81 14.82 42.39 21.85
CA ILE D 81 15.84 41.90 20.95
C ILE D 81 16.95 42.93 20.96
N SER D 82 18.19 42.50 21.10
CA SER D 82 19.32 43.42 21.09
C SER D 82 20.50 42.72 20.44
N THR D 83 21.64 43.41 20.39
CA THR D 83 22.87 42.73 20.03
C THR D 83 23.78 42.62 21.27
N GLN D 84 24.27 41.42 21.53
CA GLN D 84 25.13 41.14 22.67
C GLN D 84 26.37 40.43 22.13
N GLN D 85 27.44 40.41 22.91
CA GLN D 85 28.62 39.59 22.63
C GLN D 85 28.24 38.15 22.30
N ASP D 86 28.85 37.61 21.26
CA ASP D 86 28.65 36.23 20.84
C ASP D 86 29.16 35.27 21.91
N SER D 87 28.27 34.51 22.52
CA SER D 87 28.69 33.49 23.48
C SER D 87 28.15 32.15 23.00
N ASN D 88 27.77 32.10 21.73
CA ASN D 88 27.26 30.88 21.11
C ASN D 88 26.05 30.32 21.85
N ALA D 89 25.22 31.20 22.39
CA ALA D 89 24.12 30.77 23.24
C ALA D 89 22.87 30.53 22.41
N ASP D 90 22.01 29.64 22.90
CA ASP D 90 20.78 29.30 22.20
C ASP D 90 19.96 30.55 21.83
N ASN D 91 19.98 31.58 22.70
CA ASN D 91 19.20 32.78 22.40
C ASN D 91 19.89 33.65 21.34
N GLN D 92 20.97 33.15 20.75
CA GLN D 92 21.68 33.86 19.70
C GLN D 92 21.62 33.09 18.37
N TYR D 93 20.78 32.06 18.31
CA TYR D 93 20.60 31.30 17.10
C TYR D 93 19.16 31.42 16.60
N TRP D 94 19.02 31.42 15.28
CA TRP D 94 17.77 31.72 14.60
C TRP D 94 17.54 30.71 13.47
N LEU D 95 16.30 30.25 13.31
CA LEU D 95 15.98 29.42 12.15
C LEU D 95 15.55 30.40 11.07
N LEU D 96 16.14 30.27 9.90
CA LEU D 96 15.77 31.10 8.77
C LEU D 96 14.84 30.26 7.89
N LEU D 97 13.56 30.57 7.99
CA LEU D 97 12.54 29.81 7.28
C LEU D 97 12.06 30.62 6.10
N LYS D 98 12.36 30.15 4.89
CA LYS D 98 11.94 30.88 3.71
C LYS D 98 10.54 30.45 3.32
N ASP D 99 9.64 31.44 3.32
CA ASP D 99 8.25 31.27 2.90
C ASP D 99 8.18 31.24 1.37
N ILE D 100 8.14 30.04 0.82
CA ILE D 100 8.19 29.88 -0.64
C ILE D 100 6.95 30.46 -1.33
N GLY D 101 7.16 31.08 -2.48
CA GLY D 101 6.09 31.77 -3.17
C GLY D 101 5.97 33.21 -2.73
N ASN D 102 6.41 33.49 -1.51
CA ASN D 102 6.32 34.83 -0.93
C ASN D 102 7.65 35.55 -1.01
N ASN D 103 8.71 34.75 -1.17
CA ASN D 103 10.08 35.28 -1.21
C ASN D 103 10.40 36.14 0.02
N SER D 104 9.99 35.68 1.19
CA SER D 104 10.27 36.38 2.42
C SER D 104 10.60 35.32 3.44
N PHE D 105 11.16 35.77 4.56
CA PHE D 105 11.64 34.88 5.57
C PHE D 105 10.92 35.09 6.88
N ILE D 106 10.70 33.99 7.58
CA ILE D 106 10.37 34.08 8.98
C ILE D 106 11.62 33.71 9.75
N ILE D 107 11.85 34.42 10.86
CA ILE D 107 13.07 34.25 11.61
C ILE D 107 12.73 33.84 13.04
N ALA D 108 12.85 32.55 13.31
CA ALA D 108 12.35 31.94 14.54
C ALA D 108 13.49 31.73 15.52
N SER D 109 13.23 31.97 16.80
CA SER D 109 14.27 31.73 17.80
C SER D 109 14.59 30.27 17.94
N TYR D 110 15.88 29.95 17.88
CA TYR D 110 16.30 28.59 18.17
C TYR D 110 15.98 28.17 19.62
N LYS D 111 16.05 29.14 20.54
CA LYS D 111 15.80 28.82 21.94
C LYS D 111 14.32 28.47 22.19
N ASN D 112 13.44 29.07 21.40
CA ASN D 112 12.00 28.79 21.48
C ASN D 112 11.40 29.06 20.13
N PRO D 113 11.34 28.03 19.27
CA PRO D 113 10.89 28.12 17.88
C PRO D 113 9.41 28.50 17.71
N ASN D 114 8.62 28.46 18.78
CA ASN D 114 7.29 29.08 18.73
C ASN D 114 7.31 30.60 18.57
N LEU D 115 8.46 31.20 18.84
CA LEU D 115 8.55 32.67 18.79
C LEU D 115 9.41 33.13 17.63
N VAL D 116 8.92 34.13 16.89
CA VAL D 116 9.64 34.64 15.73
C VAL D 116 9.75 36.16 15.82
N LEU D 117 10.73 36.73 15.10
CA LEU D 117 10.90 38.17 15.07
C LEU D 117 9.64 38.83 14.51
N TYR D 118 9.28 39.95 15.12
CA TYR D 118 8.12 40.73 14.74
C TYR D 118 8.61 42.18 14.61
N ALA D 119 8.34 42.80 13.48
CA ALA D 119 8.80 44.16 13.25
C ALA D 119 7.79 45.15 13.84
N ASP D 120 8.16 45.85 14.90
CA ASP D 120 7.29 46.90 15.41
C ASP D 120 7.65 48.17 14.67
N THR D 121 6.94 48.43 13.58
CA THR D 121 7.32 49.52 12.69
C THR D 121 7.02 50.91 13.28
N VAL D 122 6.08 50.98 14.23
CA VAL D 122 5.78 52.24 14.91
C VAL D 122 6.86 52.58 15.93
N ALA D 123 7.27 51.60 16.72
CA ALA D 123 8.35 51.78 17.69
C ALA D 123 9.74 51.70 17.04
N ARG D 124 9.76 51.31 15.76
CA ARG D 124 10.99 51.13 15.01
C ARG D 124 11.97 50.17 15.69
N ASN D 125 11.47 49.07 16.24
CA ASN D 125 12.36 48.05 16.80
C ASN D 125 11.80 46.63 16.63
N LEU D 126 12.52 45.65 17.18
CA LEU D 126 12.13 44.25 17.06
C LEU D 126 11.49 43.71 18.34
N LYS D 127 10.52 42.81 18.17
CA LYS D 127 9.76 42.21 19.26
C LYS D 127 9.64 40.73 18.89
N LEU D 128 8.78 40.00 19.59
CA LEU D 128 8.56 38.59 19.25
C LEU D 128 7.09 38.32 19.14
N SER D 129 6.75 37.25 18.43
CA SER D 129 5.36 36.86 18.30
C SER D 129 5.33 35.38 18.04
N THR D 130 4.23 34.75 18.39
CA THR D 130 3.98 33.43 17.87
C THR D 130 3.65 33.60 16.37
N LEU D 131 3.67 32.49 15.64
CA LEU D 131 3.48 32.52 14.19
C LEU D 131 2.06 32.92 13.82
N ASN D 132 1.93 33.73 12.78
CA ASN D 132 0.64 34.12 12.28
C ASN D 132 0.85 34.47 10.84
N ASN D 133 -0.16 35.05 10.21
CA ASN D 133 -0.09 35.40 8.81
C ASN D 133 0.26 36.87 8.49
N SER D 134 0.66 37.66 9.48
CA SER D 134 0.86 39.08 9.21
C SER D 134 2.22 39.34 8.57
N ASN D 135 2.31 40.46 7.88
CA ASN D 135 3.57 40.82 7.26
C ASN D 135 4.62 41.27 8.24
N TYR D 136 4.21 41.48 9.49
CA TYR D 136 5.15 42.00 10.49
C TYR D 136 6.18 40.98 10.94
N ILE D 137 5.94 39.71 10.61
CA ILE D 137 6.91 38.65 10.92
C ILE D 137 7.66 38.16 9.70
N LYS D 138 7.45 38.83 8.57
CA LYS D 138 8.15 38.44 7.36
C LYS D 138 9.24 39.46 7.02
N PHE D 139 10.37 38.95 6.54
CA PHE D 139 11.55 39.77 6.30
C PHE D 139 12.20 39.46 4.96
N ILE D 140 12.86 40.46 4.40
CA ILE D 140 13.55 40.32 3.11
C ILE D 140 15.05 40.27 3.39
N ILE D 141 15.64 39.11 3.11
CA ILE D 141 17.06 38.92 3.38
C ILE D 141 17.75 38.95 2.04
N GLU D 142 18.71 39.87 1.89
CA GLU D 142 19.33 40.17 0.60
C GLU D 142 20.84 40.35 0.73
N ASP D 143 21.59 39.72 -0.17
CA ASP D 143 23.00 40.01 -0.32
C ASP D 143 23.22 41.54 -0.30
N TYR D 144 24.14 42.02 0.53
CA TYR D 144 24.22 43.48 0.75
C TYR D 144 24.49 44.29 -0.54
N ILE D 145 25.25 43.71 -1.46
CA ILE D 145 25.55 44.41 -2.72
C ILE D 145 24.28 44.66 -3.55
N ILE D 146 23.48 43.61 -3.73
CA ILE D 146 22.20 43.72 -4.40
C ILE D 146 21.31 44.75 -3.70
N SER D 147 21.21 44.63 -2.38
CA SER D 147 20.45 45.54 -1.55
C SER D 147 20.89 46.99 -1.78
N ASP D 148 22.19 47.23 -1.77
CA ASP D 148 22.67 48.61 -1.96
C ASP D 148 22.42 49.11 -3.38
N LEU D 149 22.68 48.28 -4.39
CA LEU D 149 22.64 48.76 -5.76
C LEU D 149 21.27 48.77 -6.45
N ASN D 150 20.38 47.88 -6.02
CA ASN D 150 19.07 47.74 -6.70
C ASN D 150 18.25 49.00 -6.54
N ASN D 151 17.82 49.58 -7.67
CA ASN D 151 17.10 50.86 -7.70
C ASN D 151 17.93 52.03 -7.20
N PHE D 152 19.25 51.85 -7.16
CA PHE D 152 20.15 52.94 -6.85
C PHE D 152 20.40 53.76 -8.12
N THR D 153 20.16 55.07 -8.02
CA THR D 153 20.52 55.97 -9.10
C THR D 153 21.90 56.54 -8.83
N CYS D 154 22.86 56.23 -9.68
CA CYS D 154 24.25 56.54 -9.36
C CYS D 154 24.93 57.31 -10.47
N LYS D 155 26.20 57.62 -10.23
CA LYS D 155 27.09 58.04 -11.29
C LYS D 155 28.25 57.07 -11.24
N ILE D 156 28.86 56.83 -12.40
CA ILE D 156 29.88 55.80 -12.50
C ILE D 156 31.19 56.43 -12.96
N SER D 157 32.23 56.33 -12.13
CA SER D 157 33.51 56.95 -12.44
C SER D 157 34.66 55.95 -12.58
N PRO D 158 35.52 56.16 -13.58
CA PRO D 158 36.78 55.40 -13.58
C PRO D 158 37.61 55.86 -12.39
N ILE D 159 38.41 54.97 -11.81
CA ILE D 159 39.26 55.38 -10.68
C ILE D 159 40.46 56.18 -11.15
N LEU D 160 40.65 56.27 -12.47
CA LEU D 160 41.73 57.06 -13.06
C LEU D 160 41.37 58.53 -13.27
N ASP D 161 40.08 58.86 -13.14
CA ASP D 161 39.63 60.25 -13.01
C ASP D 161 38.24 60.25 -12.39
N LEU D 162 38.21 60.52 -11.08
CA LEU D 162 36.96 60.53 -10.34
C LEU D 162 36.04 61.67 -10.76
N ASN D 163 36.62 62.73 -11.30
CA ASN D 163 35.82 63.85 -11.74
C ASN D 163 35.23 63.67 -13.13
N LYS D 164 35.52 62.51 -13.73
CA LYS D 164 34.85 62.11 -14.96
C LYS D 164 33.88 60.98 -14.69
N VAL D 165 33.16 60.58 -15.73
CA VAL D 165 31.91 59.86 -15.52
C VAL D 165 31.46 59.20 -16.81
N VAL D 166 30.88 58.01 -16.70
CA VAL D 166 30.32 57.33 -17.86
C VAL D 166 28.99 57.98 -18.23
N GLN D 167 28.89 58.50 -19.46
CA GLN D 167 27.65 59.13 -19.88
C GLN D 167 27.12 58.61 -21.21
N GLN D 168 25.81 58.76 -21.40
CA GLN D 168 25.23 58.72 -22.73
C GLN D 168 25.39 60.13 -23.28
N VAL D 169 25.46 60.28 -24.60
CA VAL D 169 25.75 61.58 -25.20
C VAL D 169 24.58 62.57 -25.16
N ASP D 170 23.42 62.17 -25.68
CA ASP D 170 22.20 62.95 -25.50
C ASP D 170 20.98 62.07 -25.73
N VAL D 171 19.80 62.66 -25.63
CA VAL D 171 18.56 61.90 -25.68
C VAL D 171 18.41 61.09 -26.98
N THR D 172 19.05 61.55 -28.07
CA THR D 172 19.02 60.85 -29.36
C THR D 172 20.31 60.09 -29.69
N ASN D 173 21.47 60.72 -29.52
CA ASN D 173 22.73 60.00 -29.67
C ASN D 173 22.88 59.00 -28.53
N LEU D 174 22.64 57.72 -28.84
CA LEU D 174 22.62 56.66 -27.83
C LEU D 174 24.00 56.03 -27.62
N ASN D 175 25.04 56.64 -28.16
CA ASN D 175 26.41 56.25 -27.88
C ASN D 175 26.83 56.56 -26.45
N VAL D 176 27.86 55.87 -25.97
CA VAL D 176 28.32 56.03 -24.59
C VAL D 176 29.80 56.43 -24.52
N ASN D 177 30.08 57.62 -23.99
CA ASN D 177 31.45 58.09 -23.84
C ASN D 177 31.78 58.59 -22.44
N LEU D 178 33.05 58.85 -22.21
CA LEU D 178 33.48 59.45 -20.94
C LEU D 178 33.38 60.96 -21.06
N TYR D 179 32.98 61.62 -19.98
CA TYR D 179 32.88 63.09 -19.99
C TYR D 179 32.95 63.59 -18.54
N THR D 180 33.36 64.83 -18.36
CA THR D 180 33.42 65.45 -17.04
C THR D 180 32.03 65.57 -16.42
N TRP D 181 31.95 65.34 -15.11
CA TRP D 181 30.68 65.41 -14.37
C TRP D 181 30.08 66.81 -14.45
N ASP D 182 28.82 66.88 -14.85
CA ASP D 182 28.08 68.15 -14.87
C ASP D 182 26.65 68.00 -14.35
N TYR D 183 26.38 66.88 -13.68
CA TYR D 183 25.07 66.58 -13.08
C TYR D 183 23.96 66.30 -14.10
N GLY D 184 24.31 66.23 -15.38
CA GLY D 184 23.33 65.95 -16.42
C GLY D 184 22.67 64.59 -16.22
N ARG D 185 21.40 64.47 -16.62
CA ARG D 185 20.69 63.18 -16.49
C ARG D 185 21.34 62.11 -17.37
N ASN D 186 21.93 62.53 -18.48
CA ASN D 186 22.67 61.61 -19.34
C ASN D 186 23.89 61.02 -18.63
N GLN D 187 24.25 61.60 -17.49
CA GLN D 187 25.39 61.11 -16.71
C GLN D 187 24.98 60.31 -15.46
N LYS D 188 23.71 59.98 -15.33
CA LYS D 188 23.26 59.15 -14.21
C LYS D 188 22.58 57.87 -14.67
N TRP D 189 22.73 56.83 -13.86
CA TRP D 189 22.23 55.48 -14.18
C TRP D 189 21.46 54.89 -13.01
N THR D 190 20.22 54.46 -13.28
CA THR D 190 19.45 53.74 -12.28
C THR D 190 19.67 52.26 -12.49
N ILE D 191 20.30 51.64 -11.51
CA ILE D 191 20.62 50.21 -11.55
C ILE D 191 19.38 49.42 -11.14
N ARG D 192 19.11 48.34 -11.87
CA ARG D 192 18.01 47.44 -11.55
C ARG D 192 18.53 46.01 -11.57
N TYR D 193 18.23 45.25 -10.51
CA TYR D 193 18.65 43.87 -10.44
C TYR D 193 17.52 42.98 -10.94
N ASN D 194 17.85 42.06 -11.84
CA ASN D 194 16.87 41.10 -12.34
C ASN D 194 17.09 39.76 -11.66
N GLU D 195 16.20 39.45 -10.71
CA GLU D 195 16.34 38.28 -9.85
C GLU D 195 16.43 37.01 -10.67
N GLU D 196 15.75 37.02 -11.81
CA GLU D 196 15.72 35.87 -12.69
C GLU D 196 17.10 35.58 -13.30
N LYS D 197 17.70 36.61 -13.88
CA LYS D 197 18.94 36.40 -14.63
C LYS D 197 20.16 36.51 -13.72
N ALA D 198 19.89 36.83 -12.45
CA ALA D 198 20.95 37.08 -11.47
C ALA D 198 21.99 38.06 -12.00
N ALA D 199 21.51 39.17 -12.53
CA ALA D 199 22.39 40.19 -13.09
C ALA D 199 21.67 41.54 -13.09
N TYR D 200 22.43 42.59 -13.41
CA TYR D 200 21.90 43.94 -13.34
C TYR D 200 21.79 44.59 -14.72
N GLN D 201 20.94 45.62 -14.81
CA GLN D 201 20.93 46.54 -15.95
C GLN D 201 21.19 47.96 -15.46
N PHE D 202 21.75 48.80 -16.32
CA PHE D 202 21.94 50.20 -16.00
C PHE D 202 21.00 51.03 -16.87
N PHE D 203 19.99 51.64 -16.24
CA PHE D 203 19.04 52.49 -16.95
C PHE D 203 19.53 53.92 -16.95
N ASN D 204 19.77 54.50 -18.13
CA ASN D 204 20.19 55.90 -18.19
C ASN D 204 19.00 56.80 -17.94
N THR D 205 19.15 57.82 -17.11
CA THR D 205 17.99 58.57 -16.63
C THR D 205 17.47 59.62 -17.62
N ILE D 206 18.15 59.78 -18.75
CA ILE D 206 17.66 60.64 -19.83
C ILE D 206 16.70 59.86 -20.75
N LEU D 207 16.72 58.54 -20.66
CA LEU D 207 15.71 57.70 -21.34
C LEU D 207 14.79 56.96 -20.37
N SER D 208 13.57 56.69 -20.85
CA SER D 208 12.60 55.91 -20.11
C SER D 208 13.00 54.44 -20.06
N ASN D 209 13.45 53.90 -21.19
CA ASN D 209 13.82 52.49 -21.25
C ASN D 209 15.16 52.22 -21.92
N GLY D 210 16.02 53.23 -21.97
CA GLY D 210 17.37 53.05 -22.46
C GLY D 210 18.24 52.38 -21.42
N VAL D 211 18.81 51.23 -21.77
CA VAL D 211 19.72 50.54 -20.86
C VAL D 211 21.11 50.38 -21.46
N LEU D 212 22.13 50.26 -20.61
CA LEU D 212 23.49 50.11 -21.10
C LEU D 212 23.62 48.75 -21.77
N THR D 213 23.94 48.75 -23.06
CA THR D 213 23.97 47.49 -23.82
C THR D 213 25.28 47.27 -24.58
N TRP D 214 25.94 46.15 -24.29
CA TRP D 214 27.06 45.72 -25.12
C TRP D 214 26.59 45.28 -26.49
N ILE D 215 26.99 46.04 -27.50
CA ILE D 215 26.66 45.73 -28.87
C ILE D 215 27.76 44.83 -29.45
N PHE D 216 27.63 43.53 -29.18
CA PHE D 216 28.66 42.57 -29.55
C PHE D 216 28.89 42.53 -31.07
N SER D 217 27.88 43.00 -31.80
CA SER D 217 27.92 43.04 -33.26
C SER D 217 29.15 43.79 -33.73
N ASN D 218 29.24 45.08 -33.41
CA ASN D 218 30.44 45.86 -33.71
C ASN D 218 31.56 45.54 -32.73
N GLY D 219 31.75 44.25 -32.46
CA GLY D 219 32.83 43.77 -31.62
C GLY D 219 32.82 44.17 -30.16
N ASN D 220 33.62 45.19 -29.86
CA ASN D 220 34.05 45.47 -28.49
C ASN D 220 33.45 46.73 -27.90
N THR D 221 32.31 47.14 -28.43
CA THR D 221 31.84 48.49 -28.16
C THR D 221 30.55 48.49 -27.34
N VAL D 222 30.22 49.65 -26.76
CA VAL D 222 29.06 49.76 -25.88
C VAL D 222 28.25 51.02 -26.17
N ARG D 223 26.95 50.84 -26.38
CA ARG D 223 26.01 51.94 -26.47
C ARG D 223 24.92 51.67 -25.44
N VAL D 224 23.97 52.56 -25.37
CA VAL D 224 22.73 52.26 -24.73
C VAL D 224 21.73 51.97 -25.82
N SER D 225 20.74 51.17 -25.51
CA SER D 225 19.64 50.95 -26.40
C SER D 225 18.44 50.53 -25.62
N SER D 226 17.31 50.44 -26.30
CA SER D 226 16.04 50.13 -25.69
C SER D 226 16.03 48.84 -24.91
N SER D 227 15.36 48.87 -23.77
CA SER D 227 15.23 47.73 -22.90
C SER D 227 13.99 46.95 -23.21
N ASN D 228 13.26 47.37 -24.23
CA ASN D 228 12.15 46.58 -24.70
C ASN D 228 12.56 45.71 -25.86
N ASP D 229 13.85 45.37 -25.85
CA ASP D 229 14.43 44.22 -26.50
C ASP D 229 14.67 43.29 -25.33
N GLN D 230 14.11 42.09 -25.36
CA GLN D 230 13.86 41.30 -24.17
C GLN D 230 14.86 40.25 -23.76
N ASN D 231 15.44 39.57 -24.73
CA ASN D 231 16.37 38.51 -24.45
C ASN D 231 17.68 38.81 -25.11
N ASN D 232 18.37 39.79 -24.56
CA ASN D 232 19.72 40.09 -24.94
C ASN D 232 20.54 40.11 -23.66
N ASP D 233 21.47 39.17 -23.51
CA ASP D 233 22.25 39.00 -22.30
C ASP D 233 23.52 39.86 -22.35
N ALA D 234 23.50 40.88 -23.20
CA ALA D 234 24.54 41.88 -23.19
C ALA D 234 23.93 43.21 -22.72
N GLN D 235 22.63 43.17 -22.46
CA GLN D 235 21.90 44.25 -21.78
C GLN D 235 22.02 44.03 -20.28
N TYR D 236 22.76 42.99 -19.89
CA TYR D 236 22.88 42.58 -18.50
C TYR D 236 24.34 42.49 -18.05
N TRP D 237 24.57 42.77 -16.77
CA TRP D 237 25.92 42.88 -16.23
C TRP D 237 26.06 42.28 -14.84
N LEU D 238 27.29 41.88 -14.50
CA LEU D 238 27.61 41.45 -13.15
C LEU D 238 28.49 42.49 -12.44
N ILE D 239 28.11 42.84 -11.22
CA ILE D 239 28.85 43.82 -10.43
C ILE D 239 29.52 43.16 -9.22
N ASN D 240 30.86 43.21 -9.20
CA ASN D 240 31.65 42.56 -8.15
C ASN D 240 32.52 43.55 -7.40
N PRO D 241 32.39 43.59 -6.06
CA PRO D 241 33.12 44.55 -5.24
C PRO D 241 34.62 44.30 -5.27
N VAL D 242 35.38 45.32 -5.66
CA VAL D 242 36.83 45.27 -5.56
C VAL D 242 37.15 45.14 -4.08
N SER D 243 38.02 44.19 -3.76
CA SER D 243 38.26 43.79 -2.38
C SER D 243 38.78 44.92 -1.48
N ASP D 244 38.20 45.02 -0.29
CA ASP D 244 38.59 46.01 0.72
C ASP D 244 38.48 47.46 0.27
N THR D 245 37.40 47.76 -0.46
CA THR D 245 37.03 49.13 -0.78
C THR D 245 35.67 49.42 -0.14
N ASP D 246 35.04 50.50 -0.58
CA ASP D 246 33.71 50.86 -0.10
C ASP D 246 32.77 51.11 -1.28
N GLU D 247 33.34 51.64 -2.36
CA GLU D 247 32.53 52.12 -3.48
C GLU D 247 32.99 51.55 -4.80
N THR D 248 34.02 50.72 -4.77
CA THR D 248 34.70 50.30 -6.00
C THR D 248 34.30 48.89 -6.47
N TYR D 249 34.06 48.75 -7.77
CA TYR D 249 33.53 47.50 -8.33
C TYR D 249 34.15 47.17 -9.69
N THR D 250 34.09 45.90 -10.05
CA THR D 250 34.35 45.49 -11.43
C THR D 250 32.99 45.19 -12.07
N ILE D 251 32.83 45.56 -13.34
CA ILE D 251 31.58 45.33 -14.04
C ILE D 251 31.79 44.40 -15.23
N THR D 252 31.29 43.16 -15.12
CA THR D 252 31.45 42.17 -16.18
C THR D 252 30.14 41.84 -16.91
N ASN D 253 30.21 41.66 -18.23
CA ASN D 253 29.02 41.45 -19.05
C ASN D 253 28.49 40.03 -18.92
N LEU D 254 27.16 39.88 -18.98
CA LEU D 254 26.53 38.58 -18.78
C LEU D 254 26.83 37.57 -19.90
N ARG D 255 26.75 38.01 -21.15
CA ARG D 255 26.96 37.15 -22.31
C ARG D 255 28.37 36.57 -22.33
N ASP D 256 29.33 37.35 -21.84
CA ASP D 256 30.74 36.93 -21.84
C ASP D 256 31.40 37.51 -20.60
N THR D 257 31.42 36.71 -19.53
CA THR D 257 31.89 37.18 -18.23
C THR D 257 33.40 37.46 -18.16
N THR D 258 34.13 37.16 -19.23
CA THR D 258 35.53 37.55 -19.34
C THR D 258 35.64 38.99 -19.83
N LYS D 259 34.52 39.51 -20.35
CA LYS D 259 34.48 40.83 -20.94
C LYS D 259 33.98 41.88 -19.95
N ALA D 260 34.93 42.52 -19.27
CA ALA D 260 34.65 43.60 -18.34
C ALA D 260 34.41 44.93 -19.07
N LEU D 261 33.75 45.87 -18.39
CA LEU D 261 33.54 47.20 -18.96
C LEU D 261 34.86 47.97 -18.89
N ASP D 262 35.24 48.57 -20.02
CA ASP D 262 36.60 49.07 -20.18
C ASP D 262 36.66 50.53 -20.62
N LEU D 263 37.52 51.30 -19.94
CA LEU D 263 37.85 52.64 -20.39
C LEU D 263 39.01 52.57 -21.40
N TYR D 264 38.68 52.82 -22.67
CA TYR D 264 39.62 52.74 -23.81
C TYR D 264 41.04 53.21 -23.49
N GLY D 265 41.96 52.26 -23.30
CA GLY D 265 43.36 52.55 -23.17
C GLY D 265 43.86 53.18 -21.87
N GLY D 266 42.95 53.57 -20.98
CA GLY D 266 43.35 54.20 -19.72
C GLY D 266 43.32 55.72 -19.81
N GLN D 267 42.60 56.23 -20.81
CA GLN D 267 42.63 57.65 -21.16
C GLN D 267 41.60 58.52 -20.43
N THR D 268 42.02 59.09 -19.30
CA THR D 268 41.22 60.05 -18.56
C THR D 268 41.06 61.36 -19.34
N ALA D 269 40.21 61.33 -20.36
CA ALA D 269 40.05 62.48 -21.26
C ALA D 269 38.64 62.49 -21.85
N ASN D 270 38.14 63.69 -22.14
CA ASN D 270 36.77 63.87 -22.63
C ASN D 270 36.47 63.23 -23.98
N GLY D 271 35.47 62.36 -24.01
CA GLY D 271 35.04 61.72 -25.23
C GLY D 271 35.68 60.36 -25.44
N THR D 272 36.54 59.97 -24.50
CA THR D 272 37.16 58.64 -24.53
C THR D 272 36.07 57.57 -24.58
N ALA D 273 36.22 56.61 -25.49
CA ALA D 273 35.18 55.62 -25.72
C ALA D 273 34.97 54.69 -24.53
N ILE D 274 33.72 54.31 -24.29
CA ILE D 274 33.46 53.24 -23.30
C ILE D 274 33.14 51.94 -24.01
N GLN D 275 33.89 50.92 -23.64
CA GLN D 275 33.84 49.67 -24.35
C GLN D 275 33.99 48.56 -23.37
N VAL D 276 34.00 47.36 -23.91
CA VAL D 276 34.31 46.18 -23.14
C VAL D 276 35.75 45.87 -23.51
N PHE D 277 36.44 45.17 -22.62
CA PHE D 277 37.67 44.54 -23.01
C PHE D 277 37.86 43.31 -22.16
N ASN D 278 38.81 42.46 -22.54
CA ASN D 278 39.07 41.25 -21.78
C ASN D 278 39.59 41.59 -20.38
N TYR D 279 39.08 40.89 -19.37
CA TYR D 279 39.40 41.20 -17.98
C TYR D 279 40.89 41.12 -17.69
N HIS D 280 41.35 41.91 -16.72
CA HIS D 280 42.76 42.00 -16.38
C HIS D 280 42.96 42.51 -14.95
N GLY D 281 41.86 42.88 -14.30
CA GLY D 281 41.92 43.45 -12.98
C GLY D 281 42.67 44.77 -12.99
N ASP D 282 42.83 45.33 -14.19
CA ASP D 282 43.66 46.51 -14.36
C ASP D 282 42.86 47.81 -14.40
N ASP D 283 43.45 48.85 -13.83
CA ASP D 283 42.73 50.03 -13.35
C ASP D 283 41.72 50.73 -14.26
N ASN D 284 41.83 50.55 -15.58
CA ASN D 284 40.82 51.09 -16.49
C ASN D 284 39.63 50.14 -16.61
N GLN D 285 39.50 49.25 -15.62
CA GLN D 285 38.40 48.29 -15.53
C GLN D 285 37.83 48.28 -14.11
N LYS D 286 38.34 49.16 -13.26
CA LYS D 286 37.75 49.41 -11.94
C LYS D 286 36.87 50.66 -11.98
N TRP D 287 35.77 50.63 -11.25
CA TRP D 287 34.82 51.74 -11.27
C TRP D 287 34.26 52.09 -9.90
N ASN D 288 34.12 53.39 -9.66
CA ASN D 288 33.46 53.90 -8.47
C ASN D 288 31.99 54.16 -8.77
N ILE D 289 31.12 53.45 -8.07
CA ILE D 289 29.70 53.66 -8.22
C ILE D 289 29.21 54.44 -6.99
N ARG D 290 28.75 55.66 -7.20
CA ARG D 290 28.42 56.50 -6.06
C ARG D 290 27.13 57.27 -6.22
N ASN D 291 26.60 57.75 -5.10
CA ASN D 291 25.46 58.63 -5.12
C ASN D 291 25.89 59.94 -5.77
N PRO D 292 25.06 60.45 -6.68
CA PRO D 292 25.44 61.75 -7.25
C PRO D 292 25.20 62.83 -6.20
N PRO D 293 26.23 63.64 -5.90
CA PRO D 293 26.17 64.60 -4.79
C PRO D 293 25.11 65.68 -5.00
N GLU E 8 -25.92 7.09 -72.55
CA GLU E 8 -26.17 7.05 -71.10
C GLU E 8 -27.58 6.61 -70.78
N ASN E 9 -27.87 5.33 -71.02
CA ASN E 9 -29.21 4.80 -70.76
C ASN E 9 -29.49 4.60 -69.27
N ILE E 10 -30.42 5.41 -68.74
CA ILE E 10 -30.85 5.27 -67.36
C ILE E 10 -31.77 4.06 -67.20
N GLN E 11 -31.37 3.13 -66.35
CA GLN E 11 -32.21 1.97 -66.05
C GLN E 11 -32.82 2.14 -64.67
N GLU E 12 -33.83 1.34 -64.35
CA GLU E 12 -34.53 1.50 -63.08
C GLU E 12 -34.93 0.20 -62.41
N ILE E 13 -34.60 0.09 -61.12
CA ILE E 13 -35.12 -0.97 -60.28
C ILE E 13 -36.47 -0.50 -59.73
N ASN E 14 -37.55 -0.92 -60.39
CA ASN E 14 -38.88 -0.44 -60.07
C ASN E 14 -39.32 -0.81 -58.65
N THR E 15 -38.92 -1.99 -58.20
CA THR E 15 -39.28 -2.46 -56.87
C THR E 15 -38.31 -1.93 -55.81
N ALA E 16 -38.87 -1.37 -54.74
CA ALA E 16 -38.05 -0.91 -53.62
C ALA E 16 -37.38 -2.11 -52.96
N ILE E 17 -36.05 -2.06 -52.88
CA ILE E 17 -35.29 -3.19 -52.36
C ILE E 17 -35.24 -3.21 -50.84
N SER E 18 -35.08 -4.41 -50.28
CA SER E 18 -35.03 -4.58 -48.83
C SER E 18 -34.01 -5.64 -48.44
N ASP E 19 -33.15 -5.30 -47.48
CA ASP E 19 -32.13 -6.21 -46.96
C ASP E 19 -31.12 -6.70 -47.99
N ASN E 20 -31.59 -7.47 -48.98
CA ASN E 20 -30.71 -8.02 -50.00
C ASN E 20 -31.25 -7.78 -51.41
N TYR E 21 -30.35 -7.46 -52.34
CA TYR E 21 -30.74 -7.33 -53.74
C TYR E 21 -29.57 -7.45 -54.71
N THR E 22 -29.80 -8.12 -55.84
CA THR E 22 -28.76 -8.29 -56.85
C THR E 22 -29.26 -7.87 -58.23
N TYR E 23 -28.57 -6.90 -58.83
CA TYR E 23 -28.94 -6.38 -60.14
C TYR E 23 -27.89 -6.72 -61.20
N ASN E 24 -28.30 -7.44 -62.23
CA ASN E 24 -27.36 -7.84 -63.28
C ASN E 24 -27.20 -6.79 -64.38
N ILE E 25 -25.96 -6.37 -64.61
CA ILE E 25 -25.65 -5.50 -65.73
C ILE E 25 -25.93 -6.24 -67.02
N PRO E 26 -26.72 -5.63 -67.93
CA PRO E 26 -27.10 -6.27 -69.20
C PRO E 26 -25.91 -6.74 -70.00
N GLY E 27 -24.86 -5.93 -70.05
CA GLY E 27 -23.68 -6.24 -70.84
C GLY E 27 -23.69 -5.45 -72.13
N ILE E 28 -24.89 -5.10 -72.59
CA ILE E 28 -25.04 -4.32 -73.80
C ILE E 28 -25.02 -2.83 -73.49
N VAL E 29 -24.74 -2.50 -72.23
CA VAL E 29 -24.63 -1.12 -71.79
C VAL E 29 -23.26 -0.87 -71.17
N ASN E 30 -22.37 -1.84 -71.32
CA ASN E 30 -21.04 -1.76 -70.73
C ASN E 30 -20.11 -0.79 -71.44
N ASN E 31 -20.39 -0.52 -72.71
CA ASN E 31 -19.56 0.38 -73.50
C ASN E 31 -19.88 1.85 -73.25
N ASN E 32 -20.71 2.10 -72.24
CA ASN E 32 -21.07 3.47 -71.87
C ASN E 32 -21.24 3.61 -70.36
N PRO E 33 -20.89 4.79 -69.81
CA PRO E 33 -21.23 5.12 -68.43
C PRO E 33 -22.74 5.06 -68.28
N PHE E 34 -23.25 4.36 -67.28
CA PHE E 34 -24.70 4.17 -67.20
C PHE E 34 -25.25 4.19 -65.76
N TYR E 35 -26.53 4.50 -65.62
CA TYR E 35 -27.12 4.80 -64.33
C TYR E 35 -28.20 3.83 -63.88
N ILE E 36 -28.28 3.63 -62.57
CA ILE E 36 -29.31 2.78 -61.97
C ILE E 36 -30.15 3.58 -60.98
N LEU E 37 -31.46 3.66 -61.25
CA LEU E 37 -32.37 4.37 -60.37
C LEU E 37 -33.06 3.40 -59.41
N PHE E 38 -32.98 3.67 -58.12
CA PHE E 38 -33.56 2.76 -57.14
C PHE E 38 -33.97 3.47 -55.85
N THR E 39 -34.72 2.74 -55.03
CA THR E 39 -35.15 3.20 -53.71
C THR E 39 -35.15 2.02 -52.74
N VAL E 40 -35.05 2.31 -51.45
CA VAL E 40 -35.05 1.25 -50.45
C VAL E 40 -36.39 1.13 -49.74
N ASN E 41 -36.75 -0.11 -49.40
CA ASN E 41 -38.01 -0.40 -48.72
C ASN E 41 -38.07 0.22 -47.34
N THR E 42 -36.92 0.26 -46.67
CA THR E 42 -36.81 0.82 -45.33
C THR E 42 -35.49 1.58 -45.16
N THR E 43 -35.55 2.71 -44.45
CA THR E 43 -34.37 3.53 -44.20
C THR E 43 -33.30 2.73 -43.45
N GLY E 44 -32.06 2.80 -43.95
CA GLY E 44 -30.98 2.07 -43.31
C GLY E 44 -29.65 2.17 -44.05
N ILE E 45 -28.61 1.61 -43.44
CA ILE E 45 -27.27 1.68 -44.01
C ILE E 45 -26.98 0.47 -44.91
N TYR E 46 -26.63 0.76 -46.16
CA TYR E 46 -26.43 -0.27 -47.16
C TYR E 46 -25.00 -0.32 -47.69
N LYS E 47 -24.55 -1.55 -47.95
CA LYS E 47 -23.32 -1.82 -48.66
C LYS E 47 -23.65 -2.11 -50.11
N ILE E 48 -23.06 -1.35 -51.02
CA ILE E 48 -23.32 -1.50 -52.45
C ILE E 48 -22.02 -1.71 -53.19
N ASN E 49 -21.95 -2.73 -54.03
CA ASN E 49 -20.70 -2.99 -54.76
C ASN E 49 -20.86 -3.81 -56.03
N ALA E 50 -19.90 -3.67 -56.93
CA ALA E 50 -19.86 -4.53 -58.11
C ALA E 50 -19.32 -5.90 -57.71
N GLN E 51 -19.28 -6.84 -58.66
CA GLN E 51 -19.04 -8.25 -58.37
C GLN E 51 -17.80 -8.53 -57.51
N ASN E 52 -16.64 -8.07 -57.95
CA ASN E 52 -15.43 -8.19 -57.16
C ASN E 52 -14.97 -6.83 -56.65
N ASN E 53 -15.94 -6.01 -56.26
CA ASN E 53 -15.72 -4.61 -55.93
C ASN E 53 -15.14 -3.84 -57.12
N LEU E 54 -15.43 -4.33 -58.33
CA LEU E 54 -14.87 -3.77 -59.54
C LEU E 54 -15.96 -3.77 -60.62
N PRO E 55 -16.24 -2.59 -61.20
CA PRO E 55 -15.56 -1.33 -60.98
C PRO E 55 -16.05 -0.60 -59.73
N SER E 56 -15.42 0.55 -59.42
CA SER E 56 -15.90 1.42 -58.36
C SER E 56 -17.18 2.11 -58.82
N LEU E 57 -18.06 2.41 -57.88
CA LEU E 57 -19.37 2.98 -58.21
C LEU E 57 -19.53 4.37 -57.60
N LYS E 58 -20.37 5.19 -58.22
CA LYS E 58 -20.75 6.47 -57.61
C LYS E 58 -22.21 6.44 -57.19
N ILE E 59 -22.54 7.13 -56.10
CA ILE E 59 -23.94 7.20 -55.70
C ILE E 59 -24.41 8.65 -55.54
N TYR E 60 -25.64 8.91 -55.98
CA TYR E 60 -26.22 10.24 -55.98
C TYR E 60 -27.59 10.22 -55.31
N GLU E 61 -27.93 11.31 -54.65
CA GLU E 61 -29.23 11.49 -54.02
C GLU E 61 -30.17 12.25 -54.95
N ALA E 62 -31.40 11.75 -55.08
CA ALA E 62 -32.38 12.37 -55.95
C ALA E 62 -33.64 12.81 -55.21
N ILE E 63 -33.92 14.11 -55.30
CA ILE E 63 -35.10 14.71 -54.67
C ILE E 63 -36.17 14.94 -55.71
N ALA E 82 -33.70 18.17 -57.18
CA ALA E 82 -32.27 18.25 -56.95
C ALA E 82 -31.57 16.90 -57.03
N ILE E 83 -30.33 16.92 -57.51
CA ILE E 83 -29.48 15.75 -57.50
C ILE E 83 -28.20 16.09 -56.75
N ASN E 84 -27.85 15.27 -55.76
CA ASN E 84 -26.65 15.52 -54.98
C ASN E 84 -25.72 14.32 -54.90
N TYR E 85 -24.47 14.54 -55.28
CA TYR E 85 -23.41 13.54 -55.11
C TYR E 85 -23.26 13.21 -53.63
N ILE E 86 -23.25 11.93 -53.30
CA ILE E 86 -23.05 11.52 -51.92
C ILE E 86 -21.62 11.03 -51.73
N THR E 87 -21.29 9.91 -52.37
CA THR E 87 -19.96 9.32 -52.25
C THR E 87 -19.63 8.41 -53.42
N GLY E 88 -18.35 8.06 -53.53
CA GLY E 88 -17.89 7.24 -54.63
C GLY E 88 -16.97 8.03 -55.55
N PHE E 89 -16.14 7.32 -56.30
CA PHE E 89 -15.21 7.96 -57.23
C PHE E 89 -15.12 7.18 -58.54
N ASP E 90 -14.27 7.65 -59.45
CA ASP E 90 -14.13 6.99 -60.74
C ASP E 90 -12.67 6.80 -61.15
N SER E 91 -12.00 5.84 -60.51
CA SER E 91 -10.66 5.46 -60.92
C SER E 91 -10.71 4.09 -61.58
N PRO E 92 -10.19 3.99 -62.81
CA PRO E 92 -10.17 2.70 -63.53
C PRO E 92 -9.37 1.65 -62.77
N ASN E 93 -9.87 0.41 -62.76
CA ASN E 93 -9.23 -0.72 -62.10
C ASN E 93 -9.05 -0.54 -60.59
N ALA E 94 -9.83 0.36 -59.99
CA ALA E 94 -9.76 0.59 -58.55
C ALA E 94 -10.89 -0.14 -57.86
N LYS E 95 -10.54 -1.05 -56.95
CA LYS E 95 -11.54 -1.81 -56.20
C LYS E 95 -12.10 -1.00 -55.03
N SER E 96 -13.42 -1.05 -54.85
CA SER E 96 -14.06 -0.33 -53.76
C SER E 96 -15.49 -0.79 -53.52
N TYR E 97 -16.01 -0.52 -52.33
CA TYR E 97 -17.44 -0.69 -52.10
C TYR E 97 -18.02 0.49 -51.33
N LEU E 98 -19.31 0.77 -51.51
CA LEU E 98 -19.93 1.92 -50.85
C LEU E 98 -20.69 1.52 -49.60
N VAL E 99 -20.55 2.31 -48.54
CA VAL E 99 -21.38 2.16 -47.34
C VAL E 99 -22.13 3.46 -47.11
N VAL E 100 -23.44 3.42 -47.32
CA VAL E 100 -24.24 4.64 -47.35
C VAL E 100 -25.56 4.56 -46.61
N LEU E 101 -25.89 5.61 -45.86
CA LEU E 101 -27.20 5.73 -45.26
C LEU E 101 -28.23 6.09 -46.33
N LEU E 102 -29.23 5.24 -46.51
CA LEU E 102 -30.27 5.47 -47.50
C LEU E 102 -31.63 5.68 -46.86
N ASN E 103 -32.31 6.74 -47.28
CA ASN E 103 -33.63 7.06 -46.78
C ASN E 103 -34.71 6.51 -47.72
N LYS E 104 -35.75 5.92 -47.15
CA LYS E 104 -36.81 5.31 -47.96
C LYS E 104 -37.67 6.35 -48.67
N ASP E 105 -37.55 7.62 -48.26
CA ASP E 105 -38.37 8.69 -48.81
C ASP E 105 -37.79 9.25 -50.11
N LYS E 106 -36.48 9.08 -50.30
CA LYS E 106 -35.79 9.72 -51.41
C LYS E 106 -35.41 8.74 -52.50
N ASN E 107 -34.92 9.25 -53.63
CA ASN E 107 -34.48 8.37 -54.71
C ASN E 107 -32.96 8.31 -54.78
N TYR E 108 -32.42 7.28 -55.43
CA TYR E 108 -30.97 7.15 -55.50
C TYR E 108 -30.48 6.66 -56.86
N TYR E 109 -29.41 7.31 -57.34
CA TYR E 109 -28.79 6.94 -58.60
C TYR E 109 -27.45 6.27 -58.34
N ILE E 110 -27.15 5.24 -59.11
CA ILE E 110 -25.81 4.66 -59.09
C ILE E 110 -25.17 4.82 -60.45
N ARG E 111 -24.10 5.60 -60.51
CA ARG E 111 -23.31 5.69 -61.73
C ARG E 111 -22.28 4.57 -61.79
N VAL E 112 -22.50 3.68 -62.75
CA VAL E 112 -21.57 2.62 -63.09
C VAL E 112 -20.75 3.12 -64.27
N PRO E 113 -19.41 3.08 -64.13
CA PRO E 113 -18.51 3.56 -65.19
C PRO E 113 -18.36 2.56 -66.32
N GLN E 114 -17.39 2.80 -67.20
CA GLN E 114 -17.18 1.93 -68.35
C GLN E 114 -16.53 0.61 -67.98
N THR E 115 -17.25 -0.48 -68.23
CA THR E 115 -16.65 -1.80 -68.17
C THR E 115 -16.04 -2.08 -69.53
N SER E 116 -14.82 -1.59 -69.73
CA SER E 116 -14.11 -1.77 -70.99
C SER E 116 -13.63 -3.23 -71.14
N SER E 117 -14.38 -4.13 -70.53
CA SER E 117 -14.17 -5.57 -70.61
C SER E 117 -15.55 -6.20 -70.52
N ASN E 118 -15.94 -6.92 -71.57
CA ASN E 118 -17.31 -7.42 -71.67
C ASN E 118 -17.56 -8.71 -70.88
N ILE E 119 -17.28 -8.66 -69.59
CA ILE E 119 -17.76 -9.68 -68.67
C ILE E 119 -18.94 -9.08 -67.93
N GLU E 120 -19.99 -9.88 -67.72
CA GLU E 120 -21.20 -9.37 -67.08
C GLU E 120 -20.99 -9.11 -65.59
N ASN E 121 -21.31 -7.88 -65.18
CA ASN E 121 -21.14 -7.47 -63.79
C ASN E 121 -22.43 -7.51 -63.00
N GLN E 122 -22.32 -7.57 -61.68
CA GLN E 122 -23.49 -7.54 -60.81
C GLN E 122 -23.35 -6.50 -59.72
N ILE E 123 -24.40 -5.72 -59.50
CA ILE E 123 -24.42 -4.76 -58.41
C ILE E 123 -25.18 -5.37 -57.24
N GLN E 124 -24.49 -5.49 -56.12
CA GLN E 124 -25.02 -6.09 -54.91
C GLN E 124 -25.36 -5.02 -53.88
N PHE E 125 -26.58 -5.11 -53.36
CA PHE E 125 -27.06 -4.23 -52.31
C PHE E 125 -27.33 -5.08 -51.07
N LYS E 126 -26.78 -4.69 -49.94
CA LYS E 126 -27.00 -5.43 -48.71
C LYS E 126 -27.22 -4.50 -47.52
N ARG E 127 -28.25 -4.78 -46.72
CA ARG E 127 -28.53 -3.95 -45.55
C ARG E 127 -27.60 -4.35 -44.40
N GLU E 128 -26.92 -3.36 -43.82
CA GLU E 128 -25.95 -3.63 -42.76
C GLU E 128 -26.54 -3.38 -41.37
N GLU E 129 -26.50 -4.41 -40.53
CA GLU E 129 -27.02 -4.32 -39.17
C GLU E 129 -25.90 -4.31 -38.12
N GLY E 130 -24.67 -4.50 -38.58
CA GLY E 130 -23.54 -4.63 -37.68
C GLY E 130 -22.54 -3.50 -37.68
N ASP E 131 -21.27 -3.84 -37.50
CA ASP E 131 -20.21 -2.86 -37.30
C ASP E 131 -19.84 -2.03 -38.53
N LEU E 132 -20.20 -2.54 -39.71
CA LEU E 132 -19.88 -1.85 -40.96
C LEU E 132 -20.57 -0.48 -41.03
N ARG E 133 -21.60 -0.32 -40.21
CA ARG E 133 -22.30 0.95 -40.07
C ARG E 133 -21.36 2.08 -39.65
N ASN E 134 -20.23 1.72 -39.06
CA ASN E 134 -19.21 2.70 -38.70
C ASN E 134 -18.60 3.41 -39.92
N LEU E 135 -18.92 2.93 -41.12
CA LEU E 135 -18.27 3.39 -42.34
C LEU E 135 -19.09 4.36 -43.21
N MET E 136 -20.30 4.69 -42.77
CA MET E 136 -21.13 5.63 -43.51
C MET E 136 -20.71 7.09 -43.24
N ASN E 137 -20.74 7.93 -44.27
CA ASN E 137 -20.91 7.52 -45.66
C ASN E 137 -19.55 7.58 -46.34
N SER E 138 -19.11 6.49 -46.94
CA SER E 138 -17.83 6.50 -47.62
C SER E 138 -17.66 5.35 -48.58
N SER E 139 -16.74 5.54 -49.53
CA SER E 139 -16.25 4.43 -50.33
C SER E 139 -15.12 3.79 -49.53
N VAL E 140 -15.03 2.47 -49.62
CA VAL E 140 -13.96 1.73 -48.98
C VAL E 140 -13.10 1.16 -50.09
N ASN E 141 -11.89 1.70 -50.22
CA ASN E 141 -10.91 1.27 -51.20
C ASN E 141 -10.26 -0.06 -50.80
N ILE E 142 -10.40 -1.07 -51.66
CA ILE E 142 -9.70 -2.32 -51.42
C ILE E 142 -8.24 -2.21 -51.86
N ILE E 143 -7.33 -2.23 -50.90
CA ILE E 143 -5.90 -2.21 -51.20
C ILE E 143 -5.34 -3.63 -51.19
N ASP E 144 -4.75 -4.05 -52.31
CA ASP E 144 -4.29 -5.43 -52.45
C ASP E 144 -2.86 -5.56 -52.98
N ASN E 145 -2.07 -4.49 -52.85
CA ASN E 145 -0.69 -4.52 -53.33
C ASN E 145 0.34 -4.32 -52.21
N LEU E 146 -0.04 -4.64 -50.98
CA LEU E 146 0.88 -4.54 -49.85
C LEU E 146 1.61 -5.86 -49.62
N ASN E 147 2.50 -6.22 -50.53
CA ASN E 147 3.19 -7.51 -50.47
C ASN E 147 4.51 -7.45 -49.72
N SER E 148 4.90 -6.27 -49.28
CA SER E 148 6.24 -6.08 -48.72
C SER E 148 6.39 -4.84 -47.85
N THR E 149 7.59 -4.66 -47.31
CA THR E 149 7.95 -3.43 -46.64
C THR E 149 8.28 -2.38 -47.70
N GLY E 150 8.38 -1.11 -47.28
CA GLY E 150 8.68 -0.04 -48.21
C GLY E 150 7.52 0.92 -48.41
N ALA E 151 7.67 1.84 -49.34
CA ALA E 151 6.69 2.90 -49.56
C ALA E 151 5.56 2.49 -50.48
N HIS E 152 4.34 2.85 -50.10
CA HIS E 152 3.16 2.67 -50.94
C HIS E 152 2.29 3.92 -50.82
N TYR E 153 1.64 4.32 -51.90
CA TYR E 153 0.65 5.38 -51.82
C TYR E 153 -0.50 5.18 -52.80
N TYR E 154 -1.63 5.81 -52.50
CA TYR E 154 -2.86 5.59 -53.24
C TYR E 154 -3.60 6.91 -53.44
N THR E 155 -3.83 7.24 -54.71
CA THR E 155 -4.42 8.52 -55.07
C THR E 155 -5.86 8.37 -55.52
N ARG E 156 -6.76 9.08 -54.86
CA ARG E 156 -8.16 9.06 -55.22
C ARG E 156 -8.70 10.48 -55.20
N GLN E 157 -9.83 10.72 -55.84
CA GLN E 157 -10.48 12.02 -55.74
C GLN E 157 -10.86 12.26 -54.28
N SER E 158 -10.52 13.43 -53.77
CA SER E 158 -10.74 13.74 -52.36
C SER E 158 -12.18 14.15 -52.04
N PRO E 159 -12.73 13.56 -50.96
CA PRO E 159 -14.03 13.99 -50.45
C PRO E 159 -13.96 15.44 -49.98
N ASP E 160 -15.07 16.15 -49.98
CA ASP E 160 -15.10 17.51 -49.45
C ASP E 160 -14.88 17.46 -47.93
N VAL E 161 -14.68 18.63 -47.33
CA VAL E 161 -14.52 18.73 -45.89
C VAL E 161 -15.72 18.10 -45.18
N HIS E 162 -15.44 17.36 -44.11
CA HIS E 162 -16.44 16.63 -43.32
C HIS E 162 -16.97 15.35 -43.99
N ASP E 163 -16.52 15.07 -45.21
CA ASP E 163 -16.89 13.81 -45.87
C ASP E 163 -15.79 12.77 -45.70
N TYR E 164 -16.13 11.51 -45.93
CA TYR E 164 -15.23 10.41 -45.59
C TYR E 164 -14.72 9.61 -46.78
N ILE E 165 -13.50 9.09 -46.64
CA ILE E 165 -12.98 8.06 -47.55
C ILE E 165 -12.23 6.99 -46.74
N SER E 166 -12.52 5.73 -47.04
CA SER E 166 -11.95 4.64 -46.25
C SER E 166 -11.01 3.73 -47.06
N TYR E 167 -10.19 2.99 -46.34
CA TYR E 167 -9.20 2.10 -46.95
C TYR E 167 -9.09 0.78 -46.19
N GLU E 168 -9.36 -0.32 -46.90
CA GLU E 168 -9.25 -1.64 -46.30
C GLU E 168 -7.99 -2.33 -46.81
N PHE E 169 -7.09 -2.65 -45.89
CA PHE E 169 -5.81 -3.24 -46.28
C PHE E 169 -5.35 -4.39 -45.38
N THR E 170 -4.39 -5.17 -45.88
CA THR E 170 -3.86 -6.30 -45.12
C THR E 170 -2.35 -6.17 -44.95
N ILE E 171 -1.89 -6.23 -43.71
CA ILE E 171 -0.46 -6.17 -43.43
C ILE E 171 0.24 -7.39 -44.01
N PRO E 172 1.34 -7.18 -44.73
CA PRO E 172 2.09 -8.28 -45.35
C PRO E 172 2.70 -9.22 -44.32
N GLY E 173 2.94 -10.47 -44.73
CA GLY E 173 3.52 -11.47 -43.85
C GLY E 173 2.50 -12.51 -43.42
N ASN E 174 2.98 -13.55 -42.75
CA ASN E 174 2.09 -14.59 -42.23
C ASN E 174 1.60 -14.23 -40.83
N PHE E 175 0.34 -14.51 -40.55
CA PHE E 175 -0.25 -14.19 -39.26
C PHE E 175 0.07 -15.23 -38.20
N ASN E 176 0.50 -14.77 -37.03
CA ASN E 176 0.75 -15.64 -35.89
C ASN E 176 0.46 -14.95 -34.57
N ASN E 177 -0.35 -13.89 -34.65
CA ASN E 177 -0.75 -13.12 -33.47
C ASN E 177 0.45 -12.55 -32.71
N LYS E 178 1.58 -12.44 -33.42
CA LYS E 178 2.82 -12.01 -32.79
C LYS E 178 3.69 -11.19 -33.74
N ASP E 179 3.89 -11.70 -34.94
CA ASP E 179 4.67 -10.99 -35.96
C ASP E 179 3.98 -9.69 -36.33
N THR E 180 4.75 -8.61 -36.36
CA THR E 180 4.20 -7.27 -36.39
C THR E 180 5.03 -6.31 -37.23
N SER E 181 4.37 -5.39 -37.93
CA SER E 181 5.06 -4.41 -38.76
C SER E 181 4.76 -2.98 -38.33
N ASN E 182 5.72 -2.08 -38.59
CA ASN E 182 5.55 -0.66 -38.35
C ASN E 182 4.87 -0.01 -39.54
N ILE E 183 3.68 0.55 -39.31
CA ILE E 183 2.90 1.15 -40.38
C ILE E 183 2.81 2.66 -40.22
N ARG E 184 3.37 3.38 -41.18
CA ARG E 184 3.26 4.83 -41.20
C ARG E 184 2.18 5.24 -42.20
N LEU E 185 1.07 5.76 -41.66
CA LEU E 185 -0.04 6.23 -42.47
C LEU E 185 -0.04 7.74 -42.50
N TYR E 186 -0.06 8.33 -43.70
CA TYR E 186 -0.11 9.79 -43.79
C TYR E 186 -0.66 10.32 -45.10
N THR E 187 -0.93 11.62 -45.15
CA THR E 187 -1.42 12.24 -46.38
C THR E 187 -0.41 13.24 -46.92
N SER E 188 -0.53 13.56 -48.21
CA SER E 188 0.42 14.45 -48.87
C SER E 188 0.10 15.92 -48.62
N TYR E 189 -1.13 16.33 -48.93
CA TYR E 189 -1.49 17.74 -48.87
C TYR E 189 -2.73 18.02 -48.03
N ASN E 190 -3.77 17.21 -48.21
CA ASN E 190 -5.01 17.38 -47.46
C ASN E 190 -4.89 16.93 -46.01
N GLN E 191 -5.45 17.71 -45.10
CA GLN E 191 -5.52 17.30 -43.71
C GLN E 191 -6.75 16.43 -43.51
N GLY E 192 -6.60 15.37 -42.71
CA GLY E 192 -7.70 14.48 -42.42
C GLY E 192 -7.57 13.82 -41.06
N ILE E 193 -8.69 13.46 -40.47
CA ILE E 193 -8.70 12.77 -39.18
C ILE E 193 -9.03 11.30 -39.39
N GLY E 194 -8.14 10.43 -38.95
CA GLY E 194 -8.28 9.00 -39.19
C GLY E 194 -8.75 8.20 -37.99
N THR E 195 -9.59 7.22 -38.28
CA THR E 195 -10.04 6.25 -37.30
C THR E 195 -9.64 4.86 -37.80
N LEU E 196 -8.89 4.14 -36.97
CA LEU E 196 -8.36 2.84 -37.36
C LEU E 196 -9.10 1.68 -36.67
N PHE E 197 -9.61 0.78 -37.50
CA PHE E 197 -10.36 -0.40 -37.09
C PHE E 197 -9.62 -1.69 -37.41
N ARG E 198 -9.77 -2.69 -36.56
CA ARG E 198 -9.30 -4.05 -36.84
C ARG E 198 -10.46 -4.90 -37.34
N VAL E 199 -10.27 -5.61 -38.45
CA VAL E 199 -11.37 -6.34 -39.08
C VAL E 199 -11.35 -7.84 -38.82
N THR E 200 -12.48 -8.36 -38.33
CA THR E 200 -12.70 -9.81 -38.30
C THR E 200 -13.98 -10.10 -39.04
N GLU E 201 -14.21 -11.36 -39.39
CA GLU E 201 -15.38 -11.73 -40.17
C GLU E 201 -16.04 -13.02 -39.70
N THR E 202 -17.37 -13.02 -39.69
CA THR E 202 -18.13 -14.22 -39.41
C THR E 202 -19.07 -14.49 -40.59
N ILE E 203 -19.98 -15.43 -40.41
CA ILE E 203 -20.96 -15.74 -41.45
C ILE E 203 -21.94 -14.58 -41.62
N ASP E 204 -21.92 -13.64 -40.68
CA ASP E 204 -22.83 -12.50 -40.68
C ASP E 204 -22.16 -11.20 -41.13
N GLY E 205 -20.99 -11.31 -41.75
CA GLY E 205 -20.28 -10.14 -42.23
C GLY E 205 -19.17 -9.68 -41.31
N TYR E 206 -18.74 -8.44 -41.47
CA TYR E 206 -17.60 -7.92 -40.73
C TYR E 206 -17.89 -7.56 -39.28
N ASN E 207 -16.88 -7.75 -38.43
CA ASN E 207 -16.86 -7.19 -37.09
C ASN E 207 -15.70 -6.21 -37.01
N LEU E 208 -15.91 -5.06 -36.38
CA LEU E 208 -14.90 -4.01 -36.34
C LEU E 208 -14.51 -3.62 -34.92
N ILE E 209 -13.21 -3.72 -34.64
CA ILE E 209 -12.67 -3.23 -33.38
C ILE E 209 -11.99 -1.88 -33.57
N ASN E 210 -12.60 -0.84 -33.01
CA ASN E 210 -12.06 0.50 -33.10
C ASN E 210 -10.81 0.60 -32.23
N ILE E 211 -9.65 0.48 -32.85
CA ILE E 211 -8.39 0.49 -32.11
C ILE E 211 -7.75 1.87 -31.97
N GLN E 212 -8.03 2.78 -32.91
CA GLN E 212 -7.47 4.13 -32.77
C GLN E 212 -8.36 5.25 -33.31
N GLN E 213 -8.30 6.42 -32.66
CA GLN E 213 -9.07 7.57 -33.10
C GLN E 213 -8.22 8.84 -33.17
N ASN E 214 -8.78 9.88 -33.80
CA ASN E 214 -8.17 11.21 -33.83
C ASN E 214 -6.77 11.25 -34.44
N LEU E 215 -6.52 10.38 -35.41
CA LEU E 215 -5.22 10.33 -36.07
C LEU E 215 -5.09 11.42 -37.13
N HIS E 216 -4.31 12.45 -36.83
CA HIS E 216 -4.08 13.54 -37.77
C HIS E 216 -3.07 13.11 -38.82
N LEU E 217 -3.56 12.97 -40.06
CA LEU E 217 -2.81 12.31 -41.13
C LEU E 217 -1.77 13.18 -41.84
N LEU E 218 -2.06 14.47 -42.00
CA LEU E 218 -1.17 15.34 -42.75
C LEU E 218 0.23 15.40 -42.14
N ASN E 219 1.18 14.79 -42.86
CA ASN E 219 2.56 14.71 -42.41
C ASN E 219 2.71 14.08 -41.01
N ASN E 220 1.91 13.04 -40.76
CA ASN E 220 2.01 12.28 -39.53
C ASN E 220 3.33 11.52 -39.47
N THR E 221 4.05 11.68 -38.37
CA THR E 221 5.36 11.06 -38.23
C THR E 221 5.34 9.89 -37.27
N ASN E 222 4.18 9.63 -36.68
CA ASN E 222 4.02 8.51 -35.76
C ASN E 222 3.70 7.20 -36.47
N SER E 223 4.39 6.14 -36.07
CA SER E 223 4.16 4.82 -36.63
C SER E 223 3.21 4.03 -35.75
N ILE E 224 2.59 3.01 -36.32
CA ILE E 224 1.72 2.11 -35.57
C ILE E 224 2.12 0.66 -35.84
N ARG E 225 2.30 -0.11 -34.76
CA ARG E 225 2.62 -1.52 -34.92
C ARG E 225 1.35 -2.34 -35.10
N LEU E 226 1.23 -2.98 -36.25
CA LEU E 226 0.05 -3.79 -36.54
C LEU E 226 0.42 -5.22 -36.88
N LEU E 227 -0.50 -6.15 -36.63
CA LEU E 227 -0.23 -7.57 -36.79
C LEU E 227 -0.11 -7.98 -38.25
N ASN E 228 0.99 -8.67 -38.57
CA ASN E 228 1.19 -9.22 -39.91
C ASN E 228 0.05 -10.14 -40.31
N GLY E 229 -0.44 -9.98 -41.54
CA GLY E 229 -1.50 -10.82 -42.06
C GLY E 229 -2.88 -10.49 -41.51
N ALA E 230 -2.97 -9.44 -40.71
CA ALA E 230 -4.26 -9.01 -40.18
C ALA E 230 -4.87 -7.94 -41.10
N ILE E 231 -6.20 -7.83 -41.06
CA ILE E 231 -6.91 -6.86 -41.89
C ILE E 231 -7.33 -5.64 -41.09
N TYR E 232 -7.13 -4.47 -41.67
CA TYR E 232 -7.48 -3.21 -41.02
C TYR E 232 -8.23 -2.27 -41.95
N ILE E 233 -9.00 -1.37 -41.35
CA ILE E 233 -9.69 -0.33 -42.11
C ILE E 233 -9.42 1.05 -41.53
N LEU E 234 -8.92 1.95 -42.38
CA LEU E 234 -8.70 3.34 -42.00
C LEU E 234 -9.81 4.23 -42.58
N LYS E 235 -10.63 4.80 -41.71
CA LYS E 235 -11.67 5.72 -42.15
C LYS E 235 -11.17 7.13 -41.98
N VAL E 236 -11.16 7.90 -43.07
CA VAL E 236 -10.61 9.24 -43.05
C VAL E 236 -11.66 10.32 -43.26
N GLU E 237 -11.70 11.28 -42.34
CA GLU E 237 -12.55 12.45 -42.49
C GLU E 237 -11.73 13.64 -42.99
N VAL E 238 -12.00 14.09 -44.20
CA VAL E 238 -11.32 15.26 -44.74
C VAL E 238 -11.68 16.48 -43.91
N THR E 239 -10.67 17.17 -43.40
CA THR E 239 -10.88 18.37 -42.60
C THR E 239 -10.31 19.60 -43.28
N GLU E 240 -9.54 19.39 -44.34
CA GLU E 240 -8.95 20.51 -45.08
C GLU E 240 -8.63 20.08 -46.52
N LEU E 241 -9.34 20.69 -47.47
CA LEU E 241 -9.19 20.35 -48.88
C LEU E 241 -8.20 21.29 -49.55
N ASN E 242 -6.93 20.87 -49.62
CA ASN E 242 -5.87 21.66 -50.22
C ASN E 242 -5.48 21.17 -51.62
N ASN E 243 -6.04 20.03 -52.00
CA ASN E 243 -5.76 19.44 -53.29
C ASN E 243 -6.99 18.68 -53.76
N TYR E 244 -7.22 18.67 -55.07
CA TYR E 244 -8.36 17.97 -55.66
C TYR E 244 -8.30 16.50 -55.31
N ASN E 245 -7.10 15.96 -55.22
CA ASN E 245 -6.91 14.56 -54.86
C ASN E 245 -6.46 14.37 -53.42
N ILE E 246 -6.82 13.22 -52.86
CA ILE E 246 -6.28 12.78 -51.59
C ILE E 246 -5.35 11.59 -51.87
N ARG E 247 -4.14 11.67 -51.34
CA ARG E 247 -3.15 10.62 -51.52
C ARG E 247 -2.74 10.03 -50.18
N LEU E 248 -3.18 8.79 -49.93
CA LEU E 248 -2.84 8.11 -48.69
C LEU E 248 -1.58 7.25 -48.81
N HIS E 249 -0.59 7.54 -47.97
CA HIS E 249 0.64 6.77 -47.91
C HIS E 249 0.57 5.73 -46.79
N ILE E 250 0.94 4.51 -47.13
CA ILE E 250 1.10 3.43 -46.16
C ILE E 250 2.51 2.89 -46.28
N ASP E 251 3.44 3.45 -45.52
CA ASP E 251 4.83 2.99 -45.57
C ASP E 251 5.08 1.93 -44.51
N ILE E 252 5.61 0.78 -44.93
CA ILE E 252 5.79 -0.35 -44.03
C ILE E 252 7.25 -0.65 -43.75
N THR E 253 7.60 -0.73 -42.48
CA THR E 253 8.94 -1.18 -42.08
C THR E 253 8.83 -2.32 -41.08
N ASN E 254 9.93 -2.99 -40.81
CA ASN E 254 9.93 -4.13 -39.90
C ASN E 254 11.01 -4.00 -38.82
N ASN F 8 -11.82 -26.85 5.61
CA ASN F 8 -12.16 -26.74 7.04
C ASN F 8 -10.93 -26.62 7.96
N SER F 9 -9.76 -27.02 7.48
CA SER F 9 -8.50 -26.70 8.16
C SER F 9 -8.08 -25.28 7.75
N LEU F 10 -8.76 -24.79 6.71
CA LEU F 10 -8.57 -23.45 6.22
C LEU F 10 -9.76 -22.56 6.57
N ASN F 11 -10.87 -23.14 6.99
CA ASN F 11 -12.05 -22.33 7.32
C ASN F 11 -11.74 -21.22 8.35
N ASP F 12 -12.22 -20.02 8.05
CA ASP F 12 -12.04 -18.82 8.89
C ASP F 12 -10.61 -18.34 9.05
N LYS F 13 -9.67 -18.97 8.34
CA LYS F 13 -8.28 -18.53 8.39
C LYS F 13 -8.11 -17.21 7.63
N ILE F 14 -7.27 -16.32 8.15
CA ILE F 14 -6.95 -15.06 7.50
C ILE F 14 -5.57 -15.21 6.87
N VAL F 15 -5.51 -14.96 5.56
CA VAL F 15 -4.34 -15.30 4.78
C VAL F 15 -3.98 -14.13 3.87
N THR F 16 -2.75 -14.14 3.38
CA THR F 16 -2.41 -13.34 2.21
C THR F 16 -2.32 -14.35 1.06
N ILE F 17 -2.46 -13.86 -0.17
CA ILE F 17 -2.34 -14.71 -1.35
C ILE F 17 -1.39 -14.02 -2.29
N SER F 18 -0.28 -14.66 -2.61
CA SER F 18 0.68 -14.10 -3.54
C SER F 18 0.92 -15.03 -4.72
N CYS F 19 1.64 -14.52 -5.72
CA CYS F 19 1.78 -15.17 -6.99
C CYS F 19 3.00 -16.08 -7.04
N LYS F 20 2.79 -17.34 -7.39
CA LYS F 20 3.92 -18.21 -7.62
C LYS F 20 4.78 -17.65 -8.75
N ALA F 21 4.15 -16.93 -9.69
CA ALA F 21 4.88 -16.34 -10.82
C ALA F 21 5.77 -15.17 -10.40
N ASP F 22 5.37 -14.47 -9.34
CA ASP F 22 6.12 -13.32 -8.84
C ASP F 22 5.76 -13.22 -7.37
N THR F 23 6.61 -13.78 -6.53
CA THR F 23 6.25 -13.94 -5.13
C THR F 23 6.28 -12.61 -4.41
N ASN F 24 6.69 -11.56 -5.12
CA ASN F 24 6.60 -10.22 -4.56
C ASN F 24 5.24 -9.56 -4.82
N LEU F 25 4.32 -10.27 -5.48
CA LEU F 25 2.99 -9.69 -5.77
C LEU F 25 1.87 -10.38 -5.01
N PHE F 26 1.05 -9.56 -4.33
CA PHE F 26 -0.01 -10.05 -3.45
C PHE F 26 -1.41 -9.61 -3.93
N PHE F 27 -2.45 -10.39 -3.64
CA PHE F 27 -3.82 -9.96 -3.95
C PHE F 27 -4.11 -8.76 -3.03
N TYR F 28 -4.55 -7.66 -3.62
CA TYR F 28 -4.71 -6.37 -2.95
C TYR F 28 -6.11 -5.85 -3.33
N GLN F 29 -6.85 -5.38 -2.32
CA GLN F 29 -8.23 -4.98 -2.53
C GLN F 29 -8.45 -3.52 -2.13
N VAL F 30 -9.13 -2.75 -2.97
CA VAL F 30 -9.67 -1.45 -2.58
C VAL F 30 -10.90 -1.07 -3.41
N ALA F 31 -11.99 -0.76 -2.69
CA ALA F 31 -13.24 -0.29 -3.29
C ALA F 31 -13.81 -1.17 -4.40
N GLY F 32 -13.58 -2.48 -4.33
CA GLY F 32 -14.19 -3.39 -5.30
C GLY F 32 -13.22 -3.76 -6.42
N ASN F 33 -12.03 -3.18 -6.36
CA ASN F 33 -11.02 -3.51 -7.35
C ASN F 33 -9.98 -4.44 -6.73
N VAL F 34 -9.71 -5.54 -7.40
CA VAL F 34 -8.64 -6.46 -7.00
C VAL F 34 -7.44 -6.27 -7.92
N SER F 35 -6.27 -6.09 -7.33
CA SER F 35 -5.07 -5.91 -8.14
C SER F 35 -3.91 -6.71 -7.53
N LEU F 36 -2.78 -6.74 -8.23
CA LEU F 36 -1.59 -7.40 -7.71
C LEU F 36 -0.60 -6.30 -7.28
N PHE F 37 -0.17 -6.34 -6.02
CA PHE F 37 0.64 -5.23 -5.49
C PHE F 37 1.72 -5.74 -4.53
N GLN F 38 2.80 -4.97 -4.38
CA GLN F 38 3.89 -5.34 -3.47
C GLN F 38 3.34 -5.53 -2.06
N GLN F 39 4.11 -6.21 -1.21
CA GLN F 39 3.67 -6.53 0.15
C GLN F 39 3.38 -5.27 0.97
N THR F 40 2.22 -5.22 1.61
CA THR F 40 1.88 -4.09 2.48
C THR F 40 1.78 -4.44 3.97
N ARG F 41 1.74 -5.74 4.28
CA ARG F 41 1.60 -6.18 5.67
C ARG F 41 0.43 -5.49 6.36
N ASN F 42 -0.69 -5.38 5.68
CA ASN F 42 -1.85 -4.78 6.30
C ASN F 42 -3.11 -5.36 5.69
N TYR F 43 -4.26 -4.89 6.16
CA TYR F 43 -5.55 -5.50 5.82
C TYR F 43 -5.89 -5.47 4.33
N LEU F 44 -5.25 -4.56 3.58
CA LEU F 44 -5.53 -4.46 2.15
C LEU F 44 -5.13 -5.73 1.40
N GLU F 45 -4.30 -6.56 2.03
CA GLU F 45 -3.81 -7.80 1.40
C GLU F 45 -4.18 -9.04 2.20
N ARG F 46 -5.20 -8.89 3.06
CA ARG F 46 -5.63 -9.99 3.91
C ARG F 46 -7.03 -10.42 3.50
N TRP F 47 -7.28 -11.72 3.59
CA TRP F 47 -8.51 -12.31 3.08
C TRP F 47 -8.90 -13.40 4.03
N ARG F 48 -10.20 -13.53 4.29
CA ARG F 48 -10.65 -14.60 5.15
C ARG F 48 -11.23 -15.69 4.26
N LEU F 49 -10.74 -16.91 4.42
CA LEU F 49 -11.29 -18.07 3.70
C LEU F 49 -12.48 -18.58 4.47
N ILE F 50 -13.63 -18.64 3.78
CA ILE F 50 -14.87 -19.02 4.42
C ILE F 50 -15.41 -20.28 3.74
N TYR F 51 -15.45 -21.39 4.48
CA TYR F 51 -15.79 -22.71 3.93
C TYR F 51 -17.29 -22.99 3.98
N ASP F 52 -17.81 -23.49 2.87
CA ASP F 52 -19.16 -24.05 2.84
C ASP F 52 -18.98 -25.55 2.55
N SER F 53 -19.34 -26.38 3.53
CA SER F 53 -19.12 -27.83 3.45
C SER F 53 -19.97 -28.52 2.38
N ASN F 54 -21.14 -27.94 2.09
CA ASN F 54 -22.02 -28.51 1.08
C ASN F 54 -21.45 -28.36 -0.32
N LYS F 55 -20.89 -27.18 -0.61
CA LYS F 55 -20.29 -26.91 -1.92
C LYS F 55 -18.86 -27.41 -1.94
N ALA F 56 -18.30 -27.63 -0.75
CA ALA F 56 -16.86 -27.93 -0.60
C ALA F 56 -16.04 -26.88 -1.36
N ALA F 57 -16.31 -25.62 -1.06
CA ALA F 57 -15.69 -24.52 -1.75
C ALA F 57 -15.64 -23.35 -0.79
N TYR F 58 -14.86 -22.32 -1.14
CA TYR F 58 -14.55 -21.26 -0.20
C TYR F 58 -14.93 -19.91 -0.79
N LYS F 59 -15.47 -19.02 0.04
CA LYS F 59 -15.46 -17.60 -0.30
C LYS F 59 -14.13 -17.02 0.14
N ILE F 60 -13.66 -16.06 -0.63
CA ILE F 60 -12.44 -15.36 -0.31
C ILE F 60 -12.79 -13.89 0.02
N LYS F 61 -12.93 -13.59 1.31
CA LYS F 61 -13.48 -12.33 1.79
C LYS F 61 -12.39 -11.31 2.14
N SER F 62 -12.50 -10.12 1.57
CA SER F 62 -11.54 -9.08 1.87
C SER F 62 -11.67 -8.61 3.33
N MET F 63 -10.53 -8.39 3.97
CA MET F 63 -10.52 -7.84 5.32
C MET F 63 -10.52 -6.32 5.29
N ASP F 64 -11.06 -5.74 4.22
CA ASP F 64 -11.17 -4.28 4.17
C ASP F 64 -11.87 -3.75 5.41
N ILE F 65 -11.33 -2.69 6.02
CA ILE F 65 -11.92 -2.20 7.25
C ILE F 65 -13.18 -1.36 7.06
N HIS F 66 -13.35 -0.82 5.85
CA HIS F 66 -14.48 0.10 5.58
C HIS F 66 -15.69 -0.63 4.98
N ASN F 67 -15.44 -1.36 3.90
CA ASN F 67 -16.46 -2.23 3.31
C ASN F 67 -16.21 -3.64 3.82
N THR F 68 -17.09 -4.08 4.70
CA THR F 68 -16.83 -5.31 5.44
C THR F 68 -17.46 -6.57 4.85
N ASN F 69 -18.09 -6.48 3.69
CA ASN F 69 -18.71 -7.67 3.12
C ASN F 69 -18.35 -7.96 1.66
N LEU F 70 -17.14 -7.60 1.26
CA LEU F 70 -16.67 -7.79 -0.11
C LEU F 70 -15.99 -9.16 -0.22
N VAL F 71 -16.31 -9.90 -1.29
CA VAL F 71 -15.70 -11.19 -1.58
C VAL F 71 -15.26 -11.29 -3.04
N LEU F 72 -14.21 -12.06 -3.27
CA LEU F 72 -13.63 -12.19 -4.59
C LEU F 72 -14.72 -12.77 -5.49
N THR F 73 -14.95 -12.08 -6.62
CA THR F 73 -16.10 -12.39 -7.46
C THR F 73 -15.69 -12.49 -8.92
N TRP F 74 -16.15 -13.54 -9.60
CA TRP F 74 -15.88 -13.65 -11.02
C TRP F 74 -17.00 -12.94 -11.78
N ASN F 75 -16.64 -11.94 -12.59
CA ASN F 75 -17.63 -11.18 -13.34
C ASN F 75 -18.09 -11.90 -14.61
N ALA F 76 -18.67 -13.10 -14.48
CA ALA F 76 -19.23 -13.82 -15.62
C ALA F 76 -20.23 -12.91 -16.37
N PRO F 77 -20.25 -12.97 -17.72
CA PRO F 77 -19.52 -13.89 -18.61
C PRO F 77 -18.11 -13.41 -19.02
N THR F 78 -17.62 -12.31 -18.46
CA THR F 78 -16.28 -11.88 -18.84
C THR F 78 -15.27 -12.73 -18.12
N HIS F 79 -14.01 -12.52 -18.40
CA HIS F 79 -13.00 -13.21 -17.61
C HIS F 79 -12.48 -12.39 -16.41
N ASN F 80 -13.13 -11.25 -16.13
CA ASN F 80 -12.67 -10.34 -15.06
C ASN F 80 -13.05 -10.79 -13.66
N ILE F 81 -12.27 -10.31 -12.70
CA ILE F 81 -12.42 -10.61 -11.28
C ILE F 81 -12.61 -9.25 -10.55
N SER F 82 -13.42 -9.22 -9.50
CA SER F 82 -13.51 -8.01 -8.67
C SER F 82 -13.92 -8.43 -7.27
N THR F 83 -14.14 -7.46 -6.39
CA THR F 83 -14.77 -7.77 -5.11
C THR F 83 -16.15 -7.12 -5.14
N GLN F 84 -17.17 -7.89 -4.77
CA GLN F 84 -18.54 -7.44 -4.82
C GLN F 84 -19.14 -7.84 -3.49
N GLN F 85 -20.28 -7.27 -3.14
CA GLN F 85 -20.96 -7.61 -1.89
C GLN F 85 -21.27 -9.10 -1.88
N ASP F 86 -21.13 -9.71 -0.70
CA ASP F 86 -21.30 -11.15 -0.54
C ASP F 86 -22.78 -11.51 -0.59
N SER F 87 -23.18 -12.24 -1.63
CA SER F 87 -24.56 -12.71 -1.73
C SER F 87 -24.53 -14.25 -1.79
N ASN F 88 -23.38 -14.81 -1.45
CA ASN F 88 -23.22 -16.26 -1.39
C ASN F 88 -23.48 -16.92 -2.75
N ALA F 89 -23.12 -16.22 -3.82
CA ALA F 89 -23.38 -16.71 -5.18
C ALA F 89 -22.31 -17.69 -5.66
N ASP F 90 -22.66 -18.57 -6.59
CA ASP F 90 -21.70 -19.58 -7.05
C ASP F 90 -20.47 -18.92 -7.65
N ASN F 91 -20.64 -17.72 -8.21
CA ASN F 91 -19.48 -17.04 -8.81
C ASN F 91 -18.64 -16.33 -7.75
N GLN F 92 -19.02 -16.50 -6.49
CA GLN F 92 -18.21 -16.02 -5.35
C GLN F 92 -17.59 -17.17 -4.57
N TYR F 93 -17.65 -18.39 -5.11
CA TYR F 93 -17.05 -19.54 -4.46
C TYR F 93 -15.92 -20.11 -5.31
N TRP F 94 -14.95 -20.71 -4.63
CA TRP F 94 -13.69 -21.08 -5.21
C TRP F 94 -13.22 -22.42 -4.63
N LEU F 95 -12.67 -23.27 -5.49
CA LEU F 95 -12.08 -24.52 -5.04
C LEU F 95 -10.62 -24.23 -4.80
N LEU F 96 -10.11 -24.58 -3.62
CA LEU F 96 -8.70 -24.38 -3.34
C LEU F 96 -8.02 -25.73 -3.51
N LEU F 97 -7.27 -25.84 -4.59
CA LEU F 97 -6.69 -27.13 -4.97
C LEU F 97 -5.21 -27.05 -4.73
N LYS F 98 -4.74 -27.76 -3.72
CA LYS F 98 -3.33 -27.68 -3.35
C LYS F 98 -2.48 -28.64 -4.19
N ASP F 99 -1.57 -28.05 -4.92
CA ASP F 99 -0.64 -28.76 -5.78
C ASP F 99 0.45 -29.32 -4.88
N ILE F 100 0.33 -30.59 -4.51
CA ILE F 100 1.22 -31.15 -3.48
C ILE F 100 2.66 -31.26 -4.02
N GLY F 101 3.62 -30.95 -3.15
CA GLY F 101 5.01 -30.95 -3.56
C GLY F 101 5.49 -29.63 -4.16
N ASN F 102 4.55 -28.78 -4.58
CA ASN F 102 4.90 -27.48 -5.18
C ASN F 102 4.57 -26.37 -4.19
N ASN F 103 3.95 -26.72 -3.08
CA ASN F 103 3.48 -25.78 -2.07
C ASN F 103 2.69 -24.57 -2.63
N SER F 104 1.80 -24.82 -3.58
CA SER F 104 1.05 -23.72 -4.18
C SER F 104 -0.35 -24.20 -4.45
N PHE F 105 -1.24 -23.27 -4.80
CA PHE F 105 -2.64 -23.59 -4.99
C PHE F 105 -3.09 -23.18 -6.38
N ILE F 106 -3.95 -24.00 -6.96
CA ILE F 106 -4.71 -23.58 -8.11
C ILE F 106 -6.07 -23.21 -7.56
N ILE F 107 -6.59 -22.07 -8.00
CA ILE F 107 -7.83 -21.58 -7.40
C ILE F 107 -8.88 -21.55 -8.50
N ALA F 108 -9.81 -22.51 -8.43
CA ALA F 108 -10.75 -22.72 -9.52
C ALA F 108 -12.12 -22.17 -9.18
N SER F 109 -12.81 -21.63 -10.18
CA SER F 109 -14.15 -21.12 -9.93
C SER F 109 -15.10 -22.27 -9.63
N TYR F 110 -15.84 -22.16 -8.53
CA TYR F 110 -16.83 -23.14 -8.19
C TYR F 110 -17.98 -23.12 -9.21
N LYS F 111 -18.26 -21.93 -9.73
CA LYS F 111 -19.36 -21.78 -10.67
C LYS F 111 -19.00 -22.55 -11.95
N ASN F 112 -17.74 -22.43 -12.36
CA ASN F 112 -17.29 -23.12 -13.56
C ASN F 112 -15.84 -23.56 -13.40
N PRO F 113 -15.63 -24.80 -12.91
CA PRO F 113 -14.25 -25.21 -12.62
C PRO F 113 -13.35 -25.38 -13.85
N ASN F 114 -13.91 -25.25 -15.06
CA ASN F 114 -13.05 -25.17 -16.25
C ASN F 114 -12.08 -23.97 -16.14
N LEU F 115 -12.42 -22.99 -15.31
CA LEU F 115 -11.68 -21.73 -15.26
C LEU F 115 -11.03 -21.53 -13.89
N VAL F 116 -9.80 -21.00 -13.88
CA VAL F 116 -9.04 -20.81 -12.66
C VAL F 116 -8.44 -19.41 -12.68
N LEU F 117 -8.08 -18.91 -11.51
CA LEU F 117 -7.41 -17.62 -11.40
C LEU F 117 -6.07 -17.66 -12.11
N TYR F 118 -5.78 -16.57 -12.81
CA TYR F 118 -4.56 -16.40 -13.59
C TYR F 118 -4.01 -15.00 -13.25
N ALA F 119 -2.71 -14.95 -12.91
CA ALA F 119 -2.04 -13.69 -12.54
C ALA F 119 -1.42 -13.00 -13.76
N ASP F 120 -1.99 -11.87 -14.15
CA ASP F 120 -1.38 -11.04 -15.18
C ASP F 120 -0.38 -10.12 -14.50
N THR F 121 0.89 -10.51 -14.47
CA THR F 121 1.88 -9.82 -13.67
C THR F 121 2.36 -8.51 -14.30
N VAL F 122 1.91 -8.26 -15.52
CA VAL F 122 2.32 -7.03 -16.20
C VAL F 122 1.18 -6.00 -16.23
N ALA F 123 -0.06 -6.46 -16.27
CA ALA F 123 -1.19 -5.57 -16.00
C ALA F 123 -1.43 -5.47 -14.47
N ARG F 124 -0.81 -6.38 -13.70
CA ARG F 124 -0.97 -6.41 -12.24
C ARG F 124 -2.42 -6.59 -11.80
N ASN F 125 -3.13 -7.51 -12.45
CA ASN F 125 -4.47 -7.87 -12.00
C ASN F 125 -4.74 -9.35 -12.24
N LEU F 126 -5.97 -9.78 -12.00
CA LEU F 126 -6.31 -11.19 -12.09
C LEU F 126 -7.35 -11.35 -13.16
N LYS F 127 -7.34 -12.52 -13.80
CA LYS F 127 -8.41 -12.89 -14.70
C LYS F 127 -8.68 -14.38 -14.56
N LEU F 128 -9.76 -14.86 -15.17
CA LEU F 128 -9.99 -16.30 -15.26
C LEU F 128 -9.36 -16.86 -16.53
N SER F 129 -8.89 -18.10 -16.43
CA SER F 129 -8.21 -18.72 -17.56
C SER F 129 -8.46 -20.21 -17.51
N THR F 130 -8.33 -20.88 -18.66
CA THR F 130 -8.28 -22.33 -18.66
C THR F 130 -6.91 -22.76 -18.12
N LEU F 131 -6.74 -24.05 -17.87
CA LEU F 131 -5.55 -24.48 -17.14
C LEU F 131 -4.34 -24.63 -18.04
N ASN F 132 -3.15 -24.55 -17.43
CA ASN F 132 -1.91 -24.81 -18.13
C ASN F 132 -0.88 -25.18 -17.07
N ASN F 133 0.38 -25.32 -17.47
CA ASN F 133 1.41 -25.75 -16.53
C ASN F 133 2.31 -24.60 -16.05
N SER F 134 1.86 -23.37 -16.23
CA SER F 134 2.69 -22.22 -15.88
C SER F 134 2.45 -21.84 -14.43
N ASN F 135 3.35 -21.04 -13.86
CA ASN F 135 3.13 -20.54 -12.51
C ASN F 135 2.10 -19.42 -12.45
N TYR F 136 1.60 -18.97 -13.60
CA TYR F 136 0.64 -17.86 -13.60
C TYR F 136 -0.70 -18.26 -13.02
N ILE F 137 -0.96 -19.57 -12.94
CA ILE F 137 -2.19 -20.05 -12.31
C ILE F 137 -1.96 -20.66 -10.91
N LYS F 138 -0.79 -20.40 -10.33
CA LYS F 138 -0.44 -20.99 -9.06
C LYS F 138 -0.23 -19.89 -8.01
N PHE F 139 -0.76 -20.10 -6.82
CA PHE F 139 -0.72 -19.08 -5.77
C PHE F 139 -0.25 -19.63 -4.44
N ILE F 140 0.39 -18.77 -3.65
CA ILE F 140 0.86 -19.12 -2.33
C ILE F 140 -0.14 -18.53 -1.32
N ILE F 141 -0.77 -19.40 -0.55
CA ILE F 141 -1.75 -18.97 0.43
C ILE F 141 -1.06 -19.22 1.75
N GLU F 142 -0.99 -18.16 2.56
CA GLU F 142 -0.23 -18.23 3.79
C GLU F 142 -0.94 -17.47 4.91
N ASP F 143 -0.96 -18.08 6.10
CA ASP F 143 -1.41 -17.40 7.30
C ASP F 143 -0.81 -15.97 7.33
N TYR F 144 -1.62 -14.96 7.58
CA TYR F 144 -1.14 -13.60 7.37
C TYR F 144 -0.02 -13.20 8.31
N ILE F 145 0.01 -13.81 9.50
CA ILE F 145 1.09 -13.51 10.46
C ILE F 145 2.43 -14.03 9.95
N ILE F 146 2.45 -15.30 9.54
CA ILE F 146 3.64 -15.88 8.95
C ILE F 146 4.07 -15.03 7.75
N SER F 147 3.09 -14.69 6.92
CA SER F 147 3.35 -13.87 5.74
C SER F 147 3.99 -12.53 6.14
N ASP F 148 3.42 -11.85 7.14
CA ASP F 148 3.98 -10.56 7.56
C ASP F 148 5.37 -10.65 8.19
N LEU F 149 5.59 -11.68 9.02
CA LEU F 149 6.83 -11.75 9.81
C LEU F 149 7.97 -12.46 9.09
N ASN F 150 7.65 -13.34 8.15
CA ASN F 150 8.68 -14.17 7.52
C ASN F 150 9.59 -13.26 6.71
N ASN F 151 10.88 -13.30 7.03
CA ASN F 151 11.91 -12.44 6.44
C ASN F 151 11.75 -10.97 6.74
N PHE F 152 11.02 -10.66 7.80
CA PHE F 152 10.84 -9.27 8.24
C PHE F 152 11.99 -8.85 9.17
N THR F 153 12.70 -7.80 8.79
CA THR F 153 13.71 -7.21 9.67
C THR F 153 13.06 -6.16 10.59
N CYS F 154 13.15 -6.39 11.90
CA CYS F 154 12.36 -5.62 12.84
C CYS F 154 13.18 -5.13 14.02
N LYS F 155 12.56 -4.28 14.83
CA LYS F 155 13.06 -4.05 16.17
C LYS F 155 11.95 -4.51 17.10
N ILE F 156 12.36 -4.97 18.27
CA ILE F 156 11.43 -5.56 19.20
C ILE F 156 11.44 -4.79 20.51
N SER F 157 10.26 -4.30 20.91
CA SER F 157 10.16 -3.43 22.09
C SER F 157 9.19 -4.00 23.13
N PRO F 158 9.52 -3.86 24.43
CA PRO F 158 8.53 -4.19 25.44
C PRO F 158 7.41 -3.14 25.38
N ILE F 159 6.15 -3.54 25.60
CA ILE F 159 5.08 -2.54 25.62
C ILE F 159 5.16 -1.63 26.85
N LEU F 160 6.02 -1.99 27.82
CA LEU F 160 6.20 -1.16 29.01
C LEU F 160 7.02 0.09 28.69
N ASP F 161 7.84 0.02 27.65
CA ASP F 161 8.44 1.22 27.06
C ASP F 161 8.93 1.04 25.63
N LEU F 162 8.15 1.60 24.72
CA LEU F 162 8.37 1.49 23.29
C LEU F 162 9.61 2.27 22.80
N ASN F 163 10.21 3.06 23.69
CA ASN F 163 11.45 3.74 23.36
C ASN F 163 12.70 2.87 23.54
N LYS F 164 12.51 1.68 24.12
CA LYS F 164 13.60 0.73 24.35
C LYS F 164 13.41 -0.52 23.50
N VAL F 165 14.52 -1.20 23.19
CA VAL F 165 14.51 -2.40 22.36
C VAL F 165 15.33 -3.52 22.98
N VAL F 166 14.91 -4.74 22.68
CA VAL F 166 15.70 -5.93 22.90
C VAL F 166 16.92 -5.91 21.99
N GLN F 167 18.11 -5.97 22.57
CA GLN F 167 19.32 -5.92 21.76
C GLN F 167 20.36 -6.95 22.16
N GLN F 168 21.17 -7.36 21.20
CA GLN F 168 22.42 -8.02 21.50
C GLN F 168 23.42 -6.91 21.89
N VAL F 169 24.27 -7.17 22.88
CA VAL F 169 25.16 -6.13 23.44
C VAL F 169 26.12 -5.55 22.40
N ASP F 170 26.96 -6.40 21.83
CA ASP F 170 27.71 -6.07 20.61
C ASP F 170 28.11 -7.35 19.90
N VAL F 171 28.95 -7.22 18.88
CA VAL F 171 29.24 -8.34 18.00
C VAL F 171 29.91 -9.53 18.73
N THR F 172 30.79 -9.22 19.69
CA THR F 172 31.44 -10.24 20.52
C THR F 172 30.64 -10.60 21.78
N ASN F 173 29.96 -9.63 22.36
CA ASN F 173 29.15 -9.86 23.58
C ASN F 173 27.74 -10.33 23.22
N LEU F 174 27.50 -11.63 23.36
CA LEU F 174 26.25 -12.22 22.85
C LEU F 174 25.05 -12.09 23.80
N ASN F 175 25.24 -11.46 24.95
CA ASN F 175 24.14 -11.25 25.88
C ASN F 175 23.03 -10.38 25.30
N VAL F 176 21.81 -10.59 25.80
CA VAL F 176 20.65 -9.88 25.31
C VAL F 176 20.03 -9.04 26.43
N ASN F 177 19.94 -7.72 26.20
CA ASN F 177 19.35 -6.85 27.21
C ASN F 177 18.50 -5.75 26.61
N LEU F 178 17.87 -4.95 27.47
CA LEU F 178 17.02 -3.85 27.03
C LEU F 178 17.86 -2.58 26.93
N TYR F 179 17.75 -1.88 25.81
CA TYR F 179 18.45 -0.60 25.67
C TYR F 179 17.64 0.38 24.84
N THR F 180 17.89 1.67 25.06
CA THR F 180 17.32 2.72 24.25
C THR F 180 17.64 2.48 22.76
N TRP F 181 16.65 2.68 21.91
CA TRP F 181 16.84 2.50 20.47
C TRP F 181 17.84 3.51 19.94
N ASP F 182 18.91 3.03 19.31
CA ASP F 182 19.93 3.90 18.72
C ASP F 182 20.21 3.60 17.23
N TYR F 183 19.39 2.73 16.64
CA TYR F 183 19.43 2.40 15.21
C TYR F 183 20.57 1.43 14.84
N GLY F 184 21.28 0.89 15.82
CA GLY F 184 22.37 -0.04 15.56
C GLY F 184 21.88 -1.40 15.05
N ARG F 185 22.72 -2.12 14.32
CA ARG F 185 22.31 -3.42 13.77
C ARG F 185 22.16 -4.50 14.84
N ASN F 186 22.82 -4.30 15.98
CA ASN F 186 22.67 -5.18 17.14
C ASN F 186 21.30 -5.01 17.77
N GLN F 187 20.56 -3.98 17.32
CA GLN F 187 19.23 -3.76 17.81
C GLN F 187 18.16 -4.20 16.80
N LYS F 188 18.59 -4.77 15.68
CA LYS F 188 17.63 -5.24 14.68
C LYS F 188 17.71 -6.77 14.49
N TRP F 189 16.56 -7.38 14.17
CA TRP F 189 16.47 -8.82 14.06
C TRP F 189 15.66 -9.20 12.83
N THR F 190 16.14 -10.19 12.11
CA THR F 190 15.42 -10.69 10.96
C THR F 190 14.75 -12.00 11.34
N ILE F 191 13.42 -11.99 11.28
CA ILE F 191 12.62 -13.15 11.59
C ILE F 191 12.56 -14.08 10.36
N ARG F 192 12.70 -15.39 10.58
CA ARG F 192 12.59 -16.38 9.52
C ARG F 192 11.74 -17.55 10.01
N TYR F 193 10.70 -17.89 9.25
CA TYR F 193 9.85 -19.00 9.60
C TYR F 193 10.45 -20.32 9.13
N ASN F 194 10.54 -21.29 10.03
CA ASN F 194 11.00 -22.63 9.64
C ASN F 194 9.80 -23.53 9.37
N GLU F 195 9.58 -23.82 8.08
CA GLU F 195 8.47 -24.63 7.61
C GLU F 195 8.34 -25.95 8.37
N GLU F 196 9.46 -26.68 8.48
CA GLU F 196 9.46 -28.00 9.11
C GLU F 196 9.05 -27.92 10.58
N LYS F 197 9.66 -26.98 11.29
CA LYS F 197 9.46 -26.86 12.73
C LYS F 197 8.18 -26.11 13.09
N ALA F 198 7.57 -25.47 12.10
CA ALA F 198 6.45 -24.56 12.35
C ALA F 198 6.82 -23.60 13.49
N ALA F 199 8.00 -23.01 13.39
CA ALA F 199 8.52 -22.10 14.41
C ALA F 199 9.46 -21.08 13.79
N TYR F 200 9.76 -20.01 14.53
CA TYR F 200 10.62 -18.97 13.98
C TYR F 200 11.97 -18.83 14.69
N GLN F 201 12.92 -18.29 13.97
CA GLN F 201 14.14 -17.79 14.59
C GLN F 201 14.23 -16.29 14.39
N PHE F 202 14.96 -15.65 15.29
CA PHE F 202 15.23 -14.23 15.20
C PHE F 202 16.74 -14.11 14.98
N PHE F 203 17.15 -13.75 13.77
CA PHE F 203 18.57 -13.53 13.50
C PHE F 203 18.95 -12.08 13.81
N ASN F 204 19.85 -11.85 14.77
CA ASN F 204 20.39 -10.51 14.98
C ASN F 204 21.17 -10.04 13.76
N THR F 205 20.95 -8.81 13.32
CA THR F 205 21.58 -8.38 12.07
C THR F 205 23.04 -7.93 12.21
N ILE F 206 23.59 -7.93 13.43
CA ILE F 206 25.01 -7.60 13.57
C ILE F 206 25.88 -8.82 13.24
N LEU F 207 25.25 -10.00 13.26
CA LEU F 207 25.89 -11.28 12.92
C LEU F 207 25.19 -11.90 11.71
N SER F 208 25.76 -12.99 11.20
CA SER F 208 25.19 -13.69 10.05
C SER F 208 24.33 -14.88 10.49
N ASN F 209 24.88 -15.69 11.40
CA ASN F 209 24.23 -16.93 11.84
C ASN F 209 23.91 -16.96 13.34
N GLY F 210 23.68 -15.80 13.95
CA GLY F 210 23.35 -15.75 15.36
C GLY F 210 21.85 -15.56 15.65
N VAL F 211 21.29 -16.45 16.46
CA VAL F 211 19.86 -16.44 16.72
C VAL F 211 19.55 -16.30 18.20
N LEU F 212 18.44 -15.61 18.49
CA LEU F 212 17.92 -15.51 19.86
C LEU F 212 17.67 -16.92 20.40
N THR F 213 18.30 -17.23 21.54
CA THR F 213 18.29 -18.59 22.08
C THR F 213 18.06 -18.63 23.60
N TRP F 214 17.17 -19.51 24.05
CA TRP F 214 17.05 -19.82 25.47
C TRP F 214 18.18 -20.75 25.94
N ILE F 215 19.06 -20.22 26.79
CA ILE F 215 20.16 -21.01 27.34
C ILE F 215 19.66 -21.83 28.53
N PHE F 216 18.92 -22.89 28.23
CA PHE F 216 18.21 -23.68 29.24
C PHE F 216 19.15 -24.40 30.23
N SER F 217 20.42 -24.53 29.88
CA SER F 217 21.38 -25.14 30.81
C SER F 217 21.85 -24.10 31.83
N ASN F 218 21.43 -22.86 31.62
CA ASN F 218 21.65 -21.79 32.57
C ASN F 218 20.30 -21.17 32.94
N GLY F 219 19.42 -21.99 33.52
CA GLY F 219 18.11 -21.54 33.95
C GLY F 219 17.29 -20.77 32.92
N ASN F 220 17.04 -19.49 33.21
CA ASN F 220 16.15 -18.66 32.39
C ASN F 220 16.86 -17.67 31.42
N THR F 221 18.18 -17.79 31.33
CA THR F 221 18.96 -16.88 30.51
C THR F 221 18.62 -17.03 29.01
N VAL F 222 18.53 -15.92 28.29
CA VAL F 222 18.55 -15.99 26.83
C VAL F 222 19.69 -15.18 26.26
N ARG F 223 20.35 -15.78 25.28
CA ARG F 223 21.48 -15.15 24.61
C ARG F 223 21.36 -15.40 23.10
N VAL F 224 22.13 -14.69 22.31
CA VAL F 224 22.32 -15.09 20.92
C VAL F 224 23.38 -16.20 20.89
N SER F 225 23.15 -17.22 20.06
CA SER F 225 24.19 -18.19 19.72
C SER F 225 24.05 -18.60 18.26
N SER F 226 24.98 -19.41 17.74
CA SER F 226 24.99 -19.75 16.32
C SER F 226 23.84 -20.69 15.89
N SER F 227 23.33 -20.48 14.67
CA SER F 227 22.28 -21.31 14.07
C SER F 227 22.82 -22.51 13.29
N ASN F 228 24.13 -22.77 13.42
CA ASN F 228 24.68 -24.02 12.90
C ASN F 228 24.83 -25.05 14.02
N ASP F 229 24.25 -24.69 15.17
CA ASP F 229 23.71 -25.66 16.12
C ASP F 229 22.31 -25.93 15.56
N GLN F 230 22.03 -27.18 15.18
CA GLN F 230 20.97 -27.46 14.22
C GLN F 230 19.64 -27.98 14.77
N ASN F 231 19.73 -28.92 15.71
CA ASN F 231 18.55 -29.45 16.38
C ASN F 231 18.49 -28.98 17.81
N ASN F 232 18.37 -27.66 17.99
CA ASN F 232 18.06 -27.10 19.28
C ASN F 232 16.74 -26.36 19.15
N ASP F 233 15.69 -26.93 19.73
CA ASP F 233 14.37 -26.31 19.72
C ASP F 233 14.39 -24.99 20.50
N ALA F 234 15.32 -24.87 21.44
CA ALA F 234 15.51 -23.66 22.21
C ALA F 234 15.90 -22.45 21.35
N GLN F 235 16.26 -22.67 20.10
CA GLN F 235 16.59 -21.60 19.16
C GLN F 235 15.36 -21.08 18.43
N TYR F 236 14.24 -21.78 18.59
CA TYR F 236 13.06 -21.50 17.81
C TYR F 236 11.92 -20.98 18.68
N TRP F 237 11.05 -20.16 18.09
CA TRP F 237 10.00 -19.51 18.87
C TRP F 237 8.63 -19.51 18.17
N LEU F 238 7.58 -19.57 18.99
CA LEU F 238 6.23 -19.31 18.52
C LEU F 238 5.93 -17.81 18.72
N ILE F 239 5.34 -17.19 17.70
CA ILE F 239 5.00 -15.77 17.79
C ILE F 239 3.48 -15.59 17.61
N ASN F 240 2.81 -15.27 18.72
CA ASN F 240 1.35 -15.26 18.75
C ASN F 240 0.85 -13.85 18.96
N PRO F 241 -0.04 -13.37 18.06
CA PRO F 241 -0.58 -12.01 18.18
C PRO F 241 -1.42 -11.84 19.44
N VAL F 242 -1.39 -10.63 20.00
CA VAL F 242 -2.28 -10.27 21.09
C VAL F 242 -3.53 -9.63 20.49
N SER F 243 -4.71 -10.05 20.93
CA SER F 243 -5.96 -9.50 20.39
C SER F 243 -6.04 -7.96 20.42
N ASP F 244 -6.75 -7.40 19.44
CA ASP F 244 -7.01 -5.96 19.33
C ASP F 244 -5.80 -5.16 18.87
N THR F 245 -4.64 -5.80 18.77
CA THR F 245 -3.43 -5.08 18.42
C THR F 245 -2.89 -5.50 17.06
N ASP F 246 -2.21 -4.55 16.41
CA ASP F 246 -1.58 -4.78 15.12
C ASP F 246 -0.10 -5.18 15.23
N GLU F 247 0.55 -4.84 16.34
CA GLU F 247 1.98 -5.06 16.45
C GLU F 247 2.44 -5.84 17.68
N THR F 248 1.50 -6.25 18.52
CA THR F 248 1.89 -6.80 19.84
C THR F 248 1.83 -8.32 19.82
N TYR F 249 2.88 -8.96 20.34
CA TYR F 249 2.97 -10.41 20.31
C TYR F 249 3.48 -10.95 21.63
N THR F 250 3.08 -12.19 21.93
CA THR F 250 3.77 -12.99 22.93
C THR F 250 4.69 -13.95 22.16
N ILE F 251 5.86 -14.20 22.72
CA ILE F 251 6.91 -14.97 22.05
C ILE F 251 7.32 -16.13 22.95
N THR F 252 6.98 -17.36 22.54
CA THR F 252 7.21 -18.53 23.40
C THR F 252 8.21 -19.53 22.81
N ASN F 253 8.98 -20.17 23.69
CA ASN F 253 10.07 -21.03 23.22
C ASN F 253 9.61 -22.40 22.78
N LEU F 254 10.14 -22.89 21.66
CA LEU F 254 9.73 -24.17 21.07
C LEU F 254 10.08 -25.37 21.96
N ARG F 255 11.17 -25.29 22.71
CA ARG F 255 11.58 -26.38 23.60
C ARG F 255 10.52 -26.63 24.68
N ASP F 256 9.99 -25.54 25.21
CA ASP F 256 8.96 -25.60 26.25
C ASP F 256 8.11 -24.36 26.04
N THR F 257 6.93 -24.55 25.45
CA THR F 257 6.06 -23.44 25.07
C THR F 257 5.47 -22.67 26.25
N THR F 258 5.67 -23.19 27.46
CA THR F 258 5.24 -22.50 28.68
C THR F 258 6.24 -21.40 29.05
N LYS F 259 7.36 -21.36 28.32
CA LYS F 259 8.39 -20.38 28.57
C LYS F 259 8.24 -19.23 27.57
N ALA F 260 7.98 -18.04 28.08
CA ALA F 260 7.74 -16.87 27.23
C ALA F 260 8.89 -15.88 27.37
N LEU F 261 9.22 -15.21 26.27
CA LEU F 261 10.17 -14.11 26.34
C LEU F 261 9.64 -13.10 27.36
N ASP F 262 10.53 -12.68 28.26
CA ASP F 262 10.12 -12.03 29.50
C ASP F 262 11.07 -10.89 29.82
N LEU F 263 10.54 -9.71 30.12
CA LEU F 263 11.36 -8.59 30.54
C LEU F 263 11.54 -8.69 32.05
N TYR F 264 12.79 -8.86 32.48
CA TYR F 264 13.10 -9.13 33.88
C TYR F 264 12.51 -8.10 34.83
N GLY F 265 11.61 -8.57 35.71
CA GLY F 265 11.00 -7.72 36.72
C GLY F 265 9.91 -6.80 36.19
N GLY F 266 9.89 -6.60 34.86
CA GLY F 266 9.12 -5.53 34.27
C GLY F 266 9.89 -4.23 34.41
N GLN F 267 11.19 -4.35 34.70
CA GLN F 267 12.07 -3.19 34.84
C GLN F 267 12.43 -2.65 33.45
N THR F 268 12.53 -1.32 33.35
CA THR F 268 12.62 -0.69 32.04
C THR F 268 13.96 0.06 31.84
N ALA F 269 14.77 0.05 32.90
CA ALA F 269 16.12 0.63 32.90
C ALA F 269 17.00 0.04 31.81
N ASN F 270 17.95 0.85 31.31
CA ASN F 270 18.98 0.37 30.37
C ASN F 270 19.81 -0.77 30.97
N GLY F 271 19.96 -1.86 30.23
CA GLY F 271 20.76 -2.99 30.68
C GLY F 271 19.95 -4.10 31.31
N THR F 272 18.65 -3.86 31.52
CA THR F 272 17.74 -4.85 32.09
C THR F 272 17.78 -6.17 31.30
N ALA F 273 17.75 -7.28 32.02
CA ALA F 273 17.84 -8.61 31.40
C ALA F 273 16.61 -8.97 30.56
N ILE F 274 16.85 -9.61 29.42
CA ILE F 274 15.78 -10.27 28.71
C ILE F 274 16.00 -11.75 29.00
N GLN F 275 14.94 -12.45 29.36
CA GLN F 275 15.07 -13.83 29.80
C GLN F 275 13.84 -14.57 29.32
N VAL F 276 13.71 -15.83 29.73
CA VAL F 276 12.43 -16.50 29.61
C VAL F 276 11.84 -16.68 31.00
N PHE F 277 10.52 -16.76 31.06
CA PHE F 277 9.83 -17.02 32.32
C PHE F 277 8.56 -17.78 32.00
N ASN F 278 8.04 -18.49 33.00
CA ASN F 278 6.74 -19.15 32.85
C ASN F 278 5.70 -18.14 32.36
N TYR F 279 4.88 -18.55 31.40
CA TYR F 279 3.96 -17.62 30.77
C TYR F 279 2.77 -17.30 31.67
N HIS F 280 2.50 -16.01 31.86
CA HIS F 280 1.28 -15.58 32.54
C HIS F 280 0.53 -14.49 31.75
N GLY F 281 1.18 -13.95 30.73
CA GLY F 281 0.57 -12.95 29.87
C GLY F 281 0.52 -11.56 30.46
N ASP F 282 1.39 -11.30 31.44
CA ASP F 282 1.52 -9.96 32.00
C ASP F 282 2.15 -9.05 30.96
N ASP F 283 2.12 -7.74 31.21
CA ASP F 283 2.63 -6.77 30.24
C ASP F 283 4.12 -6.92 29.94
N ASN F 284 4.88 -7.47 30.88
CA ASN F 284 6.31 -7.70 30.67
C ASN F 284 6.61 -8.95 29.83
N GLN F 285 5.55 -9.63 29.37
CA GLN F 285 5.72 -10.74 28.43
C GLN F 285 5.09 -10.42 27.06
N LYS F 286 4.78 -9.14 26.84
CA LYS F 286 4.24 -8.69 25.55
C LYS F 286 5.22 -7.80 24.80
N TRP F 287 5.32 -8.01 23.49
CA TRP F 287 6.35 -7.39 22.67
C TRP F 287 5.80 -6.79 21.40
N ASN F 288 6.19 -5.55 21.14
CA ASN F 288 5.92 -4.95 19.84
C ASN F 288 7.01 -5.21 18.82
N ILE F 289 6.63 -5.84 17.72
CA ILE F 289 7.54 -6.14 16.65
C ILE F 289 7.23 -5.15 15.55
N ARG F 290 8.21 -4.32 15.20
CA ARG F 290 7.93 -3.14 14.42
C ARG F 290 8.98 -2.91 13.37
N ASN F 291 8.57 -2.23 12.31
CA ASN F 291 9.49 -1.66 11.36
C ASN F 291 10.51 -0.77 12.06
N PRO F 292 11.79 -0.99 11.75
CA PRO F 292 12.80 0.02 12.09
C PRO F 292 12.54 1.28 11.24
N PRO F 293 12.36 2.43 11.89
CA PRO F 293 12.12 3.69 11.16
C PRO F 293 13.27 4.09 10.24
N LEU G 9 -17.44 -17.21 -45.73
CA LEU G 9 -16.68 -18.46 -45.88
C LEU G 9 -17.40 -19.38 -46.87
N PRO G 10 -16.88 -19.49 -48.10
CA PRO G 10 -17.61 -20.30 -49.10
C PRO G 10 -17.71 -21.80 -48.78
N ASN G 11 -18.77 -22.44 -49.28
CA ASN G 11 -18.96 -23.87 -49.10
C ASN G 11 -17.87 -24.67 -49.80
N GLY G 12 -17.43 -25.76 -49.20
CA GLY G 12 -16.47 -26.60 -49.88
C GLY G 12 -15.52 -27.36 -48.97
N ASN G 13 -14.49 -27.91 -49.59
CA ASN G 13 -13.48 -28.72 -48.92
C ASN G 13 -12.29 -27.88 -48.47
N TYR G 14 -11.88 -28.04 -47.22
CA TYR G 14 -10.80 -27.27 -46.61
C TYR G 14 -9.84 -28.20 -45.88
N ASN G 15 -8.57 -27.80 -45.76
CA ASN G 15 -7.72 -28.36 -44.71
C ASN G 15 -7.90 -27.47 -43.50
N ILE G 16 -7.72 -28.01 -42.29
CA ILE G 16 -7.80 -27.20 -41.08
C ILE G 16 -6.51 -27.28 -40.26
N LYS G 17 -5.96 -26.10 -39.96
CA LYS G 17 -4.67 -25.98 -39.33
C LYS G 17 -4.74 -25.03 -38.15
N SER G 18 -3.88 -25.28 -37.18
CA SER G 18 -3.63 -24.38 -36.07
C SER G 18 -2.61 -23.33 -36.50
N ILE G 19 -2.77 -22.10 -36.02
CA ILE G 19 -1.75 -21.08 -36.32
C ILE G 19 -0.36 -21.44 -35.77
N PHE G 20 -0.29 -22.42 -34.87
CA PHE G 20 1.01 -22.84 -34.33
C PHE G 20 1.87 -23.59 -35.33
N SER G 21 1.23 -24.11 -36.38
CA SER G 21 1.94 -24.96 -37.34
C SER G 21 1.30 -25.00 -38.73
N GLY G 22 2.13 -24.73 -39.75
CA GLY G 22 1.67 -24.78 -41.13
C GLY G 22 1.83 -26.16 -41.75
N SER G 23 2.30 -27.13 -40.97
CA SER G 23 2.59 -28.45 -41.51
C SER G 23 1.82 -29.54 -40.76
N LEU G 24 0.85 -29.15 -39.95
CA LEU G 24 0.04 -30.13 -39.23
C LEU G 24 -1.44 -29.95 -39.55
N TYR G 25 -2.13 -31.06 -39.79
CA TYR G 25 -3.47 -31.05 -40.35
C TYR G 25 -4.46 -31.81 -39.49
N LEU G 26 -5.63 -31.19 -39.28
CA LEU G 26 -6.71 -31.77 -38.48
C LEU G 26 -7.18 -33.09 -39.07
N ASN G 27 -7.14 -34.14 -38.26
CA ASN G 27 -7.78 -35.41 -38.61
C ASN G 27 -8.25 -36.18 -37.38
N PRO G 28 -9.23 -37.09 -37.55
CA PRO G 28 -9.61 -37.95 -36.43
C PRO G 28 -8.52 -38.98 -36.13
N VAL G 29 -8.30 -39.24 -34.85
CA VAL G 29 -7.41 -40.33 -34.40
C VAL G 29 -8.13 -41.02 -33.25
N SER G 30 -8.55 -42.25 -33.47
CA SER G 30 -9.52 -42.92 -32.60
C SER G 30 -10.75 -42.02 -32.50
N LYS G 31 -11.21 -41.70 -31.28
CA LYS G 31 -12.37 -40.80 -31.16
C LYS G 31 -11.97 -39.34 -30.95
N SER G 32 -10.69 -39.03 -31.03
CA SER G 32 -10.26 -37.65 -30.83
C SER G 32 -9.97 -36.94 -32.15
N LEU G 33 -9.80 -35.63 -32.08
CA LEU G 33 -9.35 -34.84 -33.22
C LEU G 33 -7.96 -34.29 -32.87
N THR G 34 -7.05 -34.40 -33.83
CA THR G 34 -5.68 -33.94 -33.59
C THR G 34 -5.07 -33.41 -34.90
N PHE G 35 -3.95 -32.71 -34.80
CA PHE G 35 -3.28 -32.16 -35.97
C PHE G 35 -2.05 -33.02 -36.24
N SER G 36 -1.97 -33.58 -37.45
CA SER G 36 -0.94 -34.57 -37.78
C SER G 36 -0.18 -34.20 -39.07
N ASN G 37 0.87 -34.97 -39.36
CA ASN G 37 1.60 -34.78 -40.60
C ASN G 37 0.68 -34.92 -41.80
N GLU G 38 1.01 -34.19 -42.86
CA GLU G 38 0.25 -34.20 -44.10
C GLU G 38 0.15 -35.64 -44.61
N SER G 39 -1.07 -36.07 -44.93
CA SER G 39 -1.31 -37.43 -45.40
C SER G 39 -1.76 -37.44 -46.86
N SER G 40 -2.30 -36.31 -47.32
CA SER G 40 -2.93 -36.19 -48.64
C SER G 40 -4.17 -37.10 -48.77
N ALA G 41 -4.64 -37.60 -47.64
CA ALA G 41 -5.81 -38.49 -47.61
C ALA G 41 -7.10 -37.69 -47.36
N ASN G 42 -8.24 -38.35 -47.61
CA ASN G 42 -9.53 -37.75 -47.37
C ASN G 42 -9.80 -37.37 -45.90
N ASN G 43 -9.17 -38.08 -44.96
CA ASN G 43 -9.41 -37.80 -43.55
C ASN G 43 -8.83 -36.47 -43.08
N GLN G 44 -8.05 -35.81 -43.93
CA GLN G 44 -7.61 -34.44 -43.61
C GLN G 44 -8.41 -33.40 -44.39
N LYS G 45 -9.46 -33.84 -45.06
CA LYS G 45 -10.30 -32.92 -45.84
C LYS G 45 -11.65 -32.73 -45.15
N TRP G 46 -12.10 -31.47 -45.06
CA TRP G 46 -13.30 -31.11 -44.31
C TRP G 46 -14.28 -30.33 -45.18
N ASN G 47 -15.52 -30.81 -45.24
CA ASN G 47 -16.53 -30.19 -46.09
C ASN G 47 -17.33 -29.17 -45.31
N VAL G 48 -17.12 -27.89 -45.60
CA VAL G 48 -17.78 -26.84 -44.84
C VAL G 48 -19.08 -26.44 -45.54
N GLU G 49 -20.20 -26.49 -44.81
CA GLU G 49 -21.50 -26.15 -45.42
C GLU G 49 -22.22 -25.10 -44.59
N TYR G 50 -22.58 -23.99 -45.21
CA TYR G 50 -23.32 -22.95 -44.51
C TYR G 50 -24.78 -23.37 -44.31
N MET G 51 -25.30 -23.10 -43.12
CA MET G 51 -26.71 -23.38 -42.85
C MET G 51 -27.49 -22.08 -42.72
N ALA G 52 -28.30 -21.77 -43.72
CA ALA G 52 -29.00 -20.48 -43.77
C ALA G 52 -29.92 -20.21 -42.58
N GLU G 53 -30.62 -21.23 -42.09
CA GLU G 53 -31.64 -20.98 -41.06
C GLU G 53 -31.04 -20.43 -39.76
N ASN G 54 -29.88 -20.92 -39.37
CA ASN G 54 -29.23 -20.52 -38.10
C ASN G 54 -27.94 -19.75 -38.29
N ARG G 55 -27.55 -19.52 -39.56
CA ARG G 55 -26.35 -18.75 -39.89
C ARG G 55 -25.07 -19.36 -39.37
N CYS G 56 -25.05 -20.68 -39.27
CA CYS G 56 -23.87 -21.40 -38.83
C CYS G 56 -23.35 -22.37 -39.88
N PHE G 57 -22.30 -23.09 -39.52
CA PHE G 57 -21.64 -23.97 -40.45
C PHE G 57 -21.60 -25.36 -39.85
N LYS G 58 -21.90 -26.35 -40.68
CA LYS G 58 -21.58 -27.73 -40.30
C LYS G 58 -20.40 -28.20 -41.14
N ILE G 59 -19.55 -29.02 -40.52
CA ILE G 59 -18.26 -29.37 -41.08
C ILE G 59 -18.06 -30.89 -40.96
N SER G 60 -18.14 -31.59 -42.09
CA SER G 60 -18.08 -33.03 -42.12
C SER G 60 -16.72 -33.51 -42.65
N ASN G 61 -16.31 -34.69 -42.22
CA ASN G 61 -15.06 -35.27 -42.71
C ASN G 61 -15.31 -35.93 -44.07
N VAL G 62 -14.54 -35.55 -45.08
CA VAL G 62 -14.70 -36.14 -46.43
C VAL G 62 -14.60 -37.67 -46.41
N ALA G 63 -13.76 -38.22 -45.54
CA ALA G 63 -13.58 -39.67 -45.52
C ALA G 63 -14.80 -40.37 -44.90
N GLU G 64 -15.50 -39.64 -44.04
CA GLU G 64 -16.68 -40.14 -43.37
C GLU G 64 -17.73 -39.05 -43.43
N PRO G 65 -18.40 -38.92 -44.60
CA PRO G 65 -19.20 -37.73 -44.89
C PRO G 65 -20.49 -37.64 -44.08
N ASN G 66 -20.87 -38.70 -43.36
CA ASN G 66 -22.03 -38.60 -42.49
C ASN G 66 -21.65 -38.29 -41.03
N LYS G 67 -20.38 -37.99 -40.80
CA LYS G 67 -19.88 -37.61 -39.48
C LYS G 67 -19.44 -36.14 -39.46
N TYR G 68 -19.86 -35.40 -38.44
CA TYR G 68 -19.55 -33.97 -38.36
C TYR G 68 -18.73 -33.62 -37.12
N LEU G 69 -17.99 -32.51 -37.18
CA LEU G 69 -17.35 -32.00 -35.98
C LEU G 69 -18.41 -31.58 -34.98
N SER G 70 -18.25 -32.10 -33.77
CA SER G 70 -19.24 -31.95 -32.71
C SER G 70 -18.43 -31.84 -31.41
N TYR G 71 -19.07 -32.00 -30.25
CA TYR G 71 -18.32 -32.07 -29.00
C TYR G 71 -18.97 -33.01 -28.01
N ASP G 72 -18.18 -33.61 -27.11
CA ASP G 72 -18.74 -34.61 -26.21
C ASP G 72 -19.00 -34.00 -24.83
N ASN G 73 -19.40 -34.83 -23.86
CA ASN G 73 -19.67 -34.34 -22.51
C ASN G 73 -18.41 -34.26 -21.64
N PHE G 74 -17.24 -34.29 -22.26
CA PHE G 74 -15.97 -34.41 -21.53
C PHE G 74 -15.01 -33.31 -21.92
N GLY G 75 -15.48 -32.40 -22.78
CA GLY G 75 -14.70 -31.26 -23.21
C GLY G 75 -13.90 -31.46 -24.48
N PHE G 76 -14.05 -32.63 -25.14
CA PHE G 76 -13.35 -32.89 -26.39
C PHE G 76 -14.21 -32.55 -27.61
N ILE G 77 -13.59 -32.05 -28.68
CA ILE G 77 -14.24 -32.07 -30.00
C ILE G 77 -14.34 -33.56 -30.43
N SER G 78 -15.42 -33.87 -31.15
CA SER G 78 -15.65 -35.23 -31.61
C SER G 78 -16.14 -35.24 -33.05
N LEU G 79 -16.26 -36.44 -33.60
CA LEU G 79 -16.80 -36.63 -34.93
C LEU G 79 -18.07 -37.44 -34.75
N ASP G 80 -19.25 -36.81 -34.85
CA ASP G 80 -20.48 -37.56 -34.58
C ASP G 80 -21.54 -37.35 -35.64
N SER G 81 -22.66 -38.04 -35.52
CA SER G 81 -23.77 -37.78 -36.42
C SER G 81 -24.39 -36.42 -36.11
N LEU G 82 -25.22 -35.94 -37.02
CA LEU G 82 -25.75 -34.58 -36.93
C LEU G 82 -26.60 -34.36 -35.67
N SER G 83 -26.40 -33.18 -35.07
CA SER G 83 -27.13 -32.75 -33.88
C SER G 83 -26.84 -31.25 -33.75
N ASN G 84 -27.49 -30.55 -32.82
CA ASN G 84 -27.22 -29.12 -32.64
C ASN G 84 -25.80 -28.82 -32.14
N ARG G 85 -25.12 -29.86 -31.69
CA ARG G 85 -23.71 -29.71 -31.33
C ARG G 85 -22.77 -29.58 -32.51
N CYS G 86 -23.29 -29.79 -33.74
CA CYS G 86 -22.48 -29.74 -34.96
C CYS G 86 -22.46 -28.37 -35.66
N TYR G 87 -23.07 -27.37 -35.05
CA TYR G 87 -23.22 -26.04 -35.66
C TYR G 87 -22.12 -25.12 -35.12
N TRP G 88 -21.30 -24.59 -36.02
CA TRP G 88 -20.19 -23.74 -35.58
C TRP G 88 -20.37 -22.32 -36.06
N PHE G 89 -19.97 -21.39 -35.22
CA PHE G 89 -20.13 -19.95 -35.50
C PHE G 89 -18.73 -19.34 -35.54
N PRO G 90 -18.21 -19.11 -36.75
CA PRO G 90 -16.82 -18.68 -36.87
C PRO G 90 -16.70 -17.18 -36.75
N ILE G 91 -15.55 -16.75 -36.27
CA ILE G 91 -15.22 -15.36 -36.27
C ILE G 91 -13.92 -15.22 -37.02
N LYS G 92 -14.01 -14.58 -38.18
CA LYS G 92 -12.85 -14.38 -39.03
C LYS G 92 -12.02 -13.23 -38.52
N ILE G 93 -10.76 -13.49 -38.22
CA ILE G 93 -9.90 -12.48 -37.59
C ILE G 93 -8.68 -12.10 -38.44
N ALA G 94 -8.52 -12.80 -39.53
CA ALA G 94 -7.47 -12.55 -40.50
C ALA G 94 -7.76 -13.32 -41.77
N VAL G 95 -6.85 -13.32 -42.72
CA VAL G 95 -7.15 -13.81 -44.07
C VAL G 95 -7.99 -15.07 -44.15
N ASN G 96 -7.47 -16.14 -43.61
CA ASN G 96 -8.29 -17.31 -43.43
C ASN G 96 -7.98 -17.91 -42.10
N THR G 97 -7.98 -17.03 -41.14
CA THR G 97 -7.85 -17.36 -39.72
C THR G 97 -9.19 -17.13 -39.01
N TYR G 98 -9.58 -18.11 -38.20
CA TYR G 98 -10.88 -18.10 -37.56
C TYR G 98 -10.82 -18.57 -36.11
N ILE G 99 -11.74 -18.02 -35.32
CA ILE G 99 -12.08 -18.61 -34.05
C ILE G 99 -13.40 -19.33 -34.28
N MET G 100 -13.52 -20.55 -33.78
CA MET G 100 -14.72 -21.34 -34.04
C MET G 100 -15.54 -21.52 -32.77
N LEU G 101 -16.62 -20.76 -32.66
CA LEU G 101 -17.44 -20.88 -31.47
C LEU G 101 -18.46 -21.99 -31.72
N SER G 102 -18.83 -22.71 -30.67
CA SER G 102 -20.05 -23.47 -30.69
C SER G 102 -21.25 -22.51 -30.91
N LEU G 103 -22.23 -22.90 -31.73
CA LEU G 103 -23.45 -22.09 -31.87
C LEU G 103 -24.14 -21.88 -30.50
N ASN G 104 -24.36 -22.98 -29.77
CA ASN G 104 -24.95 -22.94 -28.42
C ASN G 104 -24.00 -22.29 -27.41
N LYS G 105 -24.53 -21.43 -26.52
CA LYS G 105 -23.77 -21.09 -25.32
C LYS G 105 -23.57 -22.39 -24.54
N VAL G 106 -22.40 -22.55 -23.94
CA VAL G 106 -22.14 -23.75 -23.14
C VAL G 106 -21.80 -23.27 -21.75
N ASN G 107 -22.52 -23.76 -20.74
CA ASN G 107 -22.31 -23.29 -19.36
C ASN G 107 -22.46 -21.77 -19.35
N GLU G 108 -23.45 -21.31 -20.13
CA GLU G 108 -23.76 -19.89 -20.40
C GLU G 108 -22.58 -18.98 -20.78
N LEU G 109 -21.64 -19.54 -21.51
CA LEU G 109 -20.50 -18.80 -22.08
C LEU G 109 -20.37 -19.14 -23.56
N ASP G 110 -19.61 -18.34 -24.28
CA ASP G 110 -19.11 -18.79 -25.56
C ASP G 110 -18.01 -19.84 -25.31
N TYR G 111 -18.09 -20.95 -26.06
CA TYR G 111 -17.04 -21.98 -26.04
C TYR G 111 -16.48 -22.14 -27.45
N ALA G 112 -15.19 -22.46 -27.55
CA ALA G 112 -14.52 -22.44 -28.83
C ALA G 112 -13.54 -23.62 -28.95
N TRP G 113 -13.26 -24.01 -30.20
CA TRP G 113 -12.16 -24.96 -30.41
C TRP G 113 -10.89 -24.41 -29.73
N ASP G 114 -10.15 -25.27 -29.07
CA ASP G 114 -8.95 -24.83 -28.35
C ASP G 114 -7.93 -25.95 -28.42
N ILE G 115 -6.72 -25.62 -28.84
CA ILE G 115 -5.67 -26.63 -28.91
C ILE G 115 -4.53 -26.17 -28.01
N TYR G 116 -4.17 -27.02 -27.05
CA TYR G 116 -3.12 -26.68 -26.08
C TYR G 116 -1.76 -26.76 -26.76
N ASP G 117 -0.85 -25.84 -26.40
CA ASP G 117 0.50 -25.86 -26.95
C ASP G 117 1.53 -25.86 -25.83
N THR G 118 2.64 -26.53 -26.06
CA THR G 118 3.80 -26.43 -25.17
C THR G 118 4.91 -25.76 -25.96
N ASN G 119 5.13 -24.48 -25.69
CA ASN G 119 6.05 -23.67 -26.50
C ASN G 119 5.74 -23.80 -28.00
N GLU G 120 4.46 -23.68 -28.35
CA GLU G 120 3.95 -23.70 -29.72
C GLU G 120 3.95 -25.08 -30.38
N ASN G 121 4.25 -26.10 -29.59
CA ASN G 121 4.20 -27.48 -30.07
C ASN G 121 2.85 -28.08 -29.72
N ILE G 122 2.09 -28.51 -30.75
CA ILE G 122 0.78 -29.12 -30.52
C ILE G 122 0.72 -30.64 -30.83
N LEU G 123 1.86 -31.26 -31.14
CA LEU G 123 1.87 -32.70 -31.48
C LEU G 123 1.12 -33.55 -30.44
N SER G 124 0.20 -34.40 -30.92
CA SER G 124 -0.54 -35.35 -30.09
C SER G 124 -1.55 -34.72 -29.13
N GLN G 125 -1.76 -33.41 -29.21
CA GLN G 125 -2.81 -32.79 -28.40
C GLN G 125 -4.17 -33.03 -29.03
N PRO G 126 -5.19 -33.31 -28.20
CA PRO G 126 -6.54 -33.39 -28.76
C PRO G 126 -7.15 -31.99 -28.84
N LEU G 127 -8.00 -31.77 -29.83
CA LEU G 127 -8.71 -30.51 -29.93
C LEU G 127 -9.84 -30.52 -28.90
N LEU G 128 -9.90 -29.48 -28.07
CA LEU G 128 -10.90 -29.39 -27.00
C LEU G 128 -11.92 -28.27 -27.28
N LEU G 129 -12.96 -28.20 -26.47
CA LEU G 129 -13.91 -27.09 -26.55
C LEU G 129 -13.81 -26.34 -25.23
N LEU G 130 -13.32 -25.09 -25.26
CA LEU G 130 -13.06 -24.39 -24.00
C LEU G 130 -13.61 -22.97 -24.03
N PRO G 131 -13.76 -22.32 -22.85
CA PRO G 131 -14.39 -20.99 -22.90
C PRO G 131 -13.66 -20.00 -23.80
N ASN G 132 -14.44 -19.12 -24.43
CA ASN G 132 -13.86 -18.05 -25.24
C ASN G 132 -14.24 -16.70 -24.66
N PHE G 133 -13.29 -15.77 -24.60
CA PHE G 133 -13.55 -14.45 -24.05
C PHE G 133 -13.29 -13.31 -25.03
N ASP G 134 -12.49 -13.56 -26.06
CA ASP G 134 -12.10 -12.46 -26.95
C ASP G 134 -11.43 -13.05 -28.16
N ILE G 135 -10.88 -12.21 -29.03
CA ILE G 135 -10.29 -12.73 -30.26
C ILE G 135 -8.76 -12.86 -30.23
N TYR G 136 -8.16 -12.90 -29.06
CA TYR G 136 -6.70 -12.83 -29.00
C TYR G 136 -6.03 -14.12 -28.50
N ASN G 137 -6.84 -15.14 -28.20
CA ASN G 137 -6.30 -16.40 -27.69
C ASN G 137 -5.77 -17.23 -28.86
N SER G 138 -4.44 -17.30 -28.98
CA SER G 138 -3.72 -18.08 -30.01
C SER G 138 -4.11 -19.56 -30.07
N ASN G 139 -4.45 -20.13 -28.92
CA ASN G 139 -4.88 -21.51 -28.85
C ASN G 139 -6.27 -21.73 -29.43
N GLN G 140 -6.92 -20.63 -29.83
CA GLN G 140 -8.27 -20.70 -30.37
C GLN G 140 -8.34 -20.28 -31.83
N MET G 141 -7.17 -20.08 -32.42
CA MET G 141 -7.10 -19.56 -33.77
C MET G 141 -6.78 -20.68 -34.76
N PHE G 142 -7.57 -20.76 -35.82
CA PHE G 142 -7.41 -21.85 -36.76
C PHE G 142 -7.46 -21.37 -38.20
N LYS G 143 -6.67 -22.03 -39.05
CA LYS G 143 -6.66 -21.70 -40.46
C LYS G 143 -7.53 -22.67 -41.23
N LEU G 144 -8.39 -22.10 -42.06
CA LEU G 144 -9.17 -22.89 -42.98
C LEU G 144 -8.63 -22.64 -44.39
N GLU G 145 -7.99 -23.66 -44.97
CA GLU G 145 -7.37 -23.52 -46.26
C GLU G 145 -8.12 -24.34 -47.30
N LYS G 146 -8.71 -23.63 -48.25
CA LYS G 146 -9.53 -24.23 -49.29
C LYS G 146 -8.68 -25.16 -50.17
N ILE G 147 -9.09 -26.43 -50.23
CA ILE G 147 -8.41 -27.48 -50.99
C ILE G 147 -9.12 -28.82 -50.82
N ASN H 8 8.09 -34.45 -1.21
CA ASN H 8 8.77 -35.01 -0.04
C ASN H 8 7.76 -35.36 1.07
N SER H 9 6.62 -35.91 0.65
CA SER H 9 5.61 -36.38 1.59
C SER H 9 4.87 -37.58 0.98
N LEU H 10 4.59 -37.47 -0.32
CA LEU H 10 4.01 -38.59 -1.05
C LEU H 10 5.07 -39.32 -1.84
N ASN H 11 6.22 -38.68 -2.04
CA ASN H 11 7.26 -39.27 -2.86
C ASN H 11 7.64 -40.64 -2.34
N ASP H 12 7.71 -41.60 -3.27
CA ASP H 12 8.11 -42.96 -2.98
C ASP H 12 7.06 -43.77 -2.21
N LYS H 13 5.94 -43.13 -1.86
CA LYS H 13 4.88 -43.83 -1.14
C LYS H 13 4.17 -44.80 -2.06
N ILE H 14 3.85 -45.98 -1.54
CA ILE H 14 3.07 -46.97 -2.27
C ILE H 14 1.63 -46.85 -1.81
N VAL H 15 0.72 -46.64 -2.75
CA VAL H 15 -0.64 -46.28 -2.40
C VAL H 15 -1.63 -47.11 -3.20
N THR H 16 -2.89 -47.13 -2.76
CA THR H 16 -3.99 -47.50 -3.64
C THR H 16 -4.70 -46.20 -4.03
N ILE H 17 -5.38 -46.23 -5.17
CA ILE H 17 -6.13 -45.10 -5.66
C ILE H 17 -7.53 -45.59 -5.96
N SER H 18 -8.53 -45.05 -5.24
CA SER H 18 -9.91 -45.42 -5.50
C SER H 18 -10.78 -44.22 -5.88
N CYS H 19 -12.01 -44.49 -6.31
CA CYS H 19 -12.90 -43.47 -6.87
C CYS H 19 -13.80 -42.88 -5.80
N LYS H 20 -13.82 -41.55 -5.73
CA LYS H 20 -14.79 -40.88 -4.89
C LYS H 20 -16.21 -41.16 -5.41
N ALA H 21 -16.36 -41.33 -6.71
CA ALA H 21 -17.70 -41.62 -7.25
C ALA H 21 -18.16 -43.07 -6.93
N ASP H 22 -17.20 -43.93 -6.58
CA ASP H 22 -17.47 -45.31 -6.14
C ASP H 22 -16.26 -45.86 -5.37
N THR H 23 -16.31 -45.77 -4.05
CA THR H 23 -15.15 -46.08 -3.21
C THR H 23 -14.81 -47.57 -3.19
N ASN H 24 -15.64 -48.38 -3.82
CA ASN H 24 -15.30 -49.79 -3.98
C ASN H 24 -14.51 -50.09 -5.24
N LEU H 25 -14.26 -49.07 -6.07
CA LEU H 25 -13.47 -49.28 -7.28
C LEU H 25 -12.08 -48.66 -7.17
N PHE H 26 -11.06 -49.47 -7.49
CA PHE H 26 -9.64 -49.13 -7.35
C PHE H 26 -8.94 -49.15 -8.73
N PHE H 27 -7.89 -48.35 -8.92
CA PHE H 27 -7.05 -48.45 -10.12
C PHE H 27 -6.38 -49.83 -10.11
N TYR H 28 -6.57 -50.58 -11.19
CA TYR H 28 -6.11 -51.97 -11.28
C TYR H 28 -5.33 -52.14 -12.59
N GLN H 29 -4.22 -52.87 -12.53
CA GLN H 29 -3.28 -52.95 -13.64
C GLN H 29 -2.99 -54.42 -13.93
N VAL H 30 -3.11 -54.82 -15.18
CA VAL H 30 -2.62 -56.14 -15.63
C VAL H 30 -2.15 -55.98 -17.06
N ALA H 31 -0.87 -56.31 -17.32
CA ALA H 31 -0.33 -56.35 -18.69
C ALA H 31 -0.57 -55.09 -19.54
N GLY H 32 -0.41 -53.92 -18.94
CA GLY H 32 -0.44 -52.69 -19.70
C GLY H 32 -1.83 -52.10 -19.75
N ASN H 33 -2.78 -52.84 -19.20
CA ASN H 33 -4.17 -52.41 -19.21
C ASN H 33 -4.61 -51.90 -17.83
N VAL H 34 -5.18 -50.70 -17.80
CA VAL H 34 -5.64 -50.11 -16.56
C VAL H 34 -7.14 -50.12 -16.53
N SER H 35 -7.72 -50.62 -15.43
CA SER H 35 -9.16 -50.63 -15.27
C SER H 35 -9.53 -50.29 -13.83
N LEU H 36 -10.83 -50.26 -13.56
CA LEU H 36 -11.32 -49.99 -12.22
C LEU H 36 -11.95 -51.29 -11.70
N PHE H 37 -11.51 -51.75 -10.54
CA PHE H 37 -11.87 -53.11 -10.07
C PHE H 37 -12.06 -53.09 -8.55
N GLN H 38 -12.83 -54.05 -8.03
CA GLN H 38 -13.03 -54.15 -6.59
C GLN H 38 -11.70 -54.37 -5.84
N GLN H 39 -11.74 -54.28 -4.52
CA GLN H 39 -10.51 -54.27 -3.71
C GLN H 39 -9.85 -55.64 -3.76
N THR H 40 -8.55 -55.69 -4.07
CA THR H 40 -7.82 -56.97 -4.12
C THR H 40 -6.80 -57.16 -2.99
N ARG H 41 -6.43 -56.05 -2.34
CA ARG H 41 -5.41 -56.07 -1.30
C ARG H 41 -4.14 -56.79 -1.76
N ASN H 42 -3.71 -56.49 -2.99
CA ASN H 42 -2.46 -57.06 -3.50
C ASN H 42 -1.82 -56.05 -4.46
N TYR H 43 -0.71 -56.44 -5.06
CA TYR H 43 0.09 -55.50 -5.85
C TYR H 43 -0.60 -55.02 -7.13
N LEU H 44 -1.67 -55.69 -7.55
CA LEU H 44 -2.34 -55.29 -8.79
C LEU H 44 -2.98 -53.92 -8.64
N GLU H 45 -3.23 -53.53 -7.40
CA GLU H 45 -3.85 -52.23 -7.10
C GLU H 45 -2.93 -51.31 -6.31
N ARG H 46 -1.63 -51.63 -6.34
CA ARG H 46 -0.66 -50.77 -5.66
C ARG H 46 0.20 -49.98 -6.64
N TRP H 47 0.48 -48.74 -6.28
CA TRP H 47 1.21 -47.83 -7.16
C TRP H 47 2.20 -47.06 -6.34
N ARG H 48 3.41 -46.91 -6.87
CA ARG H 48 4.38 -46.03 -6.24
C ARG H 48 4.32 -44.64 -6.88
N LEU H 49 4.20 -43.62 -6.04
CA LEU H 49 4.18 -42.23 -6.48
C LEU H 49 5.62 -41.75 -6.56
N ILE H 50 6.06 -41.39 -7.75
CA ILE H 50 7.45 -41.02 -7.91
C ILE H 50 7.54 -39.54 -8.29
N TYR H 51 8.05 -38.72 -7.37
CA TYR H 51 8.04 -37.27 -7.52
C TYR H 51 9.24 -36.78 -8.35
N ASP H 52 8.96 -35.87 -9.27
CA ASP H 52 10.01 -35.12 -9.97
C ASP H 52 9.88 -33.68 -9.49
N SER H 53 10.87 -33.19 -8.74
CA SER H 53 10.76 -31.88 -8.09
C SER H 53 10.79 -30.69 -9.06
N ASN H 54 11.43 -30.85 -10.20
CA ASN H 54 11.49 -29.77 -11.18
C ASN H 54 10.21 -29.63 -11.98
N LYS H 55 9.51 -30.74 -12.19
CA LYS H 55 8.20 -30.69 -12.82
C LYS H 55 7.06 -30.44 -11.82
N ALA H 56 7.34 -30.59 -10.53
CA ALA H 56 6.28 -30.59 -9.52
C ALA H 56 5.13 -31.54 -9.90
N ALA H 57 5.49 -32.74 -10.37
CA ALA H 57 4.52 -33.71 -10.83
C ALA H 57 5.04 -35.13 -10.53
N TYR H 58 4.17 -36.13 -10.69
CA TYR H 58 4.45 -37.50 -10.25
C TYR H 58 4.27 -38.50 -11.37
N LYS H 59 5.15 -39.52 -11.37
CA LYS H 59 4.88 -40.74 -12.08
C LYS H 59 4.10 -41.66 -11.16
N ILE H 60 3.18 -42.41 -11.75
CA ILE H 60 2.36 -43.31 -10.98
C ILE H 60 2.67 -44.71 -11.48
N LYS H 61 3.47 -45.42 -10.70
CA LYS H 61 4.11 -46.65 -11.17
C LYS H 61 3.54 -47.92 -10.56
N SER H 62 3.10 -48.84 -11.42
CA SER H 62 2.54 -50.12 -10.95
C SER H 62 3.53 -50.94 -10.15
N MET H 63 3.08 -51.49 -9.01
CA MET H 63 3.90 -52.40 -8.22
C MET H 63 3.81 -53.84 -8.72
N ASP H 64 3.39 -54.01 -9.97
CA ASP H 64 3.32 -55.34 -10.58
C ASP H 64 4.67 -56.03 -10.49
N ILE H 65 4.68 -57.22 -9.91
CA ILE H 65 5.91 -57.97 -9.63
C ILE H 65 6.54 -58.65 -10.87
N HIS H 66 5.81 -58.67 -11.97
CA HIS H 66 6.29 -59.29 -13.21
C HIS H 66 6.86 -58.26 -14.18
N ASN H 67 6.08 -57.22 -14.46
CA ASN H 67 6.59 -56.08 -15.21
C ASN H 67 6.72 -54.88 -14.29
N THR H 68 7.97 -54.60 -13.91
CA THR H 68 8.26 -53.68 -12.82
C THR H 68 8.43 -52.23 -13.27
N ASN H 69 8.36 -51.97 -14.57
CA ASN H 69 8.59 -50.62 -15.09
C ASN H 69 7.39 -49.94 -15.78
N LEU H 70 6.17 -50.30 -15.38
CA LEU H 70 4.96 -49.77 -16.02
C LEU H 70 4.44 -48.56 -15.25
N VAL H 71 4.17 -47.46 -15.96
CA VAL H 71 3.62 -46.27 -15.33
C VAL H 71 2.32 -45.81 -16.02
N LEU H 72 1.42 -45.25 -15.23
CA LEU H 72 0.19 -44.68 -15.74
C LEU H 72 0.50 -43.66 -16.83
N THR H 73 -0.06 -43.92 -18.01
CA THR H 73 0.25 -43.15 -19.20
C THR H 73 -1.03 -42.68 -19.89
N TRP H 74 -1.05 -41.39 -20.27
CA TRP H 74 -2.10 -40.86 -21.13
C TRP H 74 -1.67 -41.07 -22.57
N ASN H 75 -2.47 -41.80 -23.31
CA ASN H 75 -2.17 -42.04 -24.71
C ASN H 75 -2.64 -40.88 -25.59
N ALA H 76 -2.07 -39.69 -25.34
CA ALA H 76 -2.40 -38.48 -26.12
C ALA H 76 -2.21 -38.74 -27.63
N PRO H 77 -3.14 -38.24 -28.47
CA PRO H 77 -4.24 -37.32 -28.14
C PRO H 77 -5.54 -38.03 -27.80
N THR H 78 -5.53 -39.35 -27.68
CA THR H 78 -6.79 -40.09 -27.49
C THR H 78 -7.35 -39.91 -26.07
N HIS H 79 -8.57 -40.41 -25.84
CA HIS H 79 -9.15 -40.40 -24.51
C HIS H 79 -8.64 -41.54 -23.61
N ASN H 80 -7.67 -42.32 -24.08
CA ASN H 80 -7.32 -43.53 -23.35
C ASN H 80 -6.13 -43.44 -22.40
N ILE H 81 -6.26 -44.15 -21.29
CA ILE H 81 -5.27 -44.22 -20.25
C ILE H 81 -4.82 -45.66 -20.16
N SER H 82 -3.52 -45.91 -20.11
CA SER H 82 -3.02 -47.28 -19.99
C SER H 82 -1.75 -47.24 -19.17
N THR H 83 -1.12 -48.40 -18.98
CA THR H 83 0.22 -48.42 -18.45
C THR H 83 1.21 -48.81 -19.55
N GLN H 84 2.28 -48.03 -19.68
CA GLN H 84 3.32 -48.24 -20.68
C GLN H 84 4.65 -48.23 -19.95
N GLN H 85 5.68 -48.77 -20.59
CA GLN H 85 7.06 -48.64 -20.11
C GLN H 85 7.40 -47.18 -19.77
N ASP H 86 8.06 -47.01 -18.63
CA ASP H 86 8.51 -45.70 -18.18
C ASP H 86 9.58 -45.15 -19.12
N SER H 87 9.28 -44.06 -19.81
CA SER H 87 10.28 -43.42 -20.65
C SER H 87 10.42 -41.97 -20.19
N ASN H 88 9.94 -41.71 -18.98
CA ASN H 88 10.02 -40.38 -18.37
C ASN H 88 9.36 -39.31 -19.25
N ALA H 89 8.29 -39.67 -19.93
CA ALA H 89 7.68 -38.76 -20.89
C ALA H 89 6.62 -37.91 -20.22
N ASP H 90 6.38 -36.73 -20.79
CA ASP H 90 5.40 -35.80 -20.24
C ASP H 90 4.04 -36.46 -20.05
N ASN H 91 3.66 -37.39 -20.93
CA ASN H 91 2.35 -38.03 -20.80
C ASN H 91 2.36 -39.10 -19.71
N GLN H 92 3.46 -39.19 -18.96
CA GLN H 92 3.57 -40.14 -17.85
C GLN H 92 3.71 -39.41 -16.51
N TYR H 93 3.51 -38.09 -16.52
CA TYR H 93 3.56 -37.31 -15.31
C TYR H 93 2.20 -36.69 -15.01
N TRP H 94 1.90 -36.58 -13.71
CA TRP H 94 0.58 -36.20 -13.23
C TRP H 94 0.73 -35.19 -12.09
N LEU H 95 -0.12 -34.17 -12.07
CA LEU H 95 -0.14 -33.26 -10.92
C LEU H 95 -1.15 -33.86 -9.96
N LEU H 96 -0.74 -34.01 -8.72
CA LEU H 96 -1.63 -34.52 -7.68
C LEU H 96 -2.12 -33.31 -6.90
N LEU H 97 -3.37 -32.94 -7.18
CA LEU H 97 -3.96 -31.76 -6.58
C LEU H 97 -4.93 -32.19 -5.50
N LYS H 98 -4.61 -31.90 -4.26
CA LYS H 98 -5.49 -32.29 -3.19
C LYS H 98 -6.54 -31.22 -2.95
N ASP H 99 -7.80 -31.62 -3.11
CA ASP H 99 -8.97 -30.76 -2.87
C ASP H 99 -9.22 -30.68 -1.37
N ILE H 100 -8.73 -29.59 -0.76
CA ILE H 100 -8.80 -29.44 0.69
C ILE H 100 -10.25 -29.31 1.18
N GLY H 101 -10.53 -29.92 2.31
CA GLY H 101 -11.89 -29.96 2.82
C GLY H 101 -12.65 -31.17 2.30
N ASN H 102 -12.25 -31.66 1.14
CA ASN H 102 -12.91 -32.79 0.50
C ASN H 102 -12.14 -34.07 0.71
N ASN H 103 -10.85 -33.91 1.05
CA ASN H 103 -9.96 -35.04 1.24
C ASN H 103 -9.94 -35.99 0.03
N SER H 104 -9.90 -35.41 -1.16
CA SER H 104 -9.84 -36.19 -2.37
C SER H 104 -8.88 -35.46 -3.29
N PHE H 105 -8.48 -36.16 -4.34
CA PHE H 105 -7.48 -35.64 -5.25
C PHE H 105 -8.03 -35.50 -6.64
N ILE H 106 -7.57 -34.46 -7.31
CA ILE H 106 -7.71 -34.40 -8.75
C ILE H 106 -6.35 -34.73 -9.33
N ILE H 107 -6.35 -35.49 -10.42
CA ILE H 107 -5.12 -35.98 -11.01
C ILE H 107 -5.01 -35.48 -12.44
N ALA H 108 -4.22 -34.43 -12.63
CA ALA H 108 -4.18 -33.69 -13.89
C ALA H 108 -2.96 -34.10 -14.70
N SER H 109 -3.13 -34.21 -16.02
CA SER H 109 -1.99 -34.54 -16.86
C SER H 109 -0.97 -33.45 -16.88
N TYR H 110 0.29 -33.81 -16.64
CA TYR H 110 1.37 -32.84 -16.81
C TYR H 110 1.51 -32.37 -18.26
N LYS H 111 1.20 -33.25 -19.20
CA LYS H 111 1.35 -32.90 -20.61
C LYS H 111 0.30 -31.87 -21.05
N ASN H 112 -0.87 -31.92 -20.41
CA ASN H 112 -1.96 -30.95 -20.66
C ASN H 112 -2.80 -30.86 -19.40
N PRO H 113 -2.45 -29.91 -18.53
CA PRO H 113 -3.07 -29.74 -17.20
C PRO H 113 -4.54 -29.32 -17.26
N ASN H 114 -5.05 -28.92 -18.42
CA ASN H 114 -6.51 -28.79 -18.57
C ASN H 114 -7.27 -30.11 -18.48
N LEU H 115 -6.56 -31.21 -18.62
CA LEU H 115 -7.21 -32.53 -18.63
C LEU H 115 -6.86 -33.33 -17.39
N VAL H 116 -7.87 -33.93 -16.78
CA VAL H 116 -7.67 -34.70 -15.56
C VAL H 116 -8.33 -36.08 -15.71
N LEU H 117 -7.88 -37.04 -14.88
CA LEU H 117 -8.45 -38.37 -14.89
C LEU H 117 -9.93 -38.29 -14.55
N TYR H 118 -10.71 -39.10 -15.25
CA TYR H 118 -12.15 -39.20 -15.05
C TYR H 118 -12.47 -40.69 -14.94
N ALA H 119 -13.16 -41.08 -13.88
CA ALA H 119 -13.47 -42.46 -13.65
C ALA H 119 -14.75 -42.85 -14.42
N ASP H 120 -14.63 -43.65 -15.46
CA ASP H 120 -15.83 -44.13 -16.13
C ASP H 120 -16.26 -45.39 -15.40
N THR H 121 -17.15 -45.25 -14.42
CA THR H 121 -17.47 -46.36 -13.55
C THR H 121 -18.35 -47.43 -14.25
N VAL H 122 -19.06 -47.04 -15.31
CA VAL H 122 -19.86 -47.99 -16.08
C VAL H 122 -18.96 -48.86 -16.96
N ALA H 123 -18.01 -48.24 -17.64
CA ALA H 123 -17.03 -48.95 -18.47
C ALA H 123 -15.90 -49.57 -17.64
N ARG H 124 -15.86 -49.20 -16.36
CA ARG H 124 -14.82 -49.65 -15.43
C ARG H 124 -13.41 -49.32 -15.94
N ASN H 125 -13.22 -48.13 -16.50
CA ASN H 125 -11.87 -47.71 -16.89
C ASN H 125 -11.67 -46.20 -16.72
N LEU H 126 -10.50 -45.71 -17.13
CA LEU H 126 -10.15 -44.29 -16.99
C LEU H 126 -10.25 -43.54 -18.33
N LYS H 127 -10.65 -42.28 -18.24
CA LYS H 127 -10.85 -41.40 -19.38
C LYS H 127 -10.27 -40.06 -18.97
N LEU H 128 -10.55 -39.01 -19.75
CA LEU H 128 -10.08 -37.68 -19.36
C LEU H 128 -11.22 -36.70 -19.44
N SER H 129 -11.07 -35.59 -18.74
CA SER H 129 -12.10 -34.55 -18.76
C SER H 129 -11.42 -33.26 -18.44
N THR H 130 -12.01 -32.17 -18.91
CA THR H 130 -11.63 -30.89 -18.35
C THR H 130 -12.20 -30.84 -16.94
N LEU H 131 -11.74 -29.85 -16.15
CA LEU H 131 -12.12 -29.76 -14.74
C LEU H 131 -13.57 -29.38 -14.58
N ASN H 132 -14.23 -30.00 -13.60
CA ASN H 132 -15.61 -29.68 -13.31
C ASN H 132 -15.80 -30.05 -11.86
N ASN H 133 -17.04 -30.03 -11.40
CA ASN H 133 -17.33 -30.33 -10.02
C ASN H 133 -17.82 -31.77 -9.73
N SER H 134 -17.74 -32.67 -10.69
CA SER H 134 -18.31 -34.01 -10.48
C SER H 134 -17.36 -34.89 -9.67
N ASN H 135 -17.93 -35.89 -9.02
CA ASN H 135 -17.12 -36.81 -8.26
C ASN H 135 -16.32 -37.76 -9.12
N TYR H 136 -16.59 -37.77 -10.42
CA TYR H 136 -15.91 -38.70 -11.31
C TYR H 136 -14.46 -38.35 -11.57
N ILE H 137 -14.08 -37.12 -11.22
CA ILE H 137 -12.67 -36.70 -11.34
C ILE H 137 -11.96 -36.61 -10.01
N LYS H 138 -12.62 -37.06 -8.95
CA LYS H 138 -12.00 -37.04 -7.64
C LYS H 138 -11.62 -38.45 -7.20
N PHE H 139 -10.46 -38.57 -6.57
CA PHE H 139 -9.90 -39.86 -6.21
C PHE H 139 -9.37 -39.89 -4.77
N ILE H 140 -9.37 -41.07 -4.18
CA ILE H 140 -8.89 -41.25 -2.82
C ILE H 140 -7.54 -41.96 -2.89
N ILE H 141 -6.50 -41.26 -2.47
CA ILE H 141 -5.15 -41.80 -2.54
C ILE H 141 -4.76 -42.13 -1.13
N GLU H 142 -4.43 -43.41 -0.89
CA GLU H 142 -4.22 -43.95 0.45
C GLU H 142 -3.00 -44.86 0.50
N ASP H 143 -2.16 -44.67 1.53
CA ASP H 143 -1.11 -45.62 1.85
C ASP H 143 -1.68 -47.05 1.79
N TYR H 144 -1.02 -47.95 1.06
CA TYR H 144 -1.65 -49.26 0.78
C TYR H 144 -2.00 -50.05 2.06
N ILE H 145 -1.19 -49.92 3.10
CA ILE H 145 -1.45 -50.64 4.35
C ILE H 145 -2.77 -50.19 4.99
N ILE H 146 -2.97 -48.89 5.11
CA ILE H 146 -4.22 -48.32 5.61
C ILE H 146 -5.39 -48.79 4.75
N SER H 147 -5.23 -48.67 3.44
CA SER H 147 -6.23 -49.10 2.47
C SER H 147 -6.60 -50.57 2.69
N ASP H 148 -5.60 -51.44 2.83
CA ASP H 148 -5.91 -52.87 3.02
C ASP H 148 -6.57 -53.13 4.38
N LEU H 149 -6.07 -52.51 5.45
CA LEU H 149 -6.53 -52.88 6.78
C LEU H 149 -7.80 -52.18 7.27
N ASN H 150 -8.06 -50.97 6.77
CA ASN H 150 -9.20 -50.19 7.27
C ASN H 150 -10.52 -50.87 6.95
N ASN H 151 -11.33 -51.13 7.98
CA ASN H 151 -12.58 -51.88 7.87
C ASN H 151 -12.38 -53.33 7.41
N PHE H 152 -11.16 -53.83 7.57
CA PHE H 152 -10.89 -55.22 7.33
C PHE H 152 -11.26 -56.02 8.57
N THR H 153 -12.10 -57.05 8.39
CA THR H 153 -12.41 -57.98 9.46
C THR H 153 -11.46 -59.17 9.34
N CYS H 154 -10.60 -59.36 10.34
CA CYS H 154 -9.53 -60.33 10.20
C CYS H 154 -9.47 -61.31 11.34
N LYS H 155 -8.50 -62.21 11.26
CA LYS H 155 -8.09 -62.99 12.40
C LYS H 155 -6.61 -62.74 12.55
N ILE H 156 -6.13 -62.80 13.79
CA ILE H 156 -4.77 -62.41 14.08
C ILE H 156 -4.01 -63.61 14.67
N SER H 157 -2.96 -64.06 13.99
CA SER H 157 -2.22 -65.23 14.45
C SER H 157 -0.76 -64.93 14.77
N PRO H 158 -0.26 -65.51 15.87
CA PRO H 158 1.20 -65.49 16.07
C PRO H 158 1.85 -66.33 14.97
N ILE H 159 3.06 -65.98 14.55
CA ILE H 159 3.74 -66.77 13.53
C ILE H 159 4.31 -68.07 14.12
N LEU H 160 4.23 -68.20 15.45
CA LEU H 160 4.68 -69.41 16.13
C LEU H 160 3.61 -70.50 16.23
N ASP H 161 2.38 -70.14 15.91
CA ASP H 161 1.31 -71.12 15.65
C ASP H 161 0.21 -70.45 14.85
N LEU H 162 0.22 -70.70 13.54
CA LEU H 162 -0.76 -70.10 12.64
C LEU H 162 -2.16 -70.62 12.89
N ASN H 163 -2.27 -71.81 13.45
CA ASN H 163 -3.58 -72.38 13.72
C ASN H 163 -4.17 -71.88 15.04
N LYS H 164 -3.44 -71.01 15.72
CA LYS H 164 -3.97 -70.31 16.87
C LYS H 164 -4.22 -68.85 16.53
N VAL H 165 -4.77 -68.11 17.48
CA VAL H 165 -5.45 -66.88 17.15
C VAL H 165 -5.69 -66.04 18.40
N VAL H 166 -5.59 -64.72 18.26
CA VAL H 166 -5.89 -63.84 19.36
C VAL H 166 -7.40 -63.73 19.54
N GLN H 167 -7.91 -64.08 20.71
CA GLN H 167 -9.35 -64.00 20.93
C GLN H 167 -9.72 -63.25 22.21
N GLN H 168 -10.94 -62.73 22.21
CA GLN H 168 -11.60 -62.37 23.46
C GLN H 168 -12.25 -63.66 23.95
N VAL H 169 -12.44 -63.79 25.26
CA VAL H 169 -12.92 -65.05 25.83
C VAL H 169 -14.41 -65.31 25.59
N ASP H 170 -15.28 -64.37 25.97
CA ASP H 170 -16.68 -64.44 25.60
C ASP H 170 -17.32 -63.07 25.69
N VAL H 171 -18.62 -63.00 25.43
CA VAL H 171 -19.30 -61.72 25.34
C VAL H 171 -19.21 -60.91 26.65
N THR H 172 -19.05 -61.60 27.79
CA THR H 172 -18.89 -60.94 29.09
C THR H 172 -17.46 -60.93 29.64
N ASN H 173 -16.76 -62.06 29.59
CA ASN H 173 -15.34 -62.05 29.94
C ASN H 173 -14.55 -61.29 28.86
N LEU H 174 -14.17 -60.06 29.20
CA LEU H 174 -13.52 -59.15 28.26
C LEU H 174 -11.99 -59.29 28.25
N ASN H 175 -11.48 -60.34 28.91
CA ASN H 175 -10.07 -60.69 28.82
C ASN H 175 -9.68 -61.20 27.44
N VAL H 176 -8.38 -61.13 27.15
CA VAL H 176 -7.88 -61.53 25.83
C VAL H 176 -6.81 -62.63 25.94
N ASN H 177 -7.07 -63.81 25.39
CA ASN H 177 -6.11 -64.90 25.40
C ASN H 177 -5.89 -65.53 24.03
N LEU H 178 -4.90 -66.40 23.96
CA LEU H 178 -4.65 -67.16 22.74
C LEU H 178 -5.51 -68.41 22.76
N TYR H 179 -6.03 -68.82 21.62
CA TYR H 179 -6.84 -70.04 21.54
C TYR H 179 -6.84 -70.54 20.10
N THR H 180 -7.09 -71.83 19.91
CA THR H 180 -7.16 -72.43 18.59
C THR H 180 -8.32 -71.86 17.78
N TRP H 181 -8.10 -71.64 16.48
CA TRP H 181 -9.12 -71.09 15.57
C TRP H 181 -10.34 -72.01 15.51
N ASP H 182 -11.51 -71.43 15.74
CA ASP H 182 -12.77 -72.16 15.60
C ASP H 182 -13.86 -71.32 14.89
N TYR H 183 -13.43 -70.24 14.25
CA TYR H 183 -14.33 -69.34 13.50
C TYR H 183 -15.27 -68.52 14.39
N GLY H 184 -15.11 -68.60 15.70
CA GLY H 184 -15.96 -67.84 16.61
C GLY H 184 -15.82 -66.33 16.39
N ARG H 185 -16.90 -65.59 16.62
CA ARG H 185 -16.85 -64.13 16.46
C ARG H 185 -15.89 -63.50 17.47
N ASN H 186 -15.75 -64.13 18.62
CA ASN H 186 -14.77 -63.67 19.61
C ASN H 186 -13.34 -63.80 19.10
N GLN H 187 -13.15 -64.51 17.99
CA GLN H 187 -11.82 -64.67 17.39
C GLN H 187 -11.60 -63.80 16.14
N LYS H 188 -12.53 -62.88 15.86
CA LYS H 188 -12.33 -61.97 14.73
C LYS H 188 -12.34 -60.52 15.16
N TRP H 189 -11.58 -59.70 14.43
CA TRP H 189 -11.38 -58.29 14.75
C TRP H 189 -11.60 -57.41 13.51
N THR H 190 -12.47 -56.41 13.64
CA THR H 190 -12.64 -55.43 12.58
C THR H 190 -11.74 -54.26 12.88
N ILE H 191 -10.76 -54.05 12.02
CA ILE H 191 -9.79 -52.98 12.17
C ILE H 191 -10.39 -51.69 11.65
N ARG H 192 -10.18 -50.60 12.38
CA ARG H 192 -10.64 -49.27 11.95
C ARG H 192 -9.49 -48.29 12.11
N TYR H 193 -9.21 -47.52 11.06
CA TYR H 193 -8.16 -46.53 11.12
C TYR H 193 -8.75 -45.18 11.51
N ASN H 194 -8.13 -44.53 12.47
CA ASN H 194 -8.57 -43.21 12.90
C ASN H 194 -7.62 -42.17 12.31
N GLU H 195 -8.09 -41.47 11.27
CA GLU H 195 -7.27 -40.54 10.48
C GLU H 195 -6.68 -39.47 11.37
N GLU H 196 -7.43 -39.11 12.41
CA GLU H 196 -7.00 -38.08 13.34
C GLU H 196 -5.77 -38.50 14.12
N LYS H 197 -5.84 -39.68 14.74
CA LYS H 197 -4.78 -40.10 15.64
C LYS H 197 -3.66 -40.82 14.91
N ALA H 198 -3.87 -41.00 13.61
CA ALA H 198 -2.96 -41.76 12.75
C ALA H 198 -2.63 -43.12 13.36
N ALA H 199 -3.67 -43.84 13.78
CA ALA H 199 -3.50 -45.15 14.40
C ALA H 199 -4.77 -45.95 14.25
N TYR H 200 -4.70 -47.23 14.61
CA TYR H 200 -5.81 -48.15 14.41
C TYR H 200 -6.42 -48.61 15.73
N GLN H 201 -7.67 -49.07 15.66
CA GLN H 201 -8.29 -49.83 16.74
C GLN H 201 -8.72 -51.22 16.22
N PHE H 202 -8.77 -52.19 17.11
CA PHE H 202 -9.25 -53.52 16.76
C PHE H 202 -10.60 -53.74 17.45
N PHE H 203 -11.67 -53.78 16.67
CA PHE H 203 -13.01 -54.03 17.21
C PHE H 203 -13.29 -55.51 17.20
N ASN H 204 -13.54 -56.10 18.37
CA ASN H 204 -13.89 -57.52 18.44
C ASN H 204 -15.33 -57.71 17.97
N THR H 205 -15.58 -58.70 17.13
CA THR H 205 -16.89 -58.77 16.47
C THR H 205 -18.00 -59.41 17.32
N ILE H 206 -17.64 -59.86 18.53
CA ILE H 206 -18.64 -60.32 19.48
C ILE H 206 -19.20 -59.16 20.31
N LEU H 207 -18.51 -58.01 20.29
CA LEU H 207 -19.05 -56.77 20.87
C LEU H 207 -19.35 -55.69 19.81
N SER H 208 -20.31 -54.84 20.14
CA SER H 208 -20.67 -53.70 19.32
C SER H 208 -19.58 -52.62 19.39
N ASN H 209 -19.09 -52.34 20.60
CA ASN H 209 -18.08 -51.31 20.77
C ASN H 209 -16.89 -51.73 21.62
N GLY H 210 -16.66 -53.03 21.74
CA GLY H 210 -15.48 -53.54 22.41
C GLY H 210 -14.26 -53.42 21.53
N VAL H 211 -13.24 -52.71 22.01
CA VAL H 211 -11.99 -52.58 21.25
C VAL H 211 -10.81 -53.12 22.05
N LEU H 212 -9.76 -53.55 21.35
CA LEU H 212 -8.58 -54.08 22.01
C LEU H 212 -7.90 -52.95 22.76
N THR H 213 -7.79 -53.08 24.08
CA THR H 213 -7.26 -51.99 24.89
C THR H 213 -6.13 -52.43 25.83
N TRP H 214 -4.96 -51.79 25.68
CA TRP H 214 -3.90 -51.96 26.66
C TRP H 214 -4.27 -51.30 28.00
N ILE H 215 -4.46 -52.14 29.00
CA ILE H 215 -4.76 -51.67 30.34
C ILE H 215 -3.46 -51.43 31.09
N PHE H 216 -2.88 -50.24 30.88
CA PHE H 216 -1.57 -49.92 31.42
C PHE H 216 -1.57 -49.96 32.96
N SER H 217 -2.77 -49.84 33.53
CA SER H 217 -2.95 -49.86 34.96
C SER H 217 -2.34 -51.11 35.57
N ASN H 218 -2.86 -52.28 35.20
CA ASN H 218 -2.26 -53.55 35.62
C ASN H 218 -1.01 -53.85 34.80
N GLY H 219 -0.17 -52.84 34.62
CA GLY H 219 1.11 -52.98 33.96
C GLY H 219 1.12 -53.36 32.49
N ASN H 220 1.32 -54.66 32.25
CA ASN H 220 1.75 -55.15 30.95
C ASN H 220 0.69 -55.94 30.22
N THR H 221 -0.57 -55.73 30.57
CA THR H 221 -1.60 -56.67 30.18
C THR H 221 -2.59 -56.06 29.20
N VAL H 222 -3.37 -56.90 28.52
CA VAL H 222 -4.30 -56.44 27.50
C VAL H 222 -5.66 -57.13 27.62
N ARG H 223 -6.71 -56.31 27.67
CA ARG H 223 -8.08 -56.79 27.57
C ARG H 223 -8.74 -56.04 26.43
N VAL H 224 -9.99 -56.33 26.18
CA VAL H 224 -10.81 -55.47 25.40
C VAL H 224 -11.67 -54.70 26.36
N SER H 225 -12.08 -53.51 25.96
CA SER H 225 -13.04 -52.75 26.71
C SER H 225 -13.75 -51.81 25.81
N SER H 226 -14.77 -51.14 26.33
CA SER H 226 -15.61 -50.26 25.58
C SER H 226 -14.86 -49.16 24.85
N SER H 227 -15.30 -48.88 23.64
CA SER H 227 -14.73 -47.85 22.82
C SER H 227 -15.44 -46.54 23.00
N ASN H 228 -16.42 -46.52 23.89
CA ASN H 228 -17.04 -45.27 24.25
C ASN H 228 -16.42 -44.69 25.49
N ASP H 229 -15.14 -45.04 25.67
CA ASP H 229 -14.16 -44.32 26.44
C ASP H 229 -13.34 -43.67 25.35
N GLN H 230 -13.23 -42.35 25.38
CA GLN H 230 -12.88 -41.57 24.19
C GLN H 230 -11.43 -41.17 23.97
N ASN H 231 -10.74 -40.85 25.04
CA ASN H 231 -9.38 -40.40 24.93
C ASN H 231 -8.49 -41.30 25.75
N ASN H 232 -8.32 -42.51 25.25
CA ASN H 232 -7.35 -43.42 25.78
C ASN H 232 -6.49 -43.89 24.62
N ASP H 233 -5.21 -43.53 24.65
CA ASP H 233 -4.29 -43.81 23.56
C ASP H 233 -3.64 -45.19 23.74
N ALA H 234 -4.28 -46.03 24.52
CA ALA H 234 -3.88 -47.42 24.60
C ALA H 234 -5.00 -48.29 24.00
N GLN H 235 -6.06 -47.60 23.57
CA GLN H 235 -7.12 -48.19 22.76
C GLN H 235 -6.71 -48.10 21.29
N TYR H 236 -5.50 -47.58 21.06
CA TYR H 236 -5.01 -47.32 19.71
C TYR H 236 -3.65 -47.98 19.46
N TRP H 237 -3.41 -48.37 18.21
CA TRP H 237 -2.24 -49.16 17.86
C TRP H 237 -1.62 -48.75 16.52
N LEU H 238 -0.33 -49.01 16.37
CA LEU H 238 0.35 -48.84 15.09
C LEU H 238 0.69 -50.19 14.46
N ILE H 239 0.36 -50.34 13.18
CA ILE H 239 0.60 -51.58 12.46
C ILE H 239 1.68 -51.38 11.38
N ASN H 240 2.80 -52.08 11.53
CA ASN H 240 3.94 -51.93 10.62
C ASN H 240 4.30 -53.25 9.95
N PRO H 241 4.35 -53.25 8.61
CA PRO H 241 4.61 -54.48 7.84
C PRO H 241 6.03 -55.01 8.09
N VAL H 242 6.11 -56.26 8.52
CA VAL H 242 7.39 -56.94 8.62
C VAL H 242 7.93 -57.02 7.20
N SER H 243 9.21 -56.65 7.04
CA SER H 243 9.79 -56.46 5.72
C SER H 243 9.79 -57.72 4.85
N ASP H 244 9.41 -57.54 3.59
CA ASP H 244 9.39 -58.62 2.59
C ASP H 244 8.51 -59.81 2.95
N THR H 245 7.35 -59.51 3.52
CA THR H 245 6.29 -60.51 3.73
C THR H 245 5.08 -60.09 2.90
N ASP H 246 3.94 -60.71 3.20
CA ASP H 246 2.69 -60.36 2.53
C ASP H 246 1.60 -60.08 3.56
N GLU H 247 1.67 -60.79 4.68
CA GLU H 247 0.59 -60.78 5.66
C GLU H 247 1.08 -60.48 7.07
N THR H 248 2.38 -60.28 7.21
CA THR H 248 3.00 -60.23 8.53
C THR H 248 3.29 -58.79 9.01
N TYR H 249 2.98 -58.51 10.27
CA TYR H 249 3.08 -57.16 10.81
C TYR H 249 3.58 -57.15 12.25
N THR H 250 4.10 -55.99 12.67
CA THR H 250 4.34 -55.73 14.08
C THR H 250 3.24 -54.79 14.56
N ILE H 251 2.75 -55.01 15.77
CA ILE H 251 1.70 -54.16 16.31
C ILE H 251 2.16 -53.42 17.57
N THR H 252 2.37 -52.11 17.45
CA THR H 252 2.87 -51.30 18.57
C THR H 252 1.80 -50.35 19.13
N ASN H 253 1.78 -50.20 20.46
CA ASN H 253 0.75 -49.39 21.12
C ASN H 253 1.01 -47.89 20.99
N LEU H 254 -0.06 -47.11 20.88
CA LEU H 254 0.07 -45.68 20.66
C LEU H 254 0.67 -44.92 21.85
N ARG H 255 0.21 -45.23 23.07
CA ARG H 255 0.67 -44.56 24.28
C ARG H 255 2.17 -44.76 24.52
N ASP H 256 2.67 -45.92 24.12
CA ASP H 256 4.06 -46.27 24.32
C ASP H 256 4.52 -47.13 23.16
N THR H 257 5.09 -46.48 22.14
CA THR H 257 5.44 -47.15 20.90
C THR H 257 6.60 -48.15 21.00
N THR H 258 7.22 -48.23 22.17
CA THR H 258 8.21 -49.25 22.46
C THR H 258 7.52 -50.55 22.89
N LYS H 259 6.24 -50.42 23.22
CA LYS H 259 5.46 -51.54 23.74
C LYS H 259 4.65 -52.22 22.65
N ALA H 260 5.24 -53.27 22.07
CA ALA H 260 4.58 -54.08 21.06
C ALA H 260 3.62 -55.08 21.68
N LEU H 261 2.68 -55.60 20.89
CA LEU H 261 1.76 -56.63 21.35
C LEU H 261 2.52 -57.95 21.43
N ASP H 262 2.39 -58.64 22.56
CA ASP H 262 3.28 -59.75 22.88
C ASP H 262 2.55 -61.03 23.25
N LEU H 263 2.99 -62.14 22.67
CA LEU H 263 2.55 -63.46 23.09
C LEU H 263 3.43 -63.95 24.24
N TYR H 264 2.86 -63.98 25.44
CA TYR H 264 3.54 -64.35 26.69
C TYR H 264 4.58 -65.47 26.54
N GLY H 265 5.85 -65.09 26.53
CA GLY H 265 6.93 -66.07 26.57
C GLY H 265 7.24 -66.89 25.33
N GLY H 266 6.38 -66.79 24.30
CA GLY H 266 6.58 -67.58 23.08
C GLY H 266 5.78 -68.87 23.09
N GLN H 267 4.78 -68.93 23.95
CA GLN H 267 4.05 -70.16 24.24
C GLN H 267 2.83 -70.43 23.35
N THR H 268 3.07 -71.15 22.26
CA THR H 268 2.00 -71.60 21.36
C THR H 268 1.11 -72.63 22.06
N ALA H 269 0.26 -72.17 22.96
CA ALA H 269 -0.58 -73.05 23.78
C ALA H 269 -1.87 -72.35 24.17
N ASN H 270 -2.94 -73.13 24.34
CA ASN H 270 -4.27 -72.59 24.64
C ASN H 270 -4.39 -71.85 25.97
N GLY H 271 -4.83 -70.60 25.89
CA GLY H 271 -5.04 -69.80 27.08
C GLY H 271 -3.84 -68.93 27.44
N THR H 272 -2.78 -69.04 26.64
CA THR H 272 -1.59 -68.20 26.81
C THR H 272 -2.00 -66.73 26.77
N ALA H 273 -1.51 -65.96 27.73
CA ALA H 273 -1.95 -64.57 27.87
C ALA H 273 -1.51 -63.69 26.71
N ILE H 274 -2.36 -62.74 26.32
CA ILE H 274 -1.92 -61.71 25.36
C ILE H 274 -1.64 -60.41 26.08
N GLN H 275 -0.44 -59.92 25.86
CA GLN H 275 0.04 -58.79 26.62
C GLN H 275 0.87 -57.93 25.71
N VAL H 276 1.40 -56.87 26.31
CA VAL H 276 2.35 -56.03 25.64
C VAL H 276 3.69 -56.47 26.22
N PHE H 277 4.75 -56.22 25.46
CA PHE H 277 6.08 -56.28 26.04
C PHE H 277 6.95 -55.33 25.28
N ASN H 278 8.14 -55.06 25.82
CA ASN H 278 9.07 -54.16 25.17
C ASN H 278 9.53 -54.75 23.83
N TYR H 279 9.59 -53.92 22.79
CA TYR H 279 9.90 -54.38 21.44
C TYR H 279 11.26 -55.07 21.36
N HIS H 280 11.39 -56.00 20.41
CA HIS H 280 12.61 -56.79 20.27
C HIS H 280 12.72 -57.37 18.86
N GLY H 281 11.69 -57.16 18.05
CA GLY H 281 11.62 -57.72 16.71
C GLY H 281 11.62 -59.23 16.77
N ASP H 282 11.31 -59.77 17.95
CA ASP H 282 11.40 -61.21 18.18
C ASP H 282 10.06 -61.92 18.04
N ASP H 283 10.14 -63.13 17.51
CA ASP H 283 9.00 -63.80 16.88
C ASP H 283 7.66 -63.89 17.63
N ASN H 284 7.66 -63.75 18.95
CA ASN H 284 6.40 -63.70 19.69
C ASN H 284 5.84 -62.27 19.69
N GLN H 285 6.31 -61.46 18.75
CA GLN H 285 5.86 -60.08 18.55
C GLN H 285 5.56 -59.83 17.08
N LYS H 286 5.68 -60.87 16.26
CA LYS H 286 5.24 -60.83 14.86
C LYS H 286 3.86 -61.47 14.73
N TRP H 287 3.02 -60.91 13.85
CA TRP H 287 1.66 -61.40 13.70
C TRP H 287 1.19 -61.46 12.25
N ASN H 288 0.46 -62.52 11.94
CA ASN H 288 -0.18 -62.66 10.65
C ASN H 288 -1.61 -62.15 10.74
N ILE H 289 -1.91 -61.11 9.97
CA ILE H 289 -3.26 -60.59 9.91
C ILE H 289 -3.90 -61.04 8.60
N ARG H 290 -4.92 -61.87 8.68
CA ARG H 290 -5.47 -62.46 7.46
C ARG H 290 -6.99 -62.48 7.43
N ASN H 291 -7.51 -62.66 6.22
CA ASN H 291 -8.94 -62.86 6.05
C ASN H 291 -9.31 -64.19 6.69
N PRO H 292 -10.40 -64.19 7.46
CA PRO H 292 -10.80 -65.48 8.01
C PRO H 292 -11.40 -66.33 6.89
N PRO H 293 -10.87 -67.55 6.69
CA PRO H 293 -11.25 -68.39 5.54
C PRO H 293 -12.73 -68.78 5.55
#